data_1XEO
# 
_entry.id   1XEO 
# 
_audit_conform.dict_name       mmcif_pdbx.dic 
_audit_conform.dict_version    5.386 
_audit_conform.dict_location   http://mmcif.pdb.org/dictionaries/ascii/mmcif_pdbx.dic 
# 
loop_
_database_2.database_id 
_database_2.database_code 
_database_2.pdbx_database_accession 
_database_2.pdbx_DOI 
PDB   1XEO         pdb_00001xeo 10.2210/pdb1xeo/pdb 
RCSB  RCSB030274   ?            ?                   
WWPDB D_1000030274 ?            ?                   
# 
loop_
_pdbx_audit_revision_history.ordinal 
_pdbx_audit_revision_history.data_content_type 
_pdbx_audit_revision_history.major_revision 
_pdbx_audit_revision_history.minor_revision 
_pdbx_audit_revision_history.revision_date 
1 'Structure model' 1 0 2005-03-29 
2 'Structure model' 1 1 2008-04-30 
3 'Structure model' 1 2 2011-07-13 
4 'Structure model' 1 3 2024-02-14 
# 
_pdbx_audit_revision_details.ordinal             1 
_pdbx_audit_revision_details.revision_ordinal    1 
_pdbx_audit_revision_details.data_content_type   'Structure model' 
_pdbx_audit_revision_details.provider            repository 
_pdbx_audit_revision_details.type                'Initial release' 
_pdbx_audit_revision_details.description         ? 
_pdbx_audit_revision_details.details             ? 
# 
loop_
_pdbx_audit_revision_group.ordinal 
_pdbx_audit_revision_group.revision_ordinal 
_pdbx_audit_revision_group.data_content_type 
_pdbx_audit_revision_group.group 
1 2 'Structure model' 'Version format compliance' 
2 3 'Structure model' 'Source and taxonomy'       
3 3 'Structure model' 'Version format compliance' 
4 4 'Structure model' 'Data collection'           
5 4 'Structure model' 'Database references'       
6 4 'Structure model' 'Derived calculations'      
# 
loop_
_pdbx_audit_revision_category.ordinal 
_pdbx_audit_revision_category.revision_ordinal 
_pdbx_audit_revision_category.data_content_type 
_pdbx_audit_revision_category.category 
1 4 'Structure model' chem_comp_atom 
2 4 'Structure model' chem_comp_bond 
3 4 'Structure model' database_2     
4 4 'Structure model' struct_conn    
5 4 'Structure model' struct_site    
# 
loop_
_pdbx_audit_revision_item.ordinal 
_pdbx_audit_revision_item.revision_ordinal 
_pdbx_audit_revision_item.data_content_type 
_pdbx_audit_revision_item.item 
1  4 'Structure model' '_database_2.pdbx_DOI'                
2  4 'Structure model' '_database_2.pdbx_database_accession' 
3  4 'Structure model' '_struct_conn.ptnr1_auth_comp_id'     
4  4 'Structure model' '_struct_conn.ptnr1_auth_seq_id'      
5  4 'Structure model' '_struct_conn.ptnr1_label_asym_id'    
6  4 'Structure model' '_struct_conn.ptnr1_label_atom_id'    
7  4 'Structure model' '_struct_conn.ptnr1_label_comp_id'    
8  4 'Structure model' '_struct_conn.ptnr1_label_seq_id'     
9  4 'Structure model' '_struct_conn.ptnr2_auth_comp_id'     
10 4 'Structure model' '_struct_conn.ptnr2_auth_seq_id'      
11 4 'Structure model' '_struct_conn.ptnr2_label_asym_id'    
12 4 'Structure model' '_struct_conn.ptnr2_label_atom_id'    
13 4 'Structure model' '_struct_conn.ptnr2_label_comp_id'    
14 4 'Structure model' '_struct_conn.ptnr2_label_seq_id'     
15 4 'Structure model' '_struct_site.pdbx_auth_asym_id'      
16 4 'Structure model' '_struct_site.pdbx_auth_comp_id'      
17 4 'Structure model' '_struct_site.pdbx_auth_seq_id'       
# 
_pdbx_database_status.status_code                     REL 
_pdbx_database_status.entry_id                        1XEO 
_pdbx_database_status.recvd_initial_deposition_date   2004-09-10 
_pdbx_database_status.deposit_site                    RCSB 
_pdbx_database_status.process_site                    RCSB 
_pdbx_database_status.status_code_sf                  REL 
_pdbx_database_status.status_code_mr                  ? 
_pdbx_database_status.SG_entry                        ? 
_pdbx_database_status.pdb_format_compatible           Y 
_pdbx_database_status.status_code_cs                  ? 
_pdbx_database_status.status_code_nmr_data            ? 
_pdbx_database_status.methods_development_category    ? 
# 
loop_
_pdbx_database_related.db_name 
_pdbx_database_related.db_id 
_pdbx_database_related.details 
_pdbx_database_related.content_type 
PDB 1BSK . unspecified 
PDB 1DFF . unspecified 
# 
loop_
_audit_author.name 
_audit_author.pdbx_ordinal 
'Jain, R.'   1 
'Hao, B.'    2 
'Liu, R.-P.' 3 
'Chan, M.K.' 4 
# 
_citation.id                        primary 
_citation.title                     
'Structures of E. coli peptide deformylase bound to formate: insight into the preference for Fe2+ over Zn2+ as the active site metal' 
_citation.journal_abbrev            J.Am.Chem.Soc. 
_citation.journal_volume            127 
_citation.page_first                4558 
_citation.page_last                 4559 
_citation.year                      2005 
_citation.journal_id_ASTM           JACSAT 
_citation.country                   US 
_citation.journal_id_ISSN           0002-7863 
_citation.journal_id_CSD            0004 
_citation.book_publisher            ? 
_citation.pdbx_database_id_PubMed   15796505 
_citation.pdbx_database_id_DOI      10.1021/ja0503074 
# 
loop_
_citation_author.citation_id 
_citation_author.name 
_citation_author.ordinal 
_citation_author.identifier_ORCID 
primary 'Jain, R.'   1 ? 
primary 'Hao, B.'    2 ? 
primary 'Liu, R.-P.' 3 ? 
primary 'Chan, M.K.' 4 ? 
# 
loop_
_entity.id 
_entity.type 
_entity.src_method 
_entity.pdbx_description 
_entity.formula_weight 
_entity.pdbx_number_of_molecules 
_entity.pdbx_ec 
_entity.pdbx_mutation 
_entity.pdbx_fragment 
_entity.details 
1 polymer     nat 'Peptide deformylase' 19226.248 1   3.5.1.88 ? ? ? 
2 non-polymer syn 'COBALT (II) ION'     58.933    1   ?        ? ? ? 
3 non-polymer syn 'FORMIC ACID'         46.025    1   ?        ? ? ? 
4 water       nat water                 18.015    223 ?        ? ? ? 
# 
_entity_name_com.entity_id   1 
_entity_name_com.name        'PDF, Polypeptide deformylase' 
# 
_entity_poly.entity_id                      1 
_entity_poly.type                           'polypeptide(L)' 
_entity_poly.nstd_linkage                   no 
_entity_poly.nstd_monomer                   no 
_entity_poly.pdbx_seq_one_letter_code       
;SVLQVLHIPDERLRKVAKPVEEVNAEIQRIVDDMFETMYAEEGIGLAATQVDIHQRIIVIDVSENRDERLVLINPELLEK
SGETGIEEGCLSIPEQRALVPRAEKVKIRALDRDGKPFELEADGLLAICIQHEMDHLVGKLFMDYLSPLKQQRIRQKVEK
LDRLKARA
;
_entity_poly.pdbx_seq_one_letter_code_can   
;SVLQVLHIPDERLRKVAKPVEEVNAEIQRIVDDMFETMYAEEGIGLAATQVDIHQRIIVIDVSENRDERLVLINPELLEK
SGETGIEEGCLSIPEQRALVPRAEKVKIRALDRDGKPFELEADGLLAICIQHEMDHLVGKLFMDYLSPLKQQRIRQKVEK
LDRLKARA
;
_entity_poly.pdbx_strand_id                 A 
_entity_poly.pdbx_target_identifier         ? 
# 
loop_
_pdbx_entity_nonpoly.entity_id 
_pdbx_entity_nonpoly.name 
_pdbx_entity_nonpoly.comp_id 
2 'COBALT (II) ION' CO  
3 'FORMIC ACID'     FMT 
4 water             HOH 
# 
loop_
_entity_poly_seq.entity_id 
_entity_poly_seq.num 
_entity_poly_seq.mon_id 
_entity_poly_seq.hetero 
1 1   SER n 
1 2   VAL n 
1 3   LEU n 
1 4   GLN n 
1 5   VAL n 
1 6   LEU n 
1 7   HIS n 
1 8   ILE n 
1 9   PRO n 
1 10  ASP n 
1 11  GLU n 
1 12  ARG n 
1 13  LEU n 
1 14  ARG n 
1 15  LYS n 
1 16  VAL n 
1 17  ALA n 
1 18  LYS n 
1 19  PRO n 
1 20  VAL n 
1 21  GLU n 
1 22  GLU n 
1 23  VAL n 
1 24  ASN n 
1 25  ALA n 
1 26  GLU n 
1 27  ILE n 
1 28  GLN n 
1 29  ARG n 
1 30  ILE n 
1 31  VAL n 
1 32  ASP n 
1 33  ASP n 
1 34  MET n 
1 35  PHE n 
1 36  GLU n 
1 37  THR n 
1 38  MET n 
1 39  TYR n 
1 40  ALA n 
1 41  GLU n 
1 42  GLU n 
1 43  GLY n 
1 44  ILE n 
1 45  GLY n 
1 46  LEU n 
1 47  ALA n 
1 48  ALA n 
1 49  THR n 
1 50  GLN n 
1 51  VAL n 
1 52  ASP n 
1 53  ILE n 
1 54  HIS n 
1 55  GLN n 
1 56  ARG n 
1 57  ILE n 
1 58  ILE n 
1 59  VAL n 
1 60  ILE n 
1 61  ASP n 
1 62  VAL n 
1 63  SER n 
1 64  GLU n 
1 65  ASN n 
1 66  ARG n 
1 67  ASP n 
1 68  GLU n 
1 69  ARG n 
1 70  LEU n 
1 71  VAL n 
1 72  LEU n 
1 73  ILE n 
1 74  ASN n 
1 75  PRO n 
1 76  GLU n 
1 77  LEU n 
1 78  LEU n 
1 79  GLU n 
1 80  LYS n 
1 81  SER n 
1 82  GLY n 
1 83  GLU n 
1 84  THR n 
1 85  GLY n 
1 86  ILE n 
1 87  GLU n 
1 88  GLU n 
1 89  GLY n 
1 90  CYS n 
1 91  LEU n 
1 92  SER n 
1 93  ILE n 
1 94  PRO n 
1 95  GLU n 
1 96  GLN n 
1 97  ARG n 
1 98  ALA n 
1 99  LEU n 
1 100 VAL n 
1 101 PRO n 
1 102 ARG n 
1 103 ALA n 
1 104 GLU n 
1 105 LYS n 
1 106 VAL n 
1 107 LYS n 
1 108 ILE n 
1 109 ARG n 
1 110 ALA n 
1 111 LEU n 
1 112 ASP n 
1 113 ARG n 
1 114 ASP n 
1 115 GLY n 
1 116 LYS n 
1 117 PRO n 
1 118 PHE n 
1 119 GLU n 
1 120 LEU n 
1 121 GLU n 
1 122 ALA n 
1 123 ASP n 
1 124 GLY n 
1 125 LEU n 
1 126 LEU n 
1 127 ALA n 
1 128 ILE n 
1 129 CYS n 
1 130 ILE n 
1 131 GLN n 
1 132 HIS n 
1 133 GLU n 
1 134 MET n 
1 135 ASP n 
1 136 HIS n 
1 137 LEU n 
1 138 VAL n 
1 139 GLY n 
1 140 LYS n 
1 141 LEU n 
1 142 PHE n 
1 143 MET n 
1 144 ASP n 
1 145 TYR n 
1 146 LEU n 
1 147 SER n 
1 148 PRO n 
1 149 LEU n 
1 150 LYS n 
1 151 GLN n 
1 152 GLN n 
1 153 ARG n 
1 154 ILE n 
1 155 ARG n 
1 156 GLN n 
1 157 LYS n 
1 158 VAL n 
1 159 GLU n 
1 160 LYS n 
1 161 LEU n 
1 162 ASP n 
1 163 ARG n 
1 164 LEU n 
1 165 LYS n 
1 166 ALA n 
1 167 ARG n 
1 168 ALA n 
# 
_entity_src_nat.entity_id                  1 
_entity_src_nat.pdbx_src_id                1 
_entity_src_nat.pdbx_alt_source_flag       sample 
_entity_src_nat.pdbx_beg_seq_num           ? 
_entity_src_nat.pdbx_end_seq_num           ? 
_entity_src_nat.common_name                ? 
_entity_src_nat.pdbx_organism_scientific   'Escherichia coli' 
_entity_src_nat.pdbx_ncbi_taxonomy_id      469008 
_entity_src_nat.genus                      Escherichia 
_entity_src_nat.species                    'Escherichia coli' 
_entity_src_nat.strain                     'BL21(DE3)' 
_entity_src_nat.tissue                     ? 
_entity_src_nat.tissue_fraction            ? 
_entity_src_nat.pdbx_secretion             ? 
_entity_src_nat.pdbx_fragment              ? 
_entity_src_nat.pdbx_variant               ? 
_entity_src_nat.pdbx_cell_line             ? 
_entity_src_nat.pdbx_atcc                  ? 
_entity_src_nat.pdbx_cellular_location     ? 
_entity_src_nat.pdbx_organ                 ? 
_entity_src_nat.pdbx_organelle             ? 
_entity_src_nat.pdbx_cell                  ? 
_entity_src_nat.pdbx_plasmid_name          ? 
_entity_src_nat.pdbx_plasmid_details       ? 
_entity_src_nat.details                    ? 
# 
loop_
_chem_comp.id 
_chem_comp.type 
_chem_comp.mon_nstd_flag 
_chem_comp.name 
_chem_comp.pdbx_synonyms 
_chem_comp.formula 
_chem_comp.formula_weight 
ALA 'L-peptide linking' y ALANINE           ? 'C3 H7 N O2'     89.093  
ARG 'L-peptide linking' y ARGININE          ? 'C6 H15 N4 O2 1' 175.209 
ASN 'L-peptide linking' y ASPARAGINE        ? 'C4 H8 N2 O3'    132.118 
ASP 'L-peptide linking' y 'ASPARTIC ACID'   ? 'C4 H7 N O4'     133.103 
CO  non-polymer         . 'COBALT (II) ION' ? 'Co 2'           58.933  
CYS 'L-peptide linking' y CYSTEINE          ? 'C3 H7 N O2 S'   121.158 
FMT non-polymer         . 'FORMIC ACID'     ? 'C H2 O2'        46.025  
GLN 'L-peptide linking' y GLUTAMINE         ? 'C5 H10 N2 O3'   146.144 
GLU 'L-peptide linking' y 'GLUTAMIC ACID'   ? 'C5 H9 N O4'     147.129 
GLY 'peptide linking'   y GLYCINE           ? 'C2 H5 N O2'     75.067  
HIS 'L-peptide linking' y HISTIDINE         ? 'C6 H10 N3 O2 1' 156.162 
HOH non-polymer         . WATER             ? 'H2 O'           18.015  
ILE 'L-peptide linking' y ISOLEUCINE        ? 'C6 H13 N O2'    131.173 
LEU 'L-peptide linking' y LEUCINE           ? 'C6 H13 N O2'    131.173 
LYS 'L-peptide linking' y LYSINE            ? 'C6 H15 N2 O2 1' 147.195 
MET 'L-peptide linking' y METHIONINE        ? 'C5 H11 N O2 S'  149.211 
PHE 'L-peptide linking' y PHENYLALANINE     ? 'C9 H11 N O2'    165.189 
PRO 'L-peptide linking' y PROLINE           ? 'C5 H9 N O2'     115.130 
SER 'L-peptide linking' y SERINE            ? 'C3 H7 N O3'     105.093 
THR 'L-peptide linking' y THREONINE         ? 'C4 H9 N O3'     119.119 
TYR 'L-peptide linking' y TYROSINE          ? 'C9 H11 N O3'    181.189 
VAL 'L-peptide linking' y VALINE            ? 'C5 H11 N O2'    117.146 
# 
loop_
_pdbx_poly_seq_scheme.asym_id 
_pdbx_poly_seq_scheme.entity_id 
_pdbx_poly_seq_scheme.seq_id 
_pdbx_poly_seq_scheme.mon_id 
_pdbx_poly_seq_scheme.ndb_seq_num 
_pdbx_poly_seq_scheme.pdb_seq_num 
_pdbx_poly_seq_scheme.auth_seq_num 
_pdbx_poly_seq_scheme.pdb_mon_id 
_pdbx_poly_seq_scheme.auth_mon_id 
_pdbx_poly_seq_scheme.pdb_strand_id 
_pdbx_poly_seq_scheme.pdb_ins_code 
_pdbx_poly_seq_scheme.hetero 
A 1 1   SER 1   1   1   SER SER A . n 
A 1 2   VAL 2   2   2   VAL VAL A . n 
A 1 3   LEU 3   3   3   LEU LEU A . n 
A 1 4   GLN 4   4   4   GLN GLN A . n 
A 1 5   VAL 5   5   5   VAL VAL A . n 
A 1 6   LEU 6   6   6   LEU LEU A . n 
A 1 7   HIS 7   7   7   HIS HIS A . n 
A 1 8   ILE 8   8   8   ILE ILE A . n 
A 1 9   PRO 9   9   9   PRO PRO A . n 
A 1 10  ASP 10  10  10  ASP ASP A . n 
A 1 11  GLU 11  11  11  GLU GLU A . n 
A 1 12  ARG 12  12  12  ARG ARG A . n 
A 1 13  LEU 13  13  13  LEU LEU A . n 
A 1 14  ARG 14  14  14  ARG ARG A . n 
A 1 15  LYS 15  15  15  LYS LYS A . n 
A 1 16  VAL 16  16  16  VAL VAL A . n 
A 1 17  ALA 17  17  17  ALA ALA A . n 
A 1 18  LYS 18  18  18  LYS LYS A . n 
A 1 19  PRO 19  19  19  PRO PRO A . n 
A 1 20  VAL 20  20  20  VAL VAL A . n 
A 1 21  GLU 21  21  21  GLU GLU A . n 
A 1 22  GLU 22  22  22  GLU GLU A . n 
A 1 23  VAL 23  23  23  VAL VAL A . n 
A 1 24  ASN 24  24  24  ASN ASN A . n 
A 1 25  ALA 25  25  25  ALA ALA A . n 
A 1 26  GLU 26  26  26  GLU GLU A . n 
A 1 27  ILE 27  27  27  ILE ILE A . n 
A 1 28  GLN 28  28  28  GLN GLN A . n 
A 1 29  ARG 29  29  29  ARG ARG A . n 
A 1 30  ILE 30  30  30  ILE ILE A . n 
A 1 31  VAL 31  31  31  VAL VAL A . n 
A 1 32  ASP 32  32  32  ASP ASP A . n 
A 1 33  ASP 33  33  33  ASP ASP A . n 
A 1 34  MET 34  34  34  MET MET A . n 
A 1 35  PHE 35  35  35  PHE PHE A . n 
A 1 36  GLU 36  36  36  GLU GLU A . n 
A 1 37  THR 37  37  37  THR THR A . n 
A 1 38  MET 38  38  38  MET MET A . n 
A 1 39  TYR 39  39  39  TYR TYR A . n 
A 1 40  ALA 40  40  40  ALA ALA A . n 
A 1 41  GLU 41  41  41  GLU GLU A . n 
A 1 42  GLU 42  42  42  GLU GLU A . n 
A 1 43  GLY 43  43  43  GLY GLY A . n 
A 1 44  ILE 44  44  44  ILE ILE A . n 
A 1 45  GLY 45  45  45  GLY GLY A . n 
A 1 46  LEU 46  46  46  LEU LEU A . n 
A 1 47  ALA 47  47  47  ALA ALA A . n 
A 1 48  ALA 48  48  48  ALA ALA A . n 
A 1 49  THR 49  49  49  THR THR A . n 
A 1 50  GLN 50  50  50  GLN GLN A . n 
A 1 51  VAL 51  51  51  VAL VAL A . n 
A 1 52  ASP 52  52  52  ASP ASP A . n 
A 1 53  ILE 53  53  53  ILE ILE A . n 
A 1 54  HIS 54  54  54  HIS HIS A . n 
A 1 55  GLN 55  55  55  GLN GLN A . n 
A 1 56  ARG 56  56  56  ARG ARG A . n 
A 1 57  ILE 57  57  57  ILE ILE A . n 
A 1 58  ILE 58  58  58  ILE ILE A . n 
A 1 59  VAL 59  59  59  VAL VAL A . n 
A 1 60  ILE 60  60  60  ILE ILE A . n 
A 1 61  ASP 61  61  61  ASP ASP A . n 
A 1 62  VAL 62  62  62  VAL VAL A . n 
A 1 63  SER 63  63  63  SER SER A . n 
A 1 64  GLU 64  64  64  GLU GLU A . n 
A 1 65  ASN 65  65  65  ASN ASN A . n 
A 1 66  ARG 66  66  66  ARG ARG A . n 
A 1 67  ASP 67  67  67  ASP ASP A . n 
A 1 68  GLU 68  68  68  GLU GLU A . n 
A 1 69  ARG 69  69  69  ARG ARG A . n 
A 1 70  LEU 70  70  70  LEU LEU A . n 
A 1 71  VAL 71  71  71  VAL VAL A . n 
A 1 72  LEU 72  72  72  LEU LEU A . n 
A 1 73  ILE 73  73  73  ILE ILE A . n 
A 1 74  ASN 74  74  74  ASN ASN A . n 
A 1 75  PRO 75  75  75  PRO PRO A . n 
A 1 76  GLU 76  76  76  GLU GLU A . n 
A 1 77  LEU 77  77  77  LEU LEU A . n 
A 1 78  LEU 78  78  78  LEU LEU A . n 
A 1 79  GLU 79  79  79  GLU GLU A . n 
A 1 80  LYS 80  80  80  LYS LYS A . n 
A 1 81  SER 81  81  81  SER SER A . n 
A 1 82  GLY 82  82  82  GLY GLY A . n 
A 1 83  GLU 83  83  83  GLU GLU A . n 
A 1 84  THR 84  84  84  THR THR A . n 
A 1 85  GLY 85  85  85  GLY GLY A . n 
A 1 86  ILE 86  86  86  ILE ILE A . n 
A 1 87  GLU 87  87  87  GLU GLU A . n 
A 1 88  GLU 88  88  88  GLU GLU A . n 
A 1 89  GLY 89  89  89  GLY GLY A . n 
A 1 90  CYS 90  90  90  CYS CYS A . n 
A 1 91  LEU 91  91  91  LEU LEU A . n 
A 1 92  SER 92  92  92  SER SER A . n 
A 1 93  ILE 93  93  93  ILE ILE A . n 
A 1 94  PRO 94  94  94  PRO PRO A . n 
A 1 95  GLU 95  95  95  GLU GLU A . n 
A 1 96  GLN 96  96  96  GLN GLN A . n 
A 1 97  ARG 97  97  97  ARG ARG A . n 
A 1 98  ALA 98  98  98  ALA ALA A . n 
A 1 99  LEU 99  99  99  LEU LEU A . n 
A 1 100 VAL 100 100 100 VAL VAL A . n 
A 1 101 PRO 101 101 101 PRO PRO A . n 
A 1 102 ARG 102 102 102 ARG ARG A . n 
A 1 103 ALA 103 103 103 ALA ALA A . n 
A 1 104 GLU 104 104 104 GLU GLU A . n 
A 1 105 LYS 105 105 105 LYS LYS A . n 
A 1 106 VAL 106 106 106 VAL VAL A . n 
A 1 107 LYS 107 107 107 LYS LYS A . n 
A 1 108 ILE 108 108 108 ILE ILE A . n 
A 1 109 ARG 109 109 109 ARG ARG A . n 
A 1 110 ALA 110 110 110 ALA ALA A . n 
A 1 111 LEU 111 111 111 LEU LEU A . n 
A 1 112 ASP 112 112 112 ASP ASP A . n 
A 1 113 ARG 113 113 113 ARG ARG A . n 
A 1 114 ASP 114 114 114 ASP ASP A . n 
A 1 115 GLY 115 115 115 GLY GLY A . n 
A 1 116 LYS 116 116 116 LYS LYS A . n 
A 1 117 PRO 117 117 117 PRO PRO A . n 
A 1 118 PHE 118 118 118 PHE PHE A . n 
A 1 119 GLU 119 119 119 GLU GLU A . n 
A 1 120 LEU 120 120 120 LEU LEU A . n 
A 1 121 GLU 121 121 121 GLU GLU A . n 
A 1 122 ALA 122 122 122 ALA ALA A . n 
A 1 123 ASP 123 123 123 ASP ASP A . n 
A 1 124 GLY 124 124 124 GLY GLY A . n 
A 1 125 LEU 125 125 125 LEU LEU A . n 
A 1 126 LEU 126 126 126 LEU LEU A . n 
A 1 127 ALA 127 127 127 ALA ALA A . n 
A 1 128 ILE 128 128 128 ILE ILE A . n 
A 1 129 CYS 129 129 129 CYS CYS A . n 
A 1 130 ILE 130 130 130 ILE ILE A . n 
A 1 131 GLN 131 131 131 GLN GLN A . n 
A 1 132 HIS 132 132 132 HIS HIS A . n 
A 1 133 GLU 133 133 133 GLU GLU A . n 
A 1 134 MET 134 134 134 MET MET A . n 
A 1 135 ASP 135 135 135 ASP ASP A . n 
A 1 136 HIS 136 136 136 HIS HIS A . n 
A 1 137 LEU 137 137 137 LEU LEU A . n 
A 1 138 VAL 138 138 138 VAL VAL A . n 
A 1 139 GLY 139 139 139 GLY GLY A . n 
A 1 140 LYS 140 140 140 LYS LYS A . n 
A 1 141 LEU 141 141 141 LEU LEU A . n 
A 1 142 PHE 142 142 142 PHE PHE A . n 
A 1 143 MET 143 143 143 MET MET A . n 
A 1 144 ASP 144 144 144 ASP ASP A . n 
A 1 145 TYR 145 145 145 TYR TYR A . n 
A 1 146 LEU 146 146 146 LEU LEU A . n 
A 1 147 SER 147 147 147 SER SER A . n 
A 1 148 PRO 148 148 148 PRO PRO A . n 
A 1 149 LEU 149 149 149 LEU LEU A . n 
A 1 150 LYS 150 150 150 LYS LYS A . n 
A 1 151 GLN 151 151 151 GLN GLN A . n 
A 1 152 GLN 152 152 152 GLN GLN A . n 
A 1 153 ARG 153 153 153 ARG ARG A . n 
A 1 154 ILE 154 154 154 ILE ILE A . n 
A 1 155 ARG 155 155 155 ARG ARG A . n 
A 1 156 GLN 156 156 156 GLN GLN A . n 
A 1 157 LYS 157 157 157 LYS LYS A . n 
A 1 158 VAL 158 158 158 VAL VAL A . n 
A 1 159 GLU 159 159 159 GLU GLU A . n 
A 1 160 LYS 160 160 160 LYS LYS A . n 
A 1 161 LEU 161 161 161 LEU LEU A . n 
A 1 162 ASP 162 162 162 ASP ASP A . n 
A 1 163 ARG 163 163 163 ARG ARG A . n 
A 1 164 LEU 164 164 164 LEU LEU A . n 
A 1 165 LYS 165 165 165 LYS LYS A . n 
A 1 166 ALA 166 166 ?   ?   ?   A . n 
A 1 167 ARG 167 167 ?   ?   ?   A . n 
A 1 168 ALA 168 168 ?   ?   ?   A . n 
# 
loop_
_pdbx_nonpoly_scheme.asym_id 
_pdbx_nonpoly_scheme.entity_id 
_pdbx_nonpoly_scheme.mon_id 
_pdbx_nonpoly_scheme.ndb_seq_num 
_pdbx_nonpoly_scheme.pdb_seq_num 
_pdbx_nonpoly_scheme.auth_seq_num 
_pdbx_nonpoly_scheme.pdb_mon_id 
_pdbx_nonpoly_scheme.auth_mon_id 
_pdbx_nonpoly_scheme.pdb_strand_id 
_pdbx_nonpoly_scheme.pdb_ins_code 
B 2 CO  1   301 301 CO  CO  A . 
C 3 FMT 1   401 401 FMT FMT A . 
D 4 HOH 1   402 1   HOH TIP A . 
D 4 HOH 2   403 2   HOH TIP A . 
D 4 HOH 3   404 3   HOH TIP A . 
D 4 HOH 4   405 4   HOH TIP A . 
D 4 HOH 5   406 5   HOH TIP A . 
D 4 HOH 6   407 6   HOH TIP A . 
D 4 HOH 7   408 7   HOH TIP A . 
D 4 HOH 8   409 8   HOH TIP A . 
D 4 HOH 9   410 9   HOH TIP A . 
D 4 HOH 10  411 10  HOH TIP A . 
D 4 HOH 11  412 11  HOH TIP A . 
D 4 HOH 12  413 12  HOH TIP A . 
D 4 HOH 13  414 13  HOH TIP A . 
D 4 HOH 14  415 14  HOH TIP A . 
D 4 HOH 15  416 15  HOH TIP A . 
D 4 HOH 16  417 16  HOH TIP A . 
D 4 HOH 17  418 17  HOH TIP A . 
D 4 HOH 18  419 18  HOH TIP A . 
D 4 HOH 19  420 19  HOH TIP A . 
D 4 HOH 20  421 20  HOH TIP A . 
D 4 HOH 21  422 21  HOH TIP A . 
D 4 HOH 22  423 22  HOH TIP A . 
D 4 HOH 23  424 23  HOH TIP A . 
D 4 HOH 24  425 24  HOH TIP A . 
D 4 HOH 25  426 25  HOH TIP A . 
D 4 HOH 26  427 26  HOH TIP A . 
D 4 HOH 27  428 27  HOH TIP A . 
D 4 HOH 28  429 28  HOH TIP A . 
D 4 HOH 29  430 29  HOH TIP A . 
D 4 HOH 30  431 30  HOH TIP A . 
D 4 HOH 31  432 31  HOH TIP A . 
D 4 HOH 32  433 32  HOH TIP A . 
D 4 HOH 33  434 33  HOH TIP A . 
D 4 HOH 34  435 34  HOH TIP A . 
D 4 HOH 35  436 35  HOH TIP A . 
D 4 HOH 36  437 36  HOH TIP A . 
D 4 HOH 37  438 37  HOH TIP A . 
D 4 HOH 38  439 38  HOH TIP A . 
D 4 HOH 39  440 39  HOH TIP A . 
D 4 HOH 40  441 40  HOH TIP A . 
D 4 HOH 41  442 41  HOH TIP A . 
D 4 HOH 42  443 42  HOH TIP A . 
D 4 HOH 43  444 43  HOH TIP A . 
D 4 HOH 44  445 44  HOH TIP A . 
D 4 HOH 45  446 45  HOH TIP A . 
D 4 HOH 46  447 46  HOH TIP A . 
D 4 HOH 47  448 47  HOH TIP A . 
D 4 HOH 48  449 48  HOH TIP A . 
D 4 HOH 49  450 49  HOH TIP A . 
D 4 HOH 50  451 50  HOH TIP A . 
D 4 HOH 51  452 51  HOH TIP A . 
D 4 HOH 52  453 52  HOH TIP A . 
D 4 HOH 53  454 53  HOH TIP A . 
D 4 HOH 54  455 54  HOH TIP A . 
D 4 HOH 55  456 55  HOH TIP A . 
D 4 HOH 56  457 56  HOH TIP A . 
D 4 HOH 57  458 57  HOH TIP A . 
D 4 HOH 58  459 58  HOH TIP A . 
D 4 HOH 59  460 59  HOH TIP A . 
D 4 HOH 60  461 60  HOH TIP A . 
D 4 HOH 61  462 61  HOH TIP A . 
D 4 HOH 62  463 62  HOH TIP A . 
D 4 HOH 63  464 63  HOH TIP A . 
D 4 HOH 64  465 64  HOH TIP A . 
D 4 HOH 65  466 65  HOH TIP A . 
D 4 HOH 66  467 66  HOH TIP A . 
D 4 HOH 67  468 67  HOH TIP A . 
D 4 HOH 68  469 68  HOH TIP A . 
D 4 HOH 69  470 69  HOH TIP A . 
D 4 HOH 70  471 70  HOH TIP A . 
D 4 HOH 71  472 71  HOH TIP A . 
D 4 HOH 72  473 72  HOH TIP A . 
D 4 HOH 73  474 73  HOH TIP A . 
D 4 HOH 74  475 74  HOH TIP A . 
D 4 HOH 75  476 75  HOH TIP A . 
D 4 HOH 76  477 76  HOH TIP A . 
D 4 HOH 77  478 77  HOH TIP A . 
D 4 HOH 78  479 78  HOH TIP A . 
D 4 HOH 79  480 79  HOH TIP A . 
D 4 HOH 80  481 80  HOH TIP A . 
D 4 HOH 81  482 81  HOH TIP A . 
D 4 HOH 82  483 82  HOH TIP A . 
D 4 HOH 83  484 83  HOH TIP A . 
D 4 HOH 84  485 84  HOH TIP A . 
D 4 HOH 85  486 85  HOH TIP A . 
D 4 HOH 86  487 86  HOH TIP A . 
D 4 HOH 87  488 87  HOH TIP A . 
D 4 HOH 88  489 88  HOH TIP A . 
D 4 HOH 89  490 89  HOH TIP A . 
D 4 HOH 90  491 90  HOH TIP A . 
D 4 HOH 91  492 91  HOH TIP A . 
D 4 HOH 92  493 92  HOH TIP A . 
D 4 HOH 93  494 93  HOH TIP A . 
D 4 HOH 94  495 94  HOH TIP A . 
D 4 HOH 95  496 95  HOH TIP A . 
D 4 HOH 96  497 96  HOH TIP A . 
D 4 HOH 97  498 97  HOH TIP A . 
D 4 HOH 98  499 98  HOH TIP A . 
D 4 HOH 99  500 99  HOH TIP A . 
D 4 HOH 100 501 100 HOH TIP A . 
D 4 HOH 101 502 101 HOH TIP A . 
D 4 HOH 102 503 102 HOH TIP A . 
D 4 HOH 103 504 103 HOH TIP A . 
D 4 HOH 104 505 104 HOH TIP A . 
D 4 HOH 105 506 105 HOH TIP A . 
D 4 HOH 106 507 106 HOH TIP A . 
D 4 HOH 107 508 107 HOH TIP A . 
D 4 HOH 108 509 108 HOH TIP A . 
D 4 HOH 109 510 109 HOH TIP A . 
D 4 HOH 110 511 110 HOH TIP A . 
D 4 HOH 111 512 111 HOH TIP A . 
D 4 HOH 112 513 112 HOH TIP A . 
D 4 HOH 113 514 113 HOH TIP A . 
D 4 HOH 114 515 114 HOH TIP A . 
D 4 HOH 115 516 115 HOH TIP A . 
D 4 HOH 116 517 116 HOH TIP A . 
D 4 HOH 117 518 117 HOH TIP A . 
D 4 HOH 118 519 118 HOH TIP A . 
D 4 HOH 119 520 119 HOH TIP A . 
D 4 HOH 120 521 120 HOH TIP A . 
D 4 HOH 121 522 121 HOH TIP A . 
D 4 HOH 122 523 122 HOH TIP A . 
D 4 HOH 123 524 123 HOH TIP A . 
D 4 HOH 124 525 124 HOH TIP A . 
D 4 HOH 125 526 125 HOH TIP A . 
D 4 HOH 126 527 126 HOH TIP A . 
D 4 HOH 127 528 127 HOH TIP A . 
D 4 HOH 128 529 128 HOH TIP A . 
D 4 HOH 129 530 129 HOH TIP A . 
D 4 HOH 130 531 130 HOH TIP A . 
D 4 HOH 131 532 131 HOH TIP A . 
D 4 HOH 132 533 132 HOH TIP A . 
D 4 HOH 133 534 133 HOH TIP A . 
D 4 HOH 134 535 134 HOH TIP A . 
D 4 HOH 135 536 135 HOH TIP A . 
D 4 HOH 136 537 136 HOH TIP A . 
D 4 HOH 137 538 137 HOH TIP A . 
D 4 HOH 138 539 138 HOH TIP A . 
D 4 HOH 139 540 139 HOH TIP A . 
D 4 HOH 140 541 140 HOH TIP A . 
D 4 HOH 141 542 141 HOH TIP A . 
D 4 HOH 142 543 142 HOH TIP A . 
D 4 HOH 143 544 143 HOH TIP A . 
D 4 HOH 144 545 144 HOH TIP A . 
D 4 HOH 145 546 145 HOH TIP A . 
D 4 HOH 146 547 146 HOH TIP A . 
D 4 HOH 147 548 147 HOH TIP A . 
D 4 HOH 148 549 148 HOH TIP A . 
D 4 HOH 149 550 149 HOH TIP A . 
D 4 HOH 150 551 150 HOH TIP A . 
D 4 HOH 151 552 151 HOH TIP A . 
D 4 HOH 152 553 152 HOH TIP A . 
D 4 HOH 153 554 153 HOH TIP A . 
D 4 HOH 154 555 154 HOH TIP A . 
D 4 HOH 155 556 155 HOH TIP A . 
D 4 HOH 156 557 156 HOH TIP A . 
D 4 HOH 157 558 157 HOH TIP A . 
D 4 HOH 158 559 158 HOH TIP A . 
D 4 HOH 159 560 159 HOH TIP A . 
D 4 HOH 160 561 160 HOH TIP A . 
D 4 HOH 161 562 161 HOH TIP A . 
D 4 HOH 162 563 162 HOH TIP A . 
D 4 HOH 163 564 163 HOH TIP A . 
D 4 HOH 164 565 164 HOH TIP A . 
D 4 HOH 165 566 165 HOH TIP A . 
D 4 HOH 166 567 166 HOH TIP A . 
D 4 HOH 167 568 167 HOH TIP A . 
D 4 HOH 168 569 168 HOH TIP A . 
D 4 HOH 169 570 169 HOH TIP A . 
D 4 HOH 170 571 170 HOH TIP A . 
D 4 HOH 171 572 171 HOH TIP A . 
D 4 HOH 172 573 172 HOH TIP A . 
D 4 HOH 173 574 173 HOH TIP A . 
D 4 HOH 174 575 174 HOH TIP A . 
D 4 HOH 175 576 175 HOH TIP A . 
D 4 HOH 176 577 176 HOH TIP A . 
D 4 HOH 177 578 177 HOH TIP A . 
D 4 HOH 178 579 178 HOH TIP A . 
D 4 HOH 179 580 179 HOH TIP A . 
D 4 HOH 180 581 180 HOH TIP A . 
D 4 HOH 181 582 181 HOH TIP A . 
D 4 HOH 182 583 182 HOH TIP A . 
D 4 HOH 183 584 183 HOH TIP A . 
D 4 HOH 184 585 184 HOH TIP A . 
D 4 HOH 185 586 185 HOH TIP A . 
D 4 HOH 186 587 186 HOH TIP A . 
D 4 HOH 187 588 187 HOH TIP A . 
D 4 HOH 188 589 188 HOH TIP A . 
D 4 HOH 189 590 189 HOH TIP A . 
D 4 HOH 190 591 190 HOH TIP A . 
D 4 HOH 191 592 191 HOH TIP A . 
D 4 HOH 192 593 192 HOH TIP A . 
D 4 HOH 193 594 193 HOH TIP A . 
D 4 HOH 194 595 194 HOH TIP A . 
D 4 HOH 195 596 195 HOH TIP A . 
D 4 HOH 196 597 196 HOH TIP A . 
D 4 HOH 197 598 197 HOH TIP A . 
D 4 HOH 198 599 198 HOH TIP A . 
D 4 HOH 199 600 199 HOH TIP A . 
D 4 HOH 200 601 200 HOH TIP A . 
D 4 HOH 201 602 201 HOH TIP A . 
D 4 HOH 202 603 202 HOH TIP A . 
D 4 HOH 203 604 203 HOH TIP A . 
D 4 HOH 204 605 204 HOH TIP A . 
D 4 HOH 205 606 205 HOH TIP A . 
D 4 HOH 206 607 206 HOH TIP A . 
D 4 HOH 207 608 207 HOH TIP A . 
D 4 HOH 208 609 208 HOH TIP A . 
D 4 HOH 209 610 209 HOH TIP A . 
D 4 HOH 210 611 210 HOH TIP A . 
D 4 HOH 211 612 211 HOH TIP A . 
D 4 HOH 212 613 212 HOH TIP A . 
D 4 HOH 213 614 213 HOH TIP A . 
D 4 HOH 214 615 214 HOH TIP A . 
D 4 HOH 215 616 215 HOH TIP A . 
D 4 HOH 216 617 216 HOH TIP A . 
D 4 HOH 217 618 217 HOH TIP A . 
D 4 HOH 218 619 218 HOH TIP A . 
D 4 HOH 219 620 219 HOH TIP A . 
D 4 HOH 220 621 220 HOH TIP A . 
D 4 HOH 221 622 221 HOH TIP A . 
D 4 HOH 222 623 222 HOH TIP A . 
D 4 HOH 223 624 223 HOH TIP A . 
# 
loop_
_software.name 
_software.classification 
_software.version 
_software.citation_id 
_software.pdbx_ordinal 
CNS       refinement       1.1 ? 1 
DENZO     'data reduction' .   ? 2 
SCALEPACK 'data scaling'   .   ? 3 
CNS       phasing          .   ? 4 
# 
_cell.entry_id           1XEO 
_cell.length_a           54.420 
_cell.length_b           54.420 
_cell.length_c           224.430 
_cell.angle_alpha        90.00 
_cell.angle_beta         90.00 
_cell.angle_gamma        120.00 
_cell.Z_PDB              12 
_cell.pdbx_unique_axis   ? 
# 
_symmetry.entry_id                         1XEO 
_symmetry.space_group_name_H-M             'P 61 2 2' 
_symmetry.pdbx_full_space_group_name_H-M   ? 
_symmetry.cell_setting                     ? 
_symmetry.Int_Tables_number                178 
_symmetry.space_group_name_Hall            ? 
# 
_exptl.entry_id          1XEO 
_exptl.method            'X-RAY DIFFRACTION' 
_exptl.crystals_number   1 
# 
_exptl_crystal.id                    1 
_exptl_crystal.density_meas          ? 
_exptl_crystal.density_Matthews      2.57 
_exptl_crystal.density_percent_sol   50.32 
_exptl_crystal.description           ? 
_exptl_crystal.F_000                 ? 
_exptl_crystal.preparation           ? 
# 
_exptl_crystal_grow.crystal_id      1 
_exptl_crystal_grow.method          'VAPOR DIFFUSION, HANGING DROP' 
_exptl_crystal_grow.temp            277 
_exptl_crystal_grow.temp_details    ? 
_exptl_crystal_grow.pH              4.6 
_exptl_crystal_grow.pdbx_details    'Sodium Acetate, Sodium Formate, pH 4.6, VAPOR DIFFUSION, HANGING DROP, temperature 277K' 
_exptl_crystal_grow.pdbx_pH_range   . 
# 
_diffrn.id                     1 
_diffrn.ambient_temp           93 
_diffrn.ambient_temp_details   ? 
_diffrn.crystal_id             1 
# 
_diffrn_detector.diffrn_id              1 
_diffrn_detector.detector               CCD 
_diffrn_detector.type                   'ADSC QUANTUM 4' 
_diffrn_detector.pdbx_collection_date   2000-12-09 
_diffrn_detector.details                'bent conical Si-mirror (Rh coating)' 
# 
_diffrn_radiation.diffrn_id                        1 
_diffrn_radiation.wavelength_id                    1 
_diffrn_radiation.pdbx_monochromatic_or_laue_m_l   M 
_diffrn_radiation.monochromator                    'bent cylindrical Ge(111)' 
_diffrn_radiation.pdbx_diffrn_protocol             'SINGLE WAVELENGTH' 
_diffrn_radiation.pdbx_scattering_type             x-ray 
# 
_diffrn_radiation_wavelength.id           1 
_diffrn_radiation_wavelength.wavelength   1.000 
_diffrn_radiation_wavelength.wt           1.0 
# 
_diffrn_source.diffrn_id                   1 
_diffrn_source.source                      SYNCHROTRON 
_diffrn_source.type                        'APS BEAMLINE 14-BM-C' 
_diffrn_source.pdbx_synchrotron_site       APS 
_diffrn_source.pdbx_synchrotron_beamline   14-BM-C 
_diffrn_source.pdbx_wavelength             ? 
_diffrn_source.pdbx_wavelength_list        1.000 
# 
_reflns.entry_id                     1XEO 
_reflns.observed_criterion_sigma_I   0 
_reflns.observed_criterion_sigma_F   0 
_reflns.d_resolution_low             20 
_reflns.d_resolution_high            1.30 
_reflns.number_obs                   48707 
_reflns.number_all                   48707 
_reflns.percent_possible_obs         98.2 
_reflns.pdbx_Rmerge_I_obs            0.071 
_reflns.pdbx_Rsym_value              ? 
_reflns.pdbx_netI_over_sigmaI        28.17 
_reflns.B_iso_Wilson_estimate        16.1 
_reflns.pdbx_redundancy              ? 
_reflns.R_free_details               ? 
_reflns.limit_h_max                  ? 
_reflns.limit_h_min                  ? 
_reflns.limit_k_max                  ? 
_reflns.limit_k_min                  ? 
_reflns.limit_l_max                  ? 
_reflns.limit_l_min                  ? 
_reflns.observed_criterion_F_max     ? 
_reflns.observed_criterion_F_min     ? 
_reflns.pdbx_chi_squared             ? 
_reflns.pdbx_scaling_rejects         ? 
_reflns.pdbx_ordinal                 1 
_reflns.pdbx_diffrn_id               1 
# 
_reflns_shell.d_res_high             1.3 
_reflns_shell.d_res_low              1.35 
_reflns_shell.percent_possible_all   86.9 
_reflns_shell.Rmerge_I_obs           0.239 
_reflns_shell.pdbx_Rsym_value        ? 
_reflns_shell.meanI_over_sigI_obs    3.97 
_reflns_shell.pdbx_redundancy        ? 
_reflns_shell.percent_possible_obs   ? 
_reflns_shell.number_unique_all      ? 
_reflns_shell.number_measured_all    ? 
_reflns_shell.number_measured_obs    ? 
_reflns_shell.number_unique_obs      ? 
_reflns_shell.pdbx_chi_squared       ? 
_reflns_shell.pdbx_ordinal           1 
_reflns_shell.pdbx_diffrn_id         1 
# 
_refine.entry_id                                 1XEO 
_refine.ls_number_reflns_obs                     45929 
_refine.ls_number_reflns_all                     48707 
_refine.pdbx_ls_sigma_I                          0 
_refine.pdbx_ls_sigma_F                          0.0 
_refine.pdbx_data_cutoff_high_absF               1326147.32 
_refine.pdbx_data_cutoff_low_absF                0.000000 
_refine.pdbx_data_cutoff_high_rms_absF           ? 
_refine.ls_d_res_low                             19.94 
_refine.ls_d_res_high                            1.30 
_refine.ls_percent_reflns_obs                    92.6 
_refine.ls_R_factor_obs                          0.2 
_refine.ls_R_factor_all                          0.2 
_refine.ls_R_factor_R_work                       0.2 
_refine.ls_R_factor_R_free                       0.215 
_refine.ls_R_factor_R_free_error                 0.003 
_refine.ls_R_factor_R_free_error_details         ? 
_refine.ls_percent_reflns_R_free                 10.1 
_refine.ls_number_reflns_R_free                  4626 
_refine.ls_number_parameters                     ? 
_refine.ls_number_restraints                     ? 
_refine.occupancy_min                            ? 
_refine.occupancy_max                            ? 
_refine.correlation_coeff_Fo_to_Fc               ? 
_refine.correlation_coeff_Fo_to_Fc_free          ? 
_refine.B_iso_mean                               23.9 
_refine.aniso_B[1][1]                            3.18 
_refine.aniso_B[2][2]                            3.18 
_refine.aniso_B[3][3]                            -6.36 
_refine.aniso_B[1][2]                            1.07 
_refine.aniso_B[1][3]                            0.00 
_refine.aniso_B[2][3]                            0.00 
_refine.solvent_model_details                    'FLAT MODEL' 
_refine.solvent_model_param_ksol                 0.437407 
_refine.solvent_model_param_bsol                 59.0398 
_refine.pdbx_solvent_vdw_probe_radii             ? 
_refine.pdbx_solvent_ion_probe_radii             ? 
_refine.pdbx_solvent_shrinkage_radii             ? 
_refine.pdbx_ls_cross_valid_method               THROUGHOUT 
_refine.details                                  ? 
_refine.pdbx_starting_model                      ? 
_refine.pdbx_method_to_determine_struct          'MOLECULAR REPLACEMENT' 
_refine.pdbx_isotropic_thermal_model             RESTRAINED 
_refine.pdbx_stereochemistry_target_values       'Engh & Huber' 
_refine.pdbx_stereochem_target_val_spec_case     ? 
_refine.pdbx_R_Free_selection_details            RANDOM 
_refine.pdbx_overall_ESU_R                       ? 
_refine.pdbx_overall_ESU_R_Free                  ? 
_refine.overall_SU_ML                            ? 
_refine.overall_SU_B                             ? 
_refine.ls_redundancy_reflns_obs                 ? 
_refine.B_iso_min                                ? 
_refine.B_iso_max                                ? 
_refine.overall_SU_R_Cruickshank_DPI             ? 
_refine.overall_SU_R_free                        ? 
_refine.ls_wR_factor_R_free                      ? 
_refine.ls_wR_factor_R_work                      ? 
_refine.overall_FOM_free_R_set                   ? 
_refine.overall_FOM_work_R_set                   ? 
_refine.pdbx_refine_id                           'X-RAY DIFFRACTION' 
_refine.pdbx_diffrn_id                           1 
_refine.pdbx_TLS_residual_ADP_flag               ? 
_refine.pdbx_overall_phase_error                 ? 
_refine.pdbx_overall_SU_R_free_Cruickshank_DPI   ? 
_refine.pdbx_overall_SU_R_Blow_DPI               ? 
_refine.pdbx_overall_SU_R_free_Blow_DPI          ? 
# 
_refine_analyze.entry_id                        1XEO 
_refine_analyze.Luzzati_coordinate_error_obs    0.15 
_refine_analyze.Luzzati_sigma_a_obs             0.12 
_refine_analyze.Luzzati_d_res_low_obs           5.00 
_refine_analyze.Luzzati_coordinate_error_free   0.17 
_refine_analyze.Luzzati_sigma_a_free            0.13 
_refine_analyze.Luzzati_d_res_low_free          ? 
_refine_analyze.number_disordered_residues      ? 
_refine_analyze.occupancy_sum_hydrogen          ? 
_refine_analyze.occupancy_sum_non_hydrogen      ? 
_refine_analyze.pdbx_Luzzati_d_res_high_obs     ? 
_refine_analyze.pdbx_refine_id                  'X-RAY DIFFRACTION' 
# 
_refine_hist.pdbx_refine_id                   'X-RAY DIFFRACTION' 
_refine_hist.cycle_id                         LAST 
_refine_hist.pdbx_number_atoms_protein        1324 
_refine_hist.pdbx_number_atoms_nucleic_acid   0 
_refine_hist.pdbx_number_atoms_ligand         4 
_refine_hist.number_atoms_solvent             223 
_refine_hist.number_atoms_total               1551 
_refine_hist.d_res_high                       1.30 
_refine_hist.d_res_low                        19.94 
# 
loop_
_refine_ls_restr.type 
_refine_ls_restr.dev_ideal 
_refine_ls_restr.dev_ideal_target 
_refine_ls_restr.weight 
_refine_ls_restr.number 
_refine_ls_restr.pdbx_refine_id 
_refine_ls_restr.pdbx_restraint_function 
c_bond_d                0.020 ?    ? ? 'X-RAY DIFFRACTION' ? 
c_bond_d_na             ?     ?    ? ? 'X-RAY DIFFRACTION' ? 
c_bond_d_prot           ?     ?    ? ? 'X-RAY DIFFRACTION' ? 
c_angle_d               ?     ?    ? ? 'X-RAY DIFFRACTION' ? 
c_angle_d_na            ?     ?    ? ? 'X-RAY DIFFRACTION' ? 
c_angle_d_prot          ?     ?    ? ? 'X-RAY DIFFRACTION' ? 
c_angle_deg             1.8   ?    ? ? 'X-RAY DIFFRACTION' ? 
c_angle_deg_na          ?     ?    ? ? 'X-RAY DIFFRACTION' ? 
c_angle_deg_prot        ?     ?    ? ? 'X-RAY DIFFRACTION' ? 
c_dihedral_angle_d      22.5  ?    ? ? 'X-RAY DIFFRACTION' ? 
c_dihedral_angle_d_na   ?     ?    ? ? 'X-RAY DIFFRACTION' ? 
c_dihedral_angle_d_prot ?     ?    ? ? 'X-RAY DIFFRACTION' ? 
c_improper_angle_d      1.40  ?    ? ? 'X-RAY DIFFRACTION' ? 
c_improper_angle_d_na   ?     ?    ? ? 'X-RAY DIFFRACTION' ? 
c_improper_angle_d_prot ?     ?    ? ? 'X-RAY DIFFRACTION' ? 
c_mcbond_it             1.43  1.50 ? ? 'X-RAY DIFFRACTION' ? 
c_mcangle_it            1.93  2.00 ? ? 'X-RAY DIFFRACTION' ? 
c_scbond_it             3.54  2.00 ? ? 'X-RAY DIFFRACTION' ? 
c_scangle_it            4.88  2.50 ? ? 'X-RAY DIFFRACTION' ? 
# 
_refine_ls_shell.pdbx_total_number_of_bins_used   6 
_refine_ls_shell.d_res_high                       1.30 
_refine_ls_shell.d_res_low                        1.38 
_refine_ls_shell.number_reflns_R_work             5687 
_refine_ls_shell.R_factor_R_work                  0.322 
_refine_ls_shell.percent_reflns_obs               78.3 
_refine_ls_shell.R_factor_R_free                  0.327 
_refine_ls_shell.R_factor_R_free_error            0.013 
_refine_ls_shell.percent_reflns_R_free            10.1 
_refine_ls_shell.number_reflns_R_free             639 
_refine_ls_shell.number_reflns_obs                5687 
_refine_ls_shell.redundancy_reflns_obs            ? 
_refine_ls_shell.number_reflns_all                ? 
_refine_ls_shell.pdbx_refine_id                   'X-RAY DIFFRACTION' 
_refine_ls_shell.R_factor_all                     ? 
# 
loop_
_pdbx_xplor_file.serial_no 
_pdbx_xplor_file.param_file 
_pdbx_xplor_file.topol_file 
_pdbx_xplor_file.pdbx_refine_id 
1 PROTEIN_REP.PARAM PROTEIN.TOP   'X-RAY DIFFRACTION' 
2 WATER_REP.PARAM   WATER_REP.TOP 'X-RAY DIFFRACTION' 
3 CMB.PAR           CMB.TOP       'X-RAY DIFFRACTION' 
# 
_struct.entry_id                  1XEO 
_struct.title                     'High Resolution Crystals Structure of Cobalt- Peptide Deformylase Bound To Formate' 
_struct.pdbx_model_details        ? 
_struct.pdbx_CASP_flag            ? 
_struct.pdbx_model_type_details   ? 
# 
_struct_keywords.entry_id        1XEO 
_struct_keywords.pdbx_keywords   HYDROLASE 
_struct_keywords.text            'cobalt deformylase, formate, HYDROLASE' 
# 
loop_
_struct_asym.id 
_struct_asym.pdbx_blank_PDB_chainid_flag 
_struct_asym.pdbx_modified 
_struct_asym.entity_id 
_struct_asym.details 
A N N 1 ? 
B N N 2 ? 
C N N 3 ? 
D N N 4 ? 
# 
_struct_ref.id                         1 
_struct_ref.db_name                    UNP 
_struct_ref.db_code                    DEF_ECOLI 
_struct_ref.pdbx_db_accession          P0A6K3 
_struct_ref.entity_id                  1 
_struct_ref.pdbx_seq_one_letter_code   
;SVLQVLHIPDERLRKVAKPVEEVNAEIQRIVDDMFETMYAEEGIGLAATQVDIHQRIIVIDVSENRDERLVLINPELLEK
SGETGIEEGCLSIPEQRALVPRAEKVKIRALDRDGKPFELEADGLLAICIQHEMDHLVGKLFMDYLSPLKQQRIRQKVEK
LDRLKARA
;
_struct_ref.pdbx_align_begin           1 
_struct_ref.pdbx_db_isoform            ? 
# 
_struct_ref_seq.align_id                      1 
_struct_ref_seq.ref_id                        1 
_struct_ref_seq.pdbx_PDB_id_code              1XEO 
_struct_ref_seq.pdbx_strand_id                A 
_struct_ref_seq.seq_align_beg                 1 
_struct_ref_seq.pdbx_seq_align_beg_ins_code   ? 
_struct_ref_seq.seq_align_end                 168 
_struct_ref_seq.pdbx_seq_align_end_ins_code   ? 
_struct_ref_seq.pdbx_db_accession             P0A6K3 
_struct_ref_seq.db_align_beg                  1 
_struct_ref_seq.pdbx_db_align_beg_ins_code    ? 
_struct_ref_seq.db_align_end                  168 
_struct_ref_seq.pdbx_db_align_end_ins_code    ? 
_struct_ref_seq.pdbx_auth_seq_align_beg       1 
_struct_ref_seq.pdbx_auth_seq_align_end       168 
# 
_pdbx_struct_assembly.id                   1 
_pdbx_struct_assembly.details              author_defined_assembly 
_pdbx_struct_assembly.method_details       ? 
_pdbx_struct_assembly.oligomeric_details   monomeric 
_pdbx_struct_assembly.oligomeric_count     1 
# 
_pdbx_struct_assembly_gen.assembly_id       1 
_pdbx_struct_assembly_gen.oper_expression   1 
_pdbx_struct_assembly_gen.asym_id_list      A,B,C,D 
# 
_pdbx_struct_oper_list.id                   1 
_pdbx_struct_oper_list.type                 'identity operation' 
_pdbx_struct_oper_list.name                 1_555 
_pdbx_struct_oper_list.symmetry_operation   x,y,z 
_pdbx_struct_oper_list.matrix[1][1]         1.0000000000 
_pdbx_struct_oper_list.matrix[1][2]         0.0000000000 
_pdbx_struct_oper_list.matrix[1][3]         0.0000000000 
_pdbx_struct_oper_list.vector[1]            0.0000000000 
_pdbx_struct_oper_list.matrix[2][1]         0.0000000000 
_pdbx_struct_oper_list.matrix[2][2]         1.0000000000 
_pdbx_struct_oper_list.matrix[2][3]         0.0000000000 
_pdbx_struct_oper_list.vector[2]            0.0000000000 
_pdbx_struct_oper_list.matrix[3][1]         0.0000000000 
_pdbx_struct_oper_list.matrix[3][2]         0.0000000000 
_pdbx_struct_oper_list.matrix[3][3]         1.0000000000 
_pdbx_struct_oper_list.vector[3]            0.0000000000 
# 
_struct_biol.id                    1 
_struct_biol.pdbx_parent_biol_id   ? 
_struct_biol.details               ? 
# 
loop_
_struct_conf.conf_type_id 
_struct_conf.id 
_struct_conf.pdbx_PDB_helix_id 
_struct_conf.beg_label_comp_id 
_struct_conf.beg_label_asym_id 
_struct_conf.beg_label_seq_id 
_struct_conf.pdbx_beg_PDB_ins_code 
_struct_conf.end_label_comp_id 
_struct_conf.end_label_asym_id 
_struct_conf.end_label_seq_id 
_struct_conf.pdbx_end_PDB_ins_code 
_struct_conf.beg_auth_comp_id 
_struct_conf.beg_auth_asym_id 
_struct_conf.beg_auth_seq_id 
_struct_conf.end_auth_comp_id 
_struct_conf.end_auth_asym_id 
_struct_conf.end_auth_seq_id 
_struct_conf.pdbx_PDB_helix_class 
_struct_conf.details 
_struct_conf.pdbx_PDB_helix_length 
HELX_P HELX_P1 1 ASP A 10  ? LYS A 15  ? ASP A 10  LYS A 15  5 ? 6  
HELX_P HELX_P2 2 ASN A 24  ? GLU A 41  ? ASN A 24  GLU A 41  1 ? 18 
HELX_P HELX_P3 3 THR A 49  ? ASP A 52  ? THR A 49  ASP A 52  5 ? 4  
HELX_P HELX_P4 4 ASP A 123 ? VAL A 138 ? ASP A 123 VAL A 138 1 ? 16 
HELX_P HELX_P5 5 LEU A 141 ? LEU A 146 ? LEU A 141 LEU A 146 5 ? 6  
HELX_P HELX_P6 6 SER A 147 ? LYS A 165 ? SER A 147 LYS A 165 1 ? 19 
# 
_struct_conf_type.id          HELX_P 
_struct_conf_type.criteria    ? 
_struct_conf_type.reference   ? 
# 
loop_
_struct_conn.id 
_struct_conn.conn_type_id 
_struct_conn.pdbx_leaving_atom_flag 
_struct_conn.pdbx_PDB_id 
_struct_conn.ptnr1_label_asym_id 
_struct_conn.ptnr1_label_comp_id 
_struct_conn.ptnr1_label_seq_id 
_struct_conn.ptnr1_label_atom_id 
_struct_conn.pdbx_ptnr1_label_alt_id 
_struct_conn.pdbx_ptnr1_PDB_ins_code 
_struct_conn.pdbx_ptnr1_standard_comp_id 
_struct_conn.ptnr1_symmetry 
_struct_conn.ptnr2_label_asym_id 
_struct_conn.ptnr2_label_comp_id 
_struct_conn.ptnr2_label_seq_id 
_struct_conn.ptnr2_label_atom_id 
_struct_conn.pdbx_ptnr2_label_alt_id 
_struct_conn.pdbx_ptnr2_PDB_ins_code 
_struct_conn.ptnr1_auth_asym_id 
_struct_conn.ptnr1_auth_comp_id 
_struct_conn.ptnr1_auth_seq_id 
_struct_conn.ptnr2_auth_asym_id 
_struct_conn.ptnr2_auth_comp_id 
_struct_conn.ptnr2_auth_seq_id 
_struct_conn.ptnr2_symmetry 
_struct_conn.pdbx_ptnr3_label_atom_id 
_struct_conn.pdbx_ptnr3_label_seq_id 
_struct_conn.pdbx_ptnr3_label_comp_id 
_struct_conn.pdbx_ptnr3_label_asym_id 
_struct_conn.pdbx_ptnr3_label_alt_id 
_struct_conn.pdbx_ptnr3_PDB_ins_code 
_struct_conn.details 
_struct_conn.pdbx_dist_value 
_struct_conn.pdbx_value_order 
_struct_conn.pdbx_role 
metalc1 metalc ? ? A CYS 90  SG  ? ? ? 1_555 B CO  . CO ? ? A CYS 90  A CO  301 1_555 ? ? ? ? ? ? ? 2.310 ? ? 
metalc2 metalc ? ? A HIS 132 NE2 ? ? ? 1_555 B CO  . CO ? ? A HIS 132 A CO  301 1_555 ? ? ? ? ? ? ? 2.004 ? ? 
metalc3 metalc ? ? A HIS 136 NE2 ? ? ? 1_555 B CO  . CO ? ? A HIS 136 A CO  301 1_555 ? ? ? ? ? ? ? 2.004 ? ? 
metalc4 metalc ? ? B CO  .   CO  ? ? ? 1_555 C FMT . O1 ? ? A CO  301 A FMT 401 1_555 ? ? ? ? ? ? ? 2.321 ? ? 
metalc5 metalc ? ? B CO  .   CO  ? ? ? 1_555 C FMT . O2 ? ? A CO  301 A FMT 401 1_555 ? ? ? ? ? ? ? 2.304 ? ? 
# 
_struct_conn_type.id          metalc 
_struct_conn_type.criteria    ? 
_struct_conn_type.reference   ? 
# 
loop_
_pdbx_struct_conn_angle.id 
_pdbx_struct_conn_angle.ptnr1_label_atom_id 
_pdbx_struct_conn_angle.ptnr1_label_alt_id 
_pdbx_struct_conn_angle.ptnr1_label_asym_id 
_pdbx_struct_conn_angle.ptnr1_label_comp_id 
_pdbx_struct_conn_angle.ptnr1_label_seq_id 
_pdbx_struct_conn_angle.ptnr1_auth_atom_id 
_pdbx_struct_conn_angle.ptnr1_auth_asym_id 
_pdbx_struct_conn_angle.ptnr1_auth_comp_id 
_pdbx_struct_conn_angle.ptnr1_auth_seq_id 
_pdbx_struct_conn_angle.ptnr1_PDB_ins_code 
_pdbx_struct_conn_angle.ptnr1_symmetry 
_pdbx_struct_conn_angle.ptnr2_label_atom_id 
_pdbx_struct_conn_angle.ptnr2_label_alt_id 
_pdbx_struct_conn_angle.ptnr2_label_asym_id 
_pdbx_struct_conn_angle.ptnr2_label_comp_id 
_pdbx_struct_conn_angle.ptnr2_label_seq_id 
_pdbx_struct_conn_angle.ptnr2_auth_atom_id 
_pdbx_struct_conn_angle.ptnr2_auth_asym_id 
_pdbx_struct_conn_angle.ptnr2_auth_comp_id 
_pdbx_struct_conn_angle.ptnr2_auth_seq_id 
_pdbx_struct_conn_angle.ptnr2_PDB_ins_code 
_pdbx_struct_conn_angle.ptnr2_symmetry 
_pdbx_struct_conn_angle.ptnr3_label_atom_id 
_pdbx_struct_conn_angle.ptnr3_label_alt_id 
_pdbx_struct_conn_angle.ptnr3_label_asym_id 
_pdbx_struct_conn_angle.ptnr3_label_comp_id 
_pdbx_struct_conn_angle.ptnr3_label_seq_id 
_pdbx_struct_conn_angle.ptnr3_auth_atom_id 
_pdbx_struct_conn_angle.ptnr3_auth_asym_id 
_pdbx_struct_conn_angle.ptnr3_auth_comp_id 
_pdbx_struct_conn_angle.ptnr3_auth_seq_id 
_pdbx_struct_conn_angle.ptnr3_PDB_ins_code 
_pdbx_struct_conn_angle.ptnr3_symmetry 
_pdbx_struct_conn_angle.value 
_pdbx_struct_conn_angle.value_esd 
1  SG  ? A CYS 90  ? A CYS 90  ? 1_555 CO ? B CO . ? A CO 301 ? 1_555 NE2 ? A HIS 132 ? A HIS 132 ? 1_555 114.7 ? 
2  SG  ? A CYS 90  ? A CYS 90  ? 1_555 CO ? B CO . ? A CO 301 ? 1_555 NE2 ? A HIS 136 ? A HIS 136 ? 1_555 100.8 ? 
3  NE2 ? A HIS 132 ? A HIS 132 ? 1_555 CO ? B CO . ? A CO 301 ? 1_555 NE2 ? A HIS 136 ? A HIS 136 ? 1_555 102.8 ? 
4  SG  ? A CYS 90  ? A CYS 90  ? 1_555 CO ? B CO . ? A CO 301 ? 1_555 O1  ? C FMT .   ? A FMT 401 ? 1_555 149.4 ? 
5  NE2 ? A HIS 132 ? A HIS 132 ? 1_555 CO ? B CO . ? A CO 301 ? 1_555 O1  ? C FMT .   ? A FMT 401 ? 1_555 92.0  ? 
6  NE2 ? A HIS 136 ? A HIS 136 ? 1_555 CO ? B CO . ? A CO 301 ? 1_555 O1  ? C FMT .   ? A FMT 401 ? 1_555 86.6  ? 
7  SG  ? A CYS 90  ? A CYS 90  ? 1_555 CO ? B CO . ? A CO 301 ? 1_555 O2  ? C FMT .   ? A FMT 401 ? 1_555 96.0  ? 
8  NE2 ? A HIS 132 ? A HIS 132 ? 1_555 CO ? B CO . ? A CO 301 ? 1_555 O2  ? C FMT .   ? A FMT 401 ? 1_555 119.6 ? 
9  NE2 ? A HIS 136 ? A HIS 136 ? 1_555 CO ? B CO . ? A CO 301 ? 1_555 O2  ? C FMT .   ? A FMT 401 ? 1_555 121.7 ? 
10 O1  ? C FMT .   ? A FMT 401 ? 1_555 CO ? B CO . ? A CO 301 ? 1_555 O2  ? C FMT .   ? A FMT 401 ? 1_555 56.0  ? 
# 
_struct_mon_prot_cis.pdbx_id                1 
_struct_mon_prot_cis.label_comp_id          ILE 
_struct_mon_prot_cis.label_seq_id           8 
_struct_mon_prot_cis.label_asym_id          A 
_struct_mon_prot_cis.label_alt_id           . 
_struct_mon_prot_cis.pdbx_PDB_ins_code      ? 
_struct_mon_prot_cis.auth_comp_id           ILE 
_struct_mon_prot_cis.auth_seq_id            8 
_struct_mon_prot_cis.auth_asym_id           A 
_struct_mon_prot_cis.pdbx_label_comp_id_2   PRO 
_struct_mon_prot_cis.pdbx_label_seq_id_2    9 
_struct_mon_prot_cis.pdbx_label_asym_id_2   A 
_struct_mon_prot_cis.pdbx_PDB_ins_code_2    ? 
_struct_mon_prot_cis.pdbx_auth_comp_id_2    PRO 
_struct_mon_prot_cis.pdbx_auth_seq_id_2     9 
_struct_mon_prot_cis.pdbx_auth_asym_id_2    A 
_struct_mon_prot_cis.pdbx_PDB_model_num     1 
_struct_mon_prot_cis.pdbx_omega_angle       0.94 
# 
loop_
_struct_sheet.id 
_struct_sheet.type 
_struct_sheet.number_strands 
_struct_sheet.details 
A ? 5 ? 
B ? 2 ? 
# 
loop_
_struct_sheet_order.sheet_id 
_struct_sheet_order.range_id_1 
_struct_sheet_order.range_id_2 
_struct_sheet_order.offset 
_struct_sheet_order.sense 
A 1 2 ? anti-parallel 
A 2 3 ? anti-parallel 
A 3 4 ? anti-parallel 
A 4 5 ? anti-parallel 
B 1 2 ? anti-parallel 
# 
loop_
_struct_sheet_range.sheet_id 
_struct_sheet_range.id 
_struct_sheet_range.beg_label_comp_id 
_struct_sheet_range.beg_label_asym_id 
_struct_sheet_range.beg_label_seq_id 
_struct_sheet_range.pdbx_beg_PDB_ins_code 
_struct_sheet_range.end_label_comp_id 
_struct_sheet_range.end_label_asym_id 
_struct_sheet_range.end_label_seq_id 
_struct_sheet_range.pdbx_end_PDB_ins_code 
_struct_sheet_range.beg_auth_comp_id 
_struct_sheet_range.beg_auth_asym_id 
_struct_sheet_range.beg_auth_seq_id 
_struct_sheet_range.end_auth_comp_id 
_struct_sheet_range.end_auth_asym_id 
_struct_sheet_range.end_auth_seq_id 
A 1 GLY A 45  ? ALA A 47  ? GLY A 45  ALA A 47  
A 2 ILE A 57  ? ILE A 60  ? ILE A 57  ILE A 60  
A 3 LEU A 70  ? SER A 81  ? LEU A 70  SER A 81  
A 4 LYS A 105 ? LEU A 111 ? LYS A 105 LEU A 111 
A 5 PRO A 117 ? ALA A 122 ? PRO A 117 ALA A 122 
B 1 GLU A 87  ? GLU A 88  ? GLU A 87  GLU A 88  
B 2 ALA A 98  ? LEU A 99  ? ALA A 98  LEU A 99  
# 
loop_
_pdbx_struct_sheet_hbond.sheet_id 
_pdbx_struct_sheet_hbond.range_id_1 
_pdbx_struct_sheet_hbond.range_id_2 
_pdbx_struct_sheet_hbond.range_1_label_atom_id 
_pdbx_struct_sheet_hbond.range_1_label_comp_id 
_pdbx_struct_sheet_hbond.range_1_label_asym_id 
_pdbx_struct_sheet_hbond.range_1_label_seq_id 
_pdbx_struct_sheet_hbond.range_1_PDB_ins_code 
_pdbx_struct_sheet_hbond.range_1_auth_atom_id 
_pdbx_struct_sheet_hbond.range_1_auth_comp_id 
_pdbx_struct_sheet_hbond.range_1_auth_asym_id 
_pdbx_struct_sheet_hbond.range_1_auth_seq_id 
_pdbx_struct_sheet_hbond.range_2_label_atom_id 
_pdbx_struct_sheet_hbond.range_2_label_comp_id 
_pdbx_struct_sheet_hbond.range_2_label_asym_id 
_pdbx_struct_sheet_hbond.range_2_label_seq_id 
_pdbx_struct_sheet_hbond.range_2_PDB_ins_code 
_pdbx_struct_sheet_hbond.range_2_auth_atom_id 
_pdbx_struct_sheet_hbond.range_2_auth_comp_id 
_pdbx_struct_sheet_hbond.range_2_auth_asym_id 
_pdbx_struct_sheet_hbond.range_2_auth_seq_id 
A 1 2 N LEU A 46  ? N LEU A 46  O VAL A 59  ? O VAL A 59  
A 2 3 N ILE A 60  ? N ILE A 60  O LEU A 70  ? O LEU A 70  
A 3 4 N LEU A 78  ? N LEU A 78  O LYS A 107 ? O LYS A 107 
A 4 5 N VAL A 106 ? N VAL A 106 O ALA A 122 ? O ALA A 122 
B 1 2 N GLU A 88  ? N GLU A 88  O ALA A 98  ? O ALA A 98  
# 
loop_
_struct_site.id 
_struct_site.pdbx_evidence_code 
_struct_site.pdbx_auth_asym_id 
_struct_site.pdbx_auth_comp_id 
_struct_site.pdbx_auth_seq_id 
_struct_site.pdbx_auth_ins_code 
_struct_site.pdbx_num_residues 
_struct_site.details 
AC1 Software A CO  301 ? 5 'BINDING SITE FOR RESIDUE CO A 301'  
AC2 Software A FMT 401 ? 8 'BINDING SITE FOR RESIDUE FMT A 401' 
# 
loop_
_struct_site_gen.id 
_struct_site_gen.site_id 
_struct_site_gen.pdbx_num_res 
_struct_site_gen.label_comp_id 
_struct_site_gen.label_asym_id 
_struct_site_gen.label_seq_id 
_struct_site_gen.pdbx_auth_ins_code 
_struct_site_gen.auth_comp_id 
_struct_site_gen.auth_asym_id 
_struct_site_gen.auth_seq_id 
_struct_site_gen.label_atom_id 
_struct_site_gen.label_alt_id 
_struct_site_gen.symmetry 
_struct_site_gen.details 
1  AC1 5 GLN A 50  ? GLN A 50  . ? 1_555 ? 
2  AC1 5 CYS A 90  ? CYS A 90  . ? 1_555 ? 
3  AC1 5 HIS A 132 ? HIS A 132 . ? 1_555 ? 
4  AC1 5 HIS A 136 ? HIS A 136 . ? 1_555 ? 
5  AC1 5 FMT C .   ? FMT A 401 . ? 1_555 ? 
6  AC2 8 GLY A 45  ? GLY A 45  . ? 1_555 ? 
7  AC2 8 GLN A 50  ? GLN A 50  . ? 1_555 ? 
8  AC2 8 CYS A 90  ? CYS A 90  . ? 1_555 ? 
9  AC2 8 LEU A 91  ? LEU A 91  . ? 1_555 ? 
10 AC2 8 HIS A 132 ? HIS A 132 . ? 1_555 ? 
11 AC2 8 GLU A 133 ? GLU A 133 . ? 1_555 ? 
12 AC2 8 HIS A 136 ? HIS A 136 . ? 1_555 ? 
13 AC2 8 CO  B .   ? CO  A 301 . ? 1_555 ? 
# 
loop_
_pdbx_validate_close_contact.id 
_pdbx_validate_close_contact.PDB_model_num 
_pdbx_validate_close_contact.auth_atom_id_1 
_pdbx_validate_close_contact.auth_asym_id_1 
_pdbx_validate_close_contact.auth_comp_id_1 
_pdbx_validate_close_contact.auth_seq_id_1 
_pdbx_validate_close_contact.PDB_ins_code_1 
_pdbx_validate_close_contact.label_alt_id_1 
_pdbx_validate_close_contact.auth_atom_id_2 
_pdbx_validate_close_contact.auth_asym_id_2 
_pdbx_validate_close_contact.auth_comp_id_2 
_pdbx_validate_close_contact.auth_seq_id_2 
_pdbx_validate_close_contact.PDB_ins_code_2 
_pdbx_validate_close_contact.label_alt_id_2 
_pdbx_validate_close_contact.dist 
1 1 OE1 A GLU 42  ? ? O A HOH 577 ? ? 2.14 
2 1 O   A HOH 480 ? ? O A HOH 541 ? ? 2.18 
# 
_pdbx_validate_torsion.id              1 
_pdbx_validate_torsion.PDB_model_num   1 
_pdbx_validate_torsion.auth_comp_id    PRO 
_pdbx_validate_torsion.auth_asym_id    A 
_pdbx_validate_torsion.auth_seq_id     9 
_pdbx_validate_torsion.PDB_ins_code    ? 
_pdbx_validate_torsion.label_alt_id    ? 
_pdbx_validate_torsion.phi             -91.25 
_pdbx_validate_torsion.psi             33.16 
# 
_pdbx_struct_special_symmetry.id              1 
_pdbx_struct_special_symmetry.PDB_model_num   1 
_pdbx_struct_special_symmetry.auth_asym_id    A 
_pdbx_struct_special_symmetry.auth_comp_id    HOH 
_pdbx_struct_special_symmetry.auth_seq_id     595 
_pdbx_struct_special_symmetry.PDB_ins_code    ? 
_pdbx_struct_special_symmetry.label_asym_id   D 
_pdbx_struct_special_symmetry.label_comp_id   HOH 
_pdbx_struct_special_symmetry.label_seq_id    . 
# 
loop_
_pdbx_unobs_or_zero_occ_residues.id 
_pdbx_unobs_or_zero_occ_residues.PDB_model_num 
_pdbx_unobs_or_zero_occ_residues.polymer_flag 
_pdbx_unobs_or_zero_occ_residues.occupancy_flag 
_pdbx_unobs_or_zero_occ_residues.auth_asym_id 
_pdbx_unobs_or_zero_occ_residues.auth_comp_id 
_pdbx_unobs_or_zero_occ_residues.auth_seq_id 
_pdbx_unobs_or_zero_occ_residues.PDB_ins_code 
_pdbx_unobs_or_zero_occ_residues.label_asym_id 
_pdbx_unobs_or_zero_occ_residues.label_comp_id 
_pdbx_unobs_or_zero_occ_residues.label_seq_id 
1 1 Y 1 A ALA 166 ? A ALA 166 
2 1 Y 1 A ARG 167 ? A ARG 167 
3 1 Y 1 A ALA 168 ? A ALA 168 
# 
loop_
_chem_comp_atom.comp_id 
_chem_comp_atom.atom_id 
_chem_comp_atom.type_symbol 
_chem_comp_atom.pdbx_aromatic_flag 
_chem_comp_atom.pdbx_stereo_config 
_chem_comp_atom.pdbx_ordinal 
ALA N    N  N N 1   
ALA CA   C  N S 2   
ALA C    C  N N 3   
ALA O    O  N N 4   
ALA CB   C  N N 5   
ALA OXT  O  N N 6   
ALA H    H  N N 7   
ALA H2   H  N N 8   
ALA HA   H  N N 9   
ALA HB1  H  N N 10  
ALA HB2  H  N N 11  
ALA HB3  H  N N 12  
ALA HXT  H  N N 13  
ARG N    N  N N 14  
ARG CA   C  N S 15  
ARG C    C  N N 16  
ARG O    O  N N 17  
ARG CB   C  N N 18  
ARG CG   C  N N 19  
ARG CD   C  N N 20  
ARG NE   N  N N 21  
ARG CZ   C  N N 22  
ARG NH1  N  N N 23  
ARG NH2  N  N N 24  
ARG OXT  O  N N 25  
ARG H    H  N N 26  
ARG H2   H  N N 27  
ARG HA   H  N N 28  
ARG HB2  H  N N 29  
ARG HB3  H  N N 30  
ARG HG2  H  N N 31  
ARG HG3  H  N N 32  
ARG HD2  H  N N 33  
ARG HD3  H  N N 34  
ARG HE   H  N N 35  
ARG HH11 H  N N 36  
ARG HH12 H  N N 37  
ARG HH21 H  N N 38  
ARG HH22 H  N N 39  
ARG HXT  H  N N 40  
ASN N    N  N N 41  
ASN CA   C  N S 42  
ASN C    C  N N 43  
ASN O    O  N N 44  
ASN CB   C  N N 45  
ASN CG   C  N N 46  
ASN OD1  O  N N 47  
ASN ND2  N  N N 48  
ASN OXT  O  N N 49  
ASN H    H  N N 50  
ASN H2   H  N N 51  
ASN HA   H  N N 52  
ASN HB2  H  N N 53  
ASN HB3  H  N N 54  
ASN HD21 H  N N 55  
ASN HD22 H  N N 56  
ASN HXT  H  N N 57  
ASP N    N  N N 58  
ASP CA   C  N S 59  
ASP C    C  N N 60  
ASP O    O  N N 61  
ASP CB   C  N N 62  
ASP CG   C  N N 63  
ASP OD1  O  N N 64  
ASP OD2  O  N N 65  
ASP OXT  O  N N 66  
ASP H    H  N N 67  
ASP H2   H  N N 68  
ASP HA   H  N N 69  
ASP HB2  H  N N 70  
ASP HB3  H  N N 71  
ASP HD2  H  N N 72  
ASP HXT  H  N N 73  
CO  CO   CO N N 74  
CYS N    N  N N 75  
CYS CA   C  N R 76  
CYS C    C  N N 77  
CYS O    O  N N 78  
CYS CB   C  N N 79  
CYS SG   S  N N 80  
CYS OXT  O  N N 81  
CYS H    H  N N 82  
CYS H2   H  N N 83  
CYS HA   H  N N 84  
CYS HB2  H  N N 85  
CYS HB3  H  N N 86  
CYS HG   H  N N 87  
CYS HXT  H  N N 88  
FMT C    C  N N 89  
FMT O1   O  N N 90  
FMT O2   O  N N 91  
FMT H    H  N N 92  
FMT HO2  H  N N 93  
GLN N    N  N N 94  
GLN CA   C  N S 95  
GLN C    C  N N 96  
GLN O    O  N N 97  
GLN CB   C  N N 98  
GLN CG   C  N N 99  
GLN CD   C  N N 100 
GLN OE1  O  N N 101 
GLN NE2  N  N N 102 
GLN OXT  O  N N 103 
GLN H    H  N N 104 
GLN H2   H  N N 105 
GLN HA   H  N N 106 
GLN HB2  H  N N 107 
GLN HB3  H  N N 108 
GLN HG2  H  N N 109 
GLN HG3  H  N N 110 
GLN HE21 H  N N 111 
GLN HE22 H  N N 112 
GLN HXT  H  N N 113 
GLU N    N  N N 114 
GLU CA   C  N S 115 
GLU C    C  N N 116 
GLU O    O  N N 117 
GLU CB   C  N N 118 
GLU CG   C  N N 119 
GLU CD   C  N N 120 
GLU OE1  O  N N 121 
GLU OE2  O  N N 122 
GLU OXT  O  N N 123 
GLU H    H  N N 124 
GLU H2   H  N N 125 
GLU HA   H  N N 126 
GLU HB2  H  N N 127 
GLU HB3  H  N N 128 
GLU HG2  H  N N 129 
GLU HG3  H  N N 130 
GLU HE2  H  N N 131 
GLU HXT  H  N N 132 
GLY N    N  N N 133 
GLY CA   C  N N 134 
GLY C    C  N N 135 
GLY O    O  N N 136 
GLY OXT  O  N N 137 
GLY H    H  N N 138 
GLY H2   H  N N 139 
GLY HA2  H  N N 140 
GLY HA3  H  N N 141 
GLY HXT  H  N N 142 
HIS N    N  N N 143 
HIS CA   C  N S 144 
HIS C    C  N N 145 
HIS O    O  N N 146 
HIS CB   C  N N 147 
HIS CG   C  Y N 148 
HIS ND1  N  Y N 149 
HIS CD2  C  Y N 150 
HIS CE1  C  Y N 151 
HIS NE2  N  Y N 152 
HIS OXT  O  N N 153 
HIS H    H  N N 154 
HIS H2   H  N N 155 
HIS HA   H  N N 156 
HIS HB2  H  N N 157 
HIS HB3  H  N N 158 
HIS HD1  H  N N 159 
HIS HD2  H  N N 160 
HIS HE1  H  N N 161 
HIS HE2  H  N N 162 
HIS HXT  H  N N 163 
HOH O    O  N N 164 
HOH H1   H  N N 165 
HOH H2   H  N N 166 
ILE N    N  N N 167 
ILE CA   C  N S 168 
ILE C    C  N N 169 
ILE O    O  N N 170 
ILE CB   C  N S 171 
ILE CG1  C  N N 172 
ILE CG2  C  N N 173 
ILE CD1  C  N N 174 
ILE OXT  O  N N 175 
ILE H    H  N N 176 
ILE H2   H  N N 177 
ILE HA   H  N N 178 
ILE HB   H  N N 179 
ILE HG12 H  N N 180 
ILE HG13 H  N N 181 
ILE HG21 H  N N 182 
ILE HG22 H  N N 183 
ILE HG23 H  N N 184 
ILE HD11 H  N N 185 
ILE HD12 H  N N 186 
ILE HD13 H  N N 187 
ILE HXT  H  N N 188 
LEU N    N  N N 189 
LEU CA   C  N S 190 
LEU C    C  N N 191 
LEU O    O  N N 192 
LEU CB   C  N N 193 
LEU CG   C  N N 194 
LEU CD1  C  N N 195 
LEU CD2  C  N N 196 
LEU OXT  O  N N 197 
LEU H    H  N N 198 
LEU H2   H  N N 199 
LEU HA   H  N N 200 
LEU HB2  H  N N 201 
LEU HB3  H  N N 202 
LEU HG   H  N N 203 
LEU HD11 H  N N 204 
LEU HD12 H  N N 205 
LEU HD13 H  N N 206 
LEU HD21 H  N N 207 
LEU HD22 H  N N 208 
LEU HD23 H  N N 209 
LEU HXT  H  N N 210 
LYS N    N  N N 211 
LYS CA   C  N S 212 
LYS C    C  N N 213 
LYS O    O  N N 214 
LYS CB   C  N N 215 
LYS CG   C  N N 216 
LYS CD   C  N N 217 
LYS CE   C  N N 218 
LYS NZ   N  N N 219 
LYS OXT  O  N N 220 
LYS H    H  N N 221 
LYS H2   H  N N 222 
LYS HA   H  N N 223 
LYS HB2  H  N N 224 
LYS HB3  H  N N 225 
LYS HG2  H  N N 226 
LYS HG3  H  N N 227 
LYS HD2  H  N N 228 
LYS HD3  H  N N 229 
LYS HE2  H  N N 230 
LYS HE3  H  N N 231 
LYS HZ1  H  N N 232 
LYS HZ2  H  N N 233 
LYS HZ3  H  N N 234 
LYS HXT  H  N N 235 
MET N    N  N N 236 
MET CA   C  N S 237 
MET C    C  N N 238 
MET O    O  N N 239 
MET CB   C  N N 240 
MET CG   C  N N 241 
MET SD   S  N N 242 
MET CE   C  N N 243 
MET OXT  O  N N 244 
MET H    H  N N 245 
MET H2   H  N N 246 
MET HA   H  N N 247 
MET HB2  H  N N 248 
MET HB3  H  N N 249 
MET HG2  H  N N 250 
MET HG3  H  N N 251 
MET HE1  H  N N 252 
MET HE2  H  N N 253 
MET HE3  H  N N 254 
MET HXT  H  N N 255 
PHE N    N  N N 256 
PHE CA   C  N S 257 
PHE C    C  N N 258 
PHE O    O  N N 259 
PHE CB   C  N N 260 
PHE CG   C  Y N 261 
PHE CD1  C  Y N 262 
PHE CD2  C  Y N 263 
PHE CE1  C  Y N 264 
PHE CE2  C  Y N 265 
PHE CZ   C  Y N 266 
PHE OXT  O  N N 267 
PHE H    H  N N 268 
PHE H2   H  N N 269 
PHE HA   H  N N 270 
PHE HB2  H  N N 271 
PHE HB3  H  N N 272 
PHE HD1  H  N N 273 
PHE HD2  H  N N 274 
PHE HE1  H  N N 275 
PHE HE2  H  N N 276 
PHE HZ   H  N N 277 
PHE HXT  H  N N 278 
PRO N    N  N N 279 
PRO CA   C  N S 280 
PRO C    C  N N 281 
PRO O    O  N N 282 
PRO CB   C  N N 283 
PRO CG   C  N N 284 
PRO CD   C  N N 285 
PRO OXT  O  N N 286 
PRO H    H  N N 287 
PRO HA   H  N N 288 
PRO HB2  H  N N 289 
PRO HB3  H  N N 290 
PRO HG2  H  N N 291 
PRO HG3  H  N N 292 
PRO HD2  H  N N 293 
PRO HD3  H  N N 294 
PRO HXT  H  N N 295 
SER N    N  N N 296 
SER CA   C  N S 297 
SER C    C  N N 298 
SER O    O  N N 299 
SER CB   C  N N 300 
SER OG   O  N N 301 
SER OXT  O  N N 302 
SER H    H  N N 303 
SER H2   H  N N 304 
SER HA   H  N N 305 
SER HB2  H  N N 306 
SER HB3  H  N N 307 
SER HG   H  N N 308 
SER HXT  H  N N 309 
THR N    N  N N 310 
THR CA   C  N S 311 
THR C    C  N N 312 
THR O    O  N N 313 
THR CB   C  N R 314 
THR OG1  O  N N 315 
THR CG2  C  N N 316 
THR OXT  O  N N 317 
THR H    H  N N 318 
THR H2   H  N N 319 
THR HA   H  N N 320 
THR HB   H  N N 321 
THR HG1  H  N N 322 
THR HG21 H  N N 323 
THR HG22 H  N N 324 
THR HG23 H  N N 325 
THR HXT  H  N N 326 
TYR N    N  N N 327 
TYR CA   C  N S 328 
TYR C    C  N N 329 
TYR O    O  N N 330 
TYR CB   C  N N 331 
TYR CG   C  Y N 332 
TYR CD1  C  Y N 333 
TYR CD2  C  Y N 334 
TYR CE1  C  Y N 335 
TYR CE2  C  Y N 336 
TYR CZ   C  Y N 337 
TYR OH   O  N N 338 
TYR OXT  O  N N 339 
TYR H    H  N N 340 
TYR H2   H  N N 341 
TYR HA   H  N N 342 
TYR HB2  H  N N 343 
TYR HB3  H  N N 344 
TYR HD1  H  N N 345 
TYR HD2  H  N N 346 
TYR HE1  H  N N 347 
TYR HE2  H  N N 348 
TYR HH   H  N N 349 
TYR HXT  H  N N 350 
VAL N    N  N N 351 
VAL CA   C  N S 352 
VAL C    C  N N 353 
VAL O    O  N N 354 
VAL CB   C  N N 355 
VAL CG1  C  N N 356 
VAL CG2  C  N N 357 
VAL OXT  O  N N 358 
VAL H    H  N N 359 
VAL H2   H  N N 360 
VAL HA   H  N N 361 
VAL HB   H  N N 362 
VAL HG11 H  N N 363 
VAL HG12 H  N N 364 
VAL HG13 H  N N 365 
VAL HG21 H  N N 366 
VAL HG22 H  N N 367 
VAL HG23 H  N N 368 
VAL HXT  H  N N 369 
# 
loop_
_chem_comp_bond.comp_id 
_chem_comp_bond.atom_id_1 
_chem_comp_bond.atom_id_2 
_chem_comp_bond.value_order 
_chem_comp_bond.pdbx_aromatic_flag 
_chem_comp_bond.pdbx_stereo_config 
_chem_comp_bond.pdbx_ordinal 
ALA N   CA   sing N N 1   
ALA N   H    sing N N 2   
ALA N   H2   sing N N 3   
ALA CA  C    sing N N 4   
ALA CA  CB   sing N N 5   
ALA CA  HA   sing N N 6   
ALA C   O    doub N N 7   
ALA C   OXT  sing N N 8   
ALA CB  HB1  sing N N 9   
ALA CB  HB2  sing N N 10  
ALA CB  HB3  sing N N 11  
ALA OXT HXT  sing N N 12  
ARG N   CA   sing N N 13  
ARG N   H    sing N N 14  
ARG N   H2   sing N N 15  
ARG CA  C    sing N N 16  
ARG CA  CB   sing N N 17  
ARG CA  HA   sing N N 18  
ARG C   O    doub N N 19  
ARG C   OXT  sing N N 20  
ARG CB  CG   sing N N 21  
ARG CB  HB2  sing N N 22  
ARG CB  HB3  sing N N 23  
ARG CG  CD   sing N N 24  
ARG CG  HG2  sing N N 25  
ARG CG  HG3  sing N N 26  
ARG CD  NE   sing N N 27  
ARG CD  HD2  sing N N 28  
ARG CD  HD3  sing N N 29  
ARG NE  CZ   sing N N 30  
ARG NE  HE   sing N N 31  
ARG CZ  NH1  sing N N 32  
ARG CZ  NH2  doub N N 33  
ARG NH1 HH11 sing N N 34  
ARG NH1 HH12 sing N N 35  
ARG NH2 HH21 sing N N 36  
ARG NH2 HH22 sing N N 37  
ARG OXT HXT  sing N N 38  
ASN N   CA   sing N N 39  
ASN N   H    sing N N 40  
ASN N   H2   sing N N 41  
ASN CA  C    sing N N 42  
ASN CA  CB   sing N N 43  
ASN CA  HA   sing N N 44  
ASN C   O    doub N N 45  
ASN C   OXT  sing N N 46  
ASN CB  CG   sing N N 47  
ASN CB  HB2  sing N N 48  
ASN CB  HB3  sing N N 49  
ASN CG  OD1  doub N N 50  
ASN CG  ND2  sing N N 51  
ASN ND2 HD21 sing N N 52  
ASN ND2 HD22 sing N N 53  
ASN OXT HXT  sing N N 54  
ASP N   CA   sing N N 55  
ASP N   H    sing N N 56  
ASP N   H2   sing N N 57  
ASP CA  C    sing N N 58  
ASP CA  CB   sing N N 59  
ASP CA  HA   sing N N 60  
ASP C   O    doub N N 61  
ASP C   OXT  sing N N 62  
ASP CB  CG   sing N N 63  
ASP CB  HB2  sing N N 64  
ASP CB  HB3  sing N N 65  
ASP CG  OD1  doub N N 66  
ASP CG  OD2  sing N N 67  
ASP OD2 HD2  sing N N 68  
ASP OXT HXT  sing N N 69  
CYS N   CA   sing N N 70  
CYS N   H    sing N N 71  
CYS N   H2   sing N N 72  
CYS CA  C    sing N N 73  
CYS CA  CB   sing N N 74  
CYS CA  HA   sing N N 75  
CYS C   O    doub N N 76  
CYS C   OXT  sing N N 77  
CYS CB  SG   sing N N 78  
CYS CB  HB2  sing N N 79  
CYS CB  HB3  sing N N 80  
CYS SG  HG   sing N N 81  
CYS OXT HXT  sing N N 82  
FMT C   O1   doub N N 83  
FMT C   O2   sing N N 84  
FMT C   H    sing N N 85  
FMT O2  HO2  sing N N 86  
GLN N   CA   sing N N 87  
GLN N   H    sing N N 88  
GLN N   H2   sing N N 89  
GLN CA  C    sing N N 90  
GLN CA  CB   sing N N 91  
GLN CA  HA   sing N N 92  
GLN C   O    doub N N 93  
GLN C   OXT  sing N N 94  
GLN CB  CG   sing N N 95  
GLN CB  HB2  sing N N 96  
GLN CB  HB3  sing N N 97  
GLN CG  CD   sing N N 98  
GLN CG  HG2  sing N N 99  
GLN CG  HG3  sing N N 100 
GLN CD  OE1  doub N N 101 
GLN CD  NE2  sing N N 102 
GLN NE2 HE21 sing N N 103 
GLN NE2 HE22 sing N N 104 
GLN OXT HXT  sing N N 105 
GLU N   CA   sing N N 106 
GLU N   H    sing N N 107 
GLU N   H2   sing N N 108 
GLU CA  C    sing N N 109 
GLU CA  CB   sing N N 110 
GLU CA  HA   sing N N 111 
GLU C   O    doub N N 112 
GLU C   OXT  sing N N 113 
GLU CB  CG   sing N N 114 
GLU CB  HB2  sing N N 115 
GLU CB  HB3  sing N N 116 
GLU CG  CD   sing N N 117 
GLU CG  HG2  sing N N 118 
GLU CG  HG3  sing N N 119 
GLU CD  OE1  doub N N 120 
GLU CD  OE2  sing N N 121 
GLU OE2 HE2  sing N N 122 
GLU OXT HXT  sing N N 123 
GLY N   CA   sing N N 124 
GLY N   H    sing N N 125 
GLY N   H2   sing N N 126 
GLY CA  C    sing N N 127 
GLY CA  HA2  sing N N 128 
GLY CA  HA3  sing N N 129 
GLY C   O    doub N N 130 
GLY C   OXT  sing N N 131 
GLY OXT HXT  sing N N 132 
HIS N   CA   sing N N 133 
HIS N   H    sing N N 134 
HIS N   H2   sing N N 135 
HIS CA  C    sing N N 136 
HIS CA  CB   sing N N 137 
HIS CA  HA   sing N N 138 
HIS C   O    doub N N 139 
HIS C   OXT  sing N N 140 
HIS CB  CG   sing N N 141 
HIS CB  HB2  sing N N 142 
HIS CB  HB3  sing N N 143 
HIS CG  ND1  sing Y N 144 
HIS CG  CD2  doub Y N 145 
HIS ND1 CE1  doub Y N 146 
HIS ND1 HD1  sing N N 147 
HIS CD2 NE2  sing Y N 148 
HIS CD2 HD2  sing N N 149 
HIS CE1 NE2  sing Y N 150 
HIS CE1 HE1  sing N N 151 
HIS NE2 HE2  sing N N 152 
HIS OXT HXT  sing N N 153 
HOH O   H1   sing N N 154 
HOH O   H2   sing N N 155 
ILE N   CA   sing N N 156 
ILE N   H    sing N N 157 
ILE N   H2   sing N N 158 
ILE CA  C    sing N N 159 
ILE CA  CB   sing N N 160 
ILE CA  HA   sing N N 161 
ILE C   O    doub N N 162 
ILE C   OXT  sing N N 163 
ILE CB  CG1  sing N N 164 
ILE CB  CG2  sing N N 165 
ILE CB  HB   sing N N 166 
ILE CG1 CD1  sing N N 167 
ILE CG1 HG12 sing N N 168 
ILE CG1 HG13 sing N N 169 
ILE CG2 HG21 sing N N 170 
ILE CG2 HG22 sing N N 171 
ILE CG2 HG23 sing N N 172 
ILE CD1 HD11 sing N N 173 
ILE CD1 HD12 sing N N 174 
ILE CD1 HD13 sing N N 175 
ILE OXT HXT  sing N N 176 
LEU N   CA   sing N N 177 
LEU N   H    sing N N 178 
LEU N   H2   sing N N 179 
LEU CA  C    sing N N 180 
LEU CA  CB   sing N N 181 
LEU CA  HA   sing N N 182 
LEU C   O    doub N N 183 
LEU C   OXT  sing N N 184 
LEU CB  CG   sing N N 185 
LEU CB  HB2  sing N N 186 
LEU CB  HB3  sing N N 187 
LEU CG  CD1  sing N N 188 
LEU CG  CD2  sing N N 189 
LEU CG  HG   sing N N 190 
LEU CD1 HD11 sing N N 191 
LEU CD1 HD12 sing N N 192 
LEU CD1 HD13 sing N N 193 
LEU CD2 HD21 sing N N 194 
LEU CD2 HD22 sing N N 195 
LEU CD2 HD23 sing N N 196 
LEU OXT HXT  sing N N 197 
LYS N   CA   sing N N 198 
LYS N   H    sing N N 199 
LYS N   H2   sing N N 200 
LYS CA  C    sing N N 201 
LYS CA  CB   sing N N 202 
LYS CA  HA   sing N N 203 
LYS C   O    doub N N 204 
LYS C   OXT  sing N N 205 
LYS CB  CG   sing N N 206 
LYS CB  HB2  sing N N 207 
LYS CB  HB3  sing N N 208 
LYS CG  CD   sing N N 209 
LYS CG  HG2  sing N N 210 
LYS CG  HG3  sing N N 211 
LYS CD  CE   sing N N 212 
LYS CD  HD2  sing N N 213 
LYS CD  HD3  sing N N 214 
LYS CE  NZ   sing N N 215 
LYS CE  HE2  sing N N 216 
LYS CE  HE3  sing N N 217 
LYS NZ  HZ1  sing N N 218 
LYS NZ  HZ2  sing N N 219 
LYS NZ  HZ3  sing N N 220 
LYS OXT HXT  sing N N 221 
MET N   CA   sing N N 222 
MET N   H    sing N N 223 
MET N   H2   sing N N 224 
MET CA  C    sing N N 225 
MET CA  CB   sing N N 226 
MET CA  HA   sing N N 227 
MET C   O    doub N N 228 
MET C   OXT  sing N N 229 
MET CB  CG   sing N N 230 
MET CB  HB2  sing N N 231 
MET CB  HB3  sing N N 232 
MET CG  SD   sing N N 233 
MET CG  HG2  sing N N 234 
MET CG  HG3  sing N N 235 
MET SD  CE   sing N N 236 
MET CE  HE1  sing N N 237 
MET CE  HE2  sing N N 238 
MET CE  HE3  sing N N 239 
MET OXT HXT  sing N N 240 
PHE N   CA   sing N N 241 
PHE N   H    sing N N 242 
PHE N   H2   sing N N 243 
PHE CA  C    sing N N 244 
PHE CA  CB   sing N N 245 
PHE CA  HA   sing N N 246 
PHE C   O    doub N N 247 
PHE C   OXT  sing N N 248 
PHE CB  CG   sing N N 249 
PHE CB  HB2  sing N N 250 
PHE CB  HB3  sing N N 251 
PHE CG  CD1  doub Y N 252 
PHE CG  CD2  sing Y N 253 
PHE CD1 CE1  sing Y N 254 
PHE CD1 HD1  sing N N 255 
PHE CD2 CE2  doub Y N 256 
PHE CD2 HD2  sing N N 257 
PHE CE1 CZ   doub Y N 258 
PHE CE1 HE1  sing N N 259 
PHE CE2 CZ   sing Y N 260 
PHE CE2 HE2  sing N N 261 
PHE CZ  HZ   sing N N 262 
PHE OXT HXT  sing N N 263 
PRO N   CA   sing N N 264 
PRO N   CD   sing N N 265 
PRO N   H    sing N N 266 
PRO CA  C    sing N N 267 
PRO CA  CB   sing N N 268 
PRO CA  HA   sing N N 269 
PRO C   O    doub N N 270 
PRO C   OXT  sing N N 271 
PRO CB  CG   sing N N 272 
PRO CB  HB2  sing N N 273 
PRO CB  HB3  sing N N 274 
PRO CG  CD   sing N N 275 
PRO CG  HG2  sing N N 276 
PRO CG  HG3  sing N N 277 
PRO CD  HD2  sing N N 278 
PRO CD  HD3  sing N N 279 
PRO OXT HXT  sing N N 280 
SER N   CA   sing N N 281 
SER N   H    sing N N 282 
SER N   H2   sing N N 283 
SER CA  C    sing N N 284 
SER CA  CB   sing N N 285 
SER CA  HA   sing N N 286 
SER C   O    doub N N 287 
SER C   OXT  sing N N 288 
SER CB  OG   sing N N 289 
SER CB  HB2  sing N N 290 
SER CB  HB3  sing N N 291 
SER OG  HG   sing N N 292 
SER OXT HXT  sing N N 293 
THR N   CA   sing N N 294 
THR N   H    sing N N 295 
THR N   H2   sing N N 296 
THR CA  C    sing N N 297 
THR CA  CB   sing N N 298 
THR CA  HA   sing N N 299 
THR C   O    doub N N 300 
THR C   OXT  sing N N 301 
THR CB  OG1  sing N N 302 
THR CB  CG2  sing N N 303 
THR CB  HB   sing N N 304 
THR OG1 HG1  sing N N 305 
THR CG2 HG21 sing N N 306 
THR CG2 HG22 sing N N 307 
THR CG2 HG23 sing N N 308 
THR OXT HXT  sing N N 309 
TYR N   CA   sing N N 310 
TYR N   H    sing N N 311 
TYR N   H2   sing N N 312 
TYR CA  C    sing N N 313 
TYR CA  CB   sing N N 314 
TYR CA  HA   sing N N 315 
TYR C   O    doub N N 316 
TYR C   OXT  sing N N 317 
TYR CB  CG   sing N N 318 
TYR CB  HB2  sing N N 319 
TYR CB  HB3  sing N N 320 
TYR CG  CD1  doub Y N 321 
TYR CG  CD2  sing Y N 322 
TYR CD1 CE1  sing Y N 323 
TYR CD1 HD1  sing N N 324 
TYR CD2 CE2  doub Y N 325 
TYR CD2 HD2  sing N N 326 
TYR CE1 CZ   doub Y N 327 
TYR CE1 HE1  sing N N 328 
TYR CE2 CZ   sing Y N 329 
TYR CE2 HE2  sing N N 330 
TYR CZ  OH   sing N N 331 
TYR OH  HH   sing N N 332 
TYR OXT HXT  sing N N 333 
VAL N   CA   sing N N 334 
VAL N   H    sing N N 335 
VAL N   H2   sing N N 336 
VAL CA  C    sing N N 337 
VAL CA  CB   sing N N 338 
VAL CA  HA   sing N N 339 
VAL C   O    doub N N 340 
VAL C   OXT  sing N N 341 
VAL CB  CG1  sing N N 342 
VAL CB  CG2  sing N N 343 
VAL CB  HB   sing N N 344 
VAL CG1 HG11 sing N N 345 
VAL CG1 HG12 sing N N 346 
VAL CG1 HG13 sing N N 347 
VAL CG2 HG21 sing N N 348 
VAL CG2 HG22 sing N N 349 
VAL CG2 HG23 sing N N 350 
VAL OXT HXT  sing N N 351 
# 
_atom_sites.entry_id                    1XEO 
_atom_sites.fract_transf_matrix[1][1]   -0.00611366 
_atom_sites.fract_transf_matrix[1][2]   0.01661943 
_atom_sites.fract_transf_matrix[1][3]   0.01168957 
_atom_sites.fract_transf_matrix[2][1]   0.00876042 
_atom_sites.fract_transf_matrix[2][2]   0.00338458 
_atom_sites.fract_transf_matrix[2][3]   0.01902638 
_atom_sites.fract_transf_matrix[3][1]   0.00316162 
_atom_sites.fract_transf_matrix[3][2]   0.00249972 
_atom_sites.fract_transf_matrix[3][3]   -0.00190039 
_atom_sites.fract_transf_vector[1]      0.245984 
_atom_sites.fract_transf_vector[2]      -0.111362 
_atom_sites.fract_transf_vector[3]      0.130592 
# 
loop_
_atom_type.symbol 
C  
CO 
N  
O  
S  
# 
loop_
_atom_site.group_PDB 
_atom_site.id 
_atom_site.type_symbol 
_atom_site.label_atom_id 
_atom_site.label_alt_id 
_atom_site.label_comp_id 
_atom_site.label_asym_id 
_atom_site.label_entity_id 
_atom_site.label_seq_id 
_atom_site.pdbx_PDB_ins_code 
_atom_site.Cartn_x 
_atom_site.Cartn_y 
_atom_site.Cartn_z 
_atom_site.occupancy 
_atom_site.B_iso_or_equiv 
_atom_site.pdbx_formal_charge 
_atom_site.auth_seq_id 
_atom_site.auth_comp_id 
_atom_site.auth_asym_id 
_atom_site.auth_atom_id 
_atom_site.pdbx_PDB_model_num 
ATOM   1    N  N   . SER A 1 1   ? 18.382  1.560   -0.601  1.00 35.52 ? 1   SER A N   1 
ATOM   2    C  CA  . SER A 1 1   ? 18.448  0.087   -0.852  1.00 33.31 ? 1   SER A CA  1 
ATOM   3    C  C   . SER A 1 1   ? 17.093  -0.510  -1.227  1.00 32.07 ? 1   SER A C   1 
ATOM   4    O  O   . SER A 1 1   ? 16.064  -0.125  -0.674  1.00 31.66 ? 1   SER A O   1 
ATOM   5    C  CB  . SER A 1 1   ? 18.966  -0.647  0.388   1.00 37.65 ? 1   SER A CB  1 
ATOM   6    O  OG  . SER A 1 1   ? 20.210  -0.135  0.833   1.00 41.07 ? 1   SER A OG  1 
ATOM   7    N  N   . VAL A 1 2   ? 17.092  -1.452  -2.168  1.00 28.46 ? 2   VAL A N   1 
ATOM   8    C  CA  . VAL A 1 2   ? 15.855  -2.147  -2.576  1.00 27.20 ? 2   VAL A CA  1 
ATOM   9    C  C   . VAL A 1 2   ? 15.602  -3.243  -1.551  1.00 28.02 ? 2   VAL A C   1 
ATOM   10   O  O   . VAL A 1 2   ? 16.481  -4.080  -1.264  1.00 31.27 ? 2   VAL A O   1 
ATOM   11   C  CB  . VAL A 1 2   ? 15.973  -2.712  -4.006  1.00 25.36 ? 2   VAL A CB  1 
ATOM   12   C  CG1 . VAL A 1 2   ? 14.735  -3.519  -4.391  1.00 29.23 ? 2   VAL A CG1 1 
ATOM   13   C  CG2 . VAL A 1 2   ? 16.141  -1.543  -4.973  1.00 28.10 ? 2   VAL A CG2 1 
ATOM   14   N  N   . LEU A 1 3   ? 14.406  -3.252  -0.992  1.00 24.19 ? 3   LEU A N   1 
ATOM   15   C  CA  . LEU A 1 3   ? 14.017  -4.214  0.028   1.00 23.79 ? 3   LEU A CA  1 
ATOM   16   C  C   . LEU A 1 3   ? 13.210  -5.333  -0.607  1.00 23.10 ? 3   LEU A C   1 
ATOM   17   O  O   . LEU A 1 3   ? 12.645  -5.188  -1.707  1.00 25.74 ? 3   LEU A O   1 
ATOM   18   C  CB  . LEU A 1 3   ? 13.164  -3.521  1.084   1.00 25.60 ? 3   LEU A CB  1 
ATOM   19   C  CG  . LEU A 1 3   ? 13.760  -2.255  1.688   1.00 24.70 ? 3   LEU A CG  1 
ATOM   20   C  CD1 . LEU A 1 3   ? 12.728  -1.617  2.609   1.00 25.89 ? 3   LEU A CD1 1 
ATOM   21   C  CD2 . LEU A 1 3   ? 15.070  -2.587  2.417   1.00 30.56 ? 3   LEU A CD2 1 
ATOM   22   N  N   . GLN A 1 4   ? 13.135  -6.452  0.103   1.00 23.83 ? 4   GLN A N   1 
ATOM   23   C  CA  . GLN A 1 4   ? 12.373  -7.581  -0.382  1.00 22.93 ? 4   GLN A CA  1 
ATOM   24   C  C   . GLN A 1 4   ? 10.888  -7.363  -0.100  1.00 22.61 ? 4   GLN A C   1 
ATOM   25   O  O   . GLN A 1 4   ? 10.527  -7.070  1.017   1.00 22.83 ? 4   GLN A O   1 
ATOM   26   C  CB  . GLN A 1 4   ? 12.793  -8.878  0.318   1.00 27.14 ? 4   GLN A CB  1 
ATOM   27   C  CG  . GLN A 1 4   ? 12.188  -10.098 -0.400  1.00 33.72 ? 4   GLN A CG  1 
ATOM   28   C  CD  . GLN A 1 4   ? 12.587  -11.417 0.227   1.00 40.37 ? 4   GLN A CD  1 
ATOM   29   O  OE1 . GLN A 1 4   ? 12.239  -11.705 1.382   1.00 42.63 ? 4   GLN A OE1 1 
ATOM   30   N  NE2 . GLN A 1 4   ? 13.324  -12.232 -0.533  1.00 44.09 ? 4   GLN A NE2 1 
ATOM   31   N  N   . VAL A 1 5   ? 10.041  -7.557  -1.127  1.00 20.75 ? 5   VAL A N   1 
ATOM   32   C  CA  . VAL A 1 5   ? 8.589   -7.428  -0.970  1.00 19.25 ? 5   VAL A CA  1 
ATOM   33   C  C   . VAL A 1 5   ? 7.992   -8.792  -0.714  1.00 17.44 ? 5   VAL A C   1 
ATOM   34   O  O   . VAL A 1 5   ? 8.255   -9.759  -1.488  1.00 22.17 ? 5   VAL A O   1 
ATOM   35   C  CB  . VAL A 1 5   ? 7.956   -6.801  -2.240  1.00 19.57 ? 5   VAL A CB  1 
ATOM   36   C  CG1 . VAL A 1 5   ? 6.455   -6.699  -2.079  1.00 19.92 ? 5   VAL A CG1 1 
ATOM   37   C  CG2 . VAL A 1 5   ? 8.582   -5.405  -2.482  1.00 21.17 ? 5   VAL A CG2 1 
ATOM   38   N  N   . LEU A 1 6   ? 7.236   -8.931  0.331   1.00 17.41 ? 6   LEU A N   1 
ATOM   39   C  CA  . LEU A 1 6   ? 6.565   -10.180 0.648   1.00 18.92 ? 6   LEU A CA  1 
ATOM   40   C  C   . LEU A 1 6   ? 5.463   -10.481 -0.366  1.00 19.29 ? 6   LEU A C   1 
ATOM   41   O  O   . LEU A 1 6   ? 4.769   -9.568  -0.840  1.00 19.73 ? 6   LEU A O   1 
ATOM   42   C  CB  . LEU A 1 6   ? 5.936   -10.068 2.036   1.00 17.85 ? 6   LEU A CB  1 
ATOM   43   C  CG  . LEU A 1 6   ? 6.851   -9.776  3.223   1.00 20.39 ? 6   LEU A CG  1 
ATOM   44   C  CD1 . LEU A 1 6   ? 5.964   -9.565  4.457   1.00 23.57 ? 6   LEU A CD1 1 
ATOM   45   C  CD2 . LEU A 1 6   ? 7.807   -10.929 3.421   1.00 28.20 ? 6   LEU A CD2 1 
ATOM   46   N  N   . HIS A 1 7   ? 5.263   -11.759 -0.651  1.00 18.47 ? 7   HIS A N   1 
ATOM   47   C  CA  . HIS A 1 7   ? 4.206   -12.226 -1.524  1.00 17.54 ? 7   HIS A CA  1 
ATOM   48   C  C   . HIS A 1 7   ? 3.247   -13.122 -0.803  1.00 18.97 ? 7   HIS A C   1 
ATOM   49   O  O   . HIS A 1 7   ? 3.657   -13.870 0.106   1.00 21.62 ? 7   HIS A O   1 
ATOM   50   C  CB  . HIS A 1 7   ? 4.773   -13.090 -2.679  1.00 20.61 ? 7   HIS A CB  1 
ATOM   51   C  CG  . HIS A 1 7   ? 5.566   -12.330 -3.657  1.00 20.48 ? 7   HIS A CG  1 
ATOM   52   N  ND1 . HIS A 1 7   ? 6.213   -12.937 -4.717  1.00 23.08 ? 7   HIS A ND1 1 
ATOM   53   C  CD2 . HIS A 1 7   ? 5.869   -11.012 -3.736  1.00 22.25 ? 7   HIS A CD2 1 
ATOM   54   C  CE1 . HIS A 1 7   ? 6.894   -12.023 -5.393  1.00 25.01 ? 7   HIS A CE1 1 
ATOM   55   N  NE2 . HIS A 1 7   ? 6.700   -10.844 -4.815  1.00 24.81 ? 7   HIS A NE2 1 
ATOM   56   N  N   . ILE A 1 8   ? 1.975   -13.124 -1.169  1.00 18.60 ? 8   ILE A N   1 
ATOM   57   C  CA  . ILE A 1 8   ? 1.050   -14.092 -0.586  1.00 20.79 ? 8   ILE A CA  1 
ATOM   58   C  C   . ILE A 1 8   ? 1.572   -15.492 -0.929  1.00 21.30 ? 8   ILE A C   1 
ATOM   59   O  O   . ILE A 1 8   ? 2.196   -15.694 -1.978  1.00 21.48 ? 8   ILE A O   1 
ATOM   60   C  CB  . ILE A 1 8   ? -0.388  -13.920 -1.078  1.00 17.97 ? 8   ILE A CB  1 
ATOM   61   C  CG1 . ILE A 1 8   ? -0.472  -14.025 -2.600  1.00 19.41 ? 8   ILE A CG1 1 
ATOM   62   C  CG2 . ILE A 1 8   ? -0.952  -12.581 -0.569  1.00 20.56 ? 8   ILE A CG2 1 
ATOM   63   C  CD1 . ILE A 1 8   ? -1.965  -14.181 -3.116  1.00 19.43 ? 8   ILE A CD1 1 
ATOM   64   N  N   . PRO A 1 9   ? 1.231   -16.467 -0.039  1.00 24.54 ? 9   PRO A N   1 
ATOM   65   C  CA  . PRO A 1 9   ? 0.418   -16.377 1.198   1.00 22.96 ? 9   PRO A CA  1 
ATOM   66   C  C   . PRO A 1 9   ? 1.079   -16.098 2.578   1.00 25.65 ? 9   PRO A C   1 
ATOM   67   O  O   . PRO A 1 9   ? 0.603   -16.571 3.627   1.00 29.81 ? 9   PRO A O   1 
ATOM   68   C  CB  . PRO A 1 9   ? -0.272  -17.745 1.216   1.00 24.23 ? 9   PRO A CB  1 
ATOM   69   C  CG  . PRO A 1 9   ? 0.861   -18.604 0.770   1.00 25.68 ? 9   PRO A CG  1 
ATOM   70   C  CD  . PRO A 1 9   ? 1.517   -17.877 -0.385  1.00 28.25 ? 9   PRO A CD  1 
ATOM   71   N  N   . ASP A 1 10  ? 2.114   -15.341 2.568   1.00 21.18 ? 10  ASP A N   1 
ATOM   72   C  CA  . ASP A 1 10  ? 2.882   -14.972 3.742   1.00 20.77 ? 10  ASP A CA  1 
ATOM   73   C  C   . ASP A 1 10  ? 2.032   -14.353 4.861   1.00 19.68 ? 10  ASP A C   1 
ATOM   74   O  O   . ASP A 1 10  ? 1.421   -13.268 4.686   1.00 19.53 ? 10  ASP A O   1 
ATOM   75   C  CB  . ASP A 1 10  ? 3.954   -13.980 3.291   1.00 19.93 ? 10  ASP A CB  1 
ATOM   76   C  CG  . ASP A 1 10  ? 5.154   -13.941 4.229   1.00 21.41 ? 10  ASP A CG  1 
ATOM   77   O  OD1 . ASP A 1 10  ? 4.972   -13.785 5.479   1.00 22.03 ? 10  ASP A OD1 1 
ATOM   78   O  OD2 . ASP A 1 10  ? 6.279   -14.085 3.692   1.00 30.20 ? 10  ASP A OD2 1 
ATOM   79   N  N   . GLU A 1 11  ? 2.040   -14.945 6.052   1.00 18.47 ? 11  GLU A N   1 
ATOM   80   C  CA  . GLU A 1 11  ? 1.274   -14.420 7.170   1.00 18.30 ? 11  GLU A CA  1 
ATOM   81   C  C   . GLU A 1 11  ? 1.761   -13.086 7.705   1.00 16.27 ? 11  GLU A C   1 
ATOM   82   O  O   . GLU A 1 11  ? 0.972   -12.406 8.397   1.00 19.36 ? 11  GLU A O   1 
ATOM   83   C  CB  . GLU A 1 11  ? 1.231   -15.444 8.312   1.00 18.90 ? 11  GLU A CB  1 
ATOM   84   C  CG  . GLU A 1 11  ? 0.356   -16.690 8.043   1.00 24.66 ? 11  GLU A CG  1 
ATOM   85   C  CD  . GLU A 1 11  ? -1.107  -16.340 7.815   1.00 28.04 ? 11  GLU A CD  1 
ATOM   86   O  OE1 . GLU A 1 11  ? -1.630  -15.368 8.413   1.00 27.79 ? 11  GLU A OE1 1 
ATOM   87   O  OE2 . GLU A 1 11  ? -1.761  -17.058 7.012   1.00 40.83 ? 11  GLU A OE2 1 
ATOM   88   N  N   . ARG A 1 12  ? 2.970   -12.713 7.405   1.00 17.16 ? 12  ARG A N   1 
ATOM   89   C  CA  . ARG A 1 12  ? 3.440   -11.391 7.820   1.00 18.14 ? 12  ARG A CA  1 
ATOM   90   C  C   . ARG A 1 12  ? 2.637   -10.260 7.128   1.00 18.46 ? 12  ARG A C   1 
ATOM   91   O  O   . ARG A 1 12  ? 2.573   -9.129  7.665   1.00 19.20 ? 12  ARG A O   1 
ATOM   92   C  CB  . ARG A 1 12  ? 4.918   -11.265 7.543   1.00 18.53 ? 12  ARG A CB  1 
ATOM   93   C  CG  . ARG A 1 12  ? 5.729   -12.175 8.506   1.00 20.81 ? 12  ARG A CG  1 
ATOM   94   C  CD  . ARG A 1 12  ? 7.166   -12.270 8.121   1.00 21.32 ? 12  ARG A CD  1 
ATOM   95   N  NE  . ARG A 1 12  ? 7.362   -12.984 6.851   1.00 23.28 ? 12  ARG A NE  1 
ATOM   96   C  CZ  . ARG A 1 12  ? 8.554   -13.211 6.306   1.00 24.55 ? 12  ARG A CZ  1 
ATOM   97   N  NH1 . ARG A 1 12  ? 9.652   -12.762 6.928   1.00 27.67 ? 12  ARG A NH1 1 
ATOM   98   N  NH2 . ARG A 1 12  ? 8.664   -13.902 5.180   1.00 25.82 ? 12  ARG A NH2 1 
ATOM   99   N  N   . LEU A 1 13  ? 2.002   -10.558 5.984   1.00 17.38 ? 13  LEU A N   1 
ATOM   100  C  CA  . LEU A 1 13  ? 1.165   -9.552  5.311   1.00 16.05 ? 13  LEU A CA  1 
ATOM   101  C  C   . LEU A 1 13  ? -0.103  -9.314  6.054   1.00 18.07 ? 13  LEU A C   1 
ATOM   102  O  O   . LEU A 1 13  ? -0.841  -8.372  5.700   1.00 18.41 ? 13  LEU A O   1 
ATOM   103  C  CB  . LEU A 1 13  ? 0.885   -10.009 3.879   1.00 16.08 ? 13  LEU A CB  1 
ATOM   104  C  CG  . LEU A 1 13  ? 2.058   -9.919  2.932   1.00 16.95 ? 13  LEU A CG  1 
ATOM   105  C  CD1 . LEU A 1 13  ? 1.753   -10.677 1.652   1.00 17.53 ? 13  LEU A CD1 1 
ATOM   106  C  CD2 . LEU A 1 13  ? 2.344   -8.464  2.596   1.00 18.18 ? 13  LEU A CD2 1 
ATOM   107  N  N   . ARG A 1 14  ? -0.415  -10.136 7.061   1.00 17.52 ? 14  ARG A N   1 
ATOM   108  C  CA  . ARG A 1 14  ? -1.642  -10.018 7.809   1.00 19.10 ? 14  ARG A CA  1 
ATOM   109  C  C   . ARG A 1 14  ? -1.464  -9.353  9.186   1.00 17.96 ? 14  ARG A C   1 
ATOM   110  O  O   . ARG A 1 14  ? -2.409  -9.228  9.938   1.00 21.23 ? 14  ARG A O   1 
ATOM   111  C  CB  . ARG A 1 14  ? -2.277  -11.410 8.010   1.00 20.57 ? 14  ARG A CB  1 
ATOM   112  C  CG  . ARG A 1 14  ? -2.565  -12.158 6.757   1.00 24.22 ? 14  ARG A CG  1 
ATOM   113  C  CD  . ARG A 1 14  ? -3.487  -11.360 5.906   1.00 22.84 ? 14  ARG A CD  1 
ATOM   114  N  NE  . ARG A 1 14  ? -4.040  -12.070 4.750   1.00 25.79 ? 14  ARG A NE  1 
ATOM   115  C  CZ  . ARG A 1 14  ? -5.061  -11.556 4.058   1.00 22.68 ? 14  ARG A CZ  1 
ATOM   116  N  NH1 . ARG A 1 14  ? -5.566  -10.383 4.419   1.00 21.65 ? 14  ARG A NH1 1 
ATOM   117  N  NH2 . ARG A 1 14  ? -5.603  -12.215 3.023   1.00 22.25 ? 14  ARG A NH2 1 
ATOM   118  N  N   . LYS A 1 15  ? -0.282  -8.839  9.421   1.00 19.42 ? 15  LYS A N   1 
ATOM   119  C  CA  . LYS A 1 15  ? 0.016   -8.189  10.708  1.00 18.38 ? 15  LYS A CA  1 
ATOM   120  C  C   . LYS A 1 15  ? -0.471  -6.736  10.699  1.00 19.39 ? 15  LYS A C   1 
ATOM   121  O  O   . LYS A 1 15  ? -0.414  -6.015  9.662   1.00 18.87 ? 15  LYS A O   1 
ATOM   122  C  CB  . LYS A 1 15  ? 1.498   -8.224  10.962  1.00 19.40 ? 15  LYS A CB  1 
ATOM   123  C  CG  . LYS A 1 15  ? 2.054   -9.668  11.169  1.00 23.36 ? 15  LYS A CG  1 
ATOM   124  C  CD  . LYS A 1 15  ? 3.581   -9.663  11.326  1.00 26.02 ? 15  LYS A CD  1 
ATOM   125  C  CE  . LYS A 1 15  ? 4.065   -8.946  12.521  1.00 29.90 ? 15  LYS A CE  1 
ATOM   126  N  NZ  . LYS A 1 15  ? 5.395   -9.567  12.668  1.00 33.07 ? 15  LYS A NZ  1 
ATOM   127  N  N   . VAL A 1 16  ? -0.924  -6.282  11.853  1.00 18.25 ? 16  VAL A N   1 
ATOM   128  C  CA  . VAL A 1 16  ? -1.422  -4.905  12.053  1.00 18.13 ? 16  VAL A CA  1 
ATOM   129  C  C   . VAL A 1 16  ? -0.253  -4.018  12.483  1.00 19.01 ? 16  VAL A C   1 
ATOM   130  O  O   . VAL A 1 16  ? 0.366   -4.229  13.552  1.00 20.76 ? 16  VAL A O   1 
ATOM   131  C  CB  . VAL A 1 16  ? -2.484  -4.895  13.108  1.00 19.11 ? 16  VAL A CB  1 
ATOM   132  C  CG1 . VAL A 1 16  ? -2.895  -3.452  13.388  1.00 20.86 ? 16  VAL A CG1 1 
ATOM   133  C  CG2 . VAL A 1 16  ? -3.682  -5.705  12.623  1.00 20.87 ? 16  VAL A CG2 1 
ATOM   134  N  N   . ALA A 1 17  ? 0.100   -3.024  11.687  1.00 18.00 ? 17  ALA A N   1 
ATOM   135  C  CA  . ALA A 1 17  ? 1.229   -2.139  11.959  1.00 16.61 ? 17  ALA A CA  1 
ATOM   136  C  C   . ALA A 1 17  ? 0.977   -1.238  13.163  1.00 16.88 ? 17  ALA A C   1 
ATOM   137  O  O   . ALA A 1 17  ? -0.145  -0.810  13.428  1.00 18.16 ? 17  ALA A O   1 
ATOM   138  C  CB  . ALA A 1 17  ? 1.501   -1.293  10.768  1.00 16.56 ? 17  ALA A CB  1 
ATOM   139  N  N   . LYS A 1 18  ? 2.072   -1.018  13.915  1.00 18.76 ? 18  LYS A N   1 
ATOM   140  C  CA  . LYS A 1 18  ? 1.954   -0.095  15.049  1.00 18.81 ? 18  LYS A CA  1 
ATOM   141  C  C   . LYS A 1 18  ? 2.224   1.329   14.543  1.00 17.56 ? 18  LYS A C   1 
ATOM   142  O  O   . LYS A 1 18  ? 2.919   1.533   13.547  1.00 17.83 ? 18  LYS A O   1 
ATOM   143  C  CB  . LYS A 1 18  ? 2.987   -0.457  16.120  1.00 22.03 ? 18  LYS A CB  1 
ATOM   144  C  CG  . LYS A 1 18  ? 4.392   -0.231  15.750  1.00 24.16 ? 18  LYS A CG  1 
ATOM   145  C  CD  . LYS A 1 18  ? 5.328   -0.510  16.965  1.00 31.60 ? 18  LYS A CD  1 
ATOM   146  C  CE  . LYS A 1 18  ? 6.789   -0.434  16.551  1.00 32.27 ? 18  LYS A CE  1 
ATOM   147  N  NZ  . LYS A 1 18  ? 7.680   -0.922  17.689  1.00 39.46 ? 18  LYS A NZ  1 
ATOM   148  N  N   . PRO A 1 19  ? 1.722   2.328   15.269  1.00 18.45 ? 19  PRO A N   1 
ATOM   149  C  CA  . PRO A 1 19  ? 1.956   3.720   14.873  1.00 18.55 ? 19  PRO A CA  1 
ATOM   150  C  C   . PRO A 1 19  ? 3.460   4.017   15.028  1.00 18.12 ? 19  PRO A C   1 
ATOM   151  O  O   . PRO A 1 19  ? 4.170   3.428   15.904  1.00 20.11 ? 19  PRO A O   1 
ATOM   152  C  CB  . PRO A 1 19  ? 1.159   4.517   15.886  1.00 21.28 ? 19  PRO A CB  1 
ATOM   153  C  CG  . PRO A 1 19  ? 0.097   3.583   16.351  1.00 24.79 ? 19  PRO A CG  1 
ATOM   154  C  CD  . PRO A 1 19  ? 0.741   2.208   16.363  1.00 20.30 ? 19  PRO A CD  1 
ATOM   155  N  N   . VAL A 1 20  ? 4.003   4.889   14.193  1.00 18.22 ? 20  VAL A N   1 
ATOM   156  C  CA  . VAL A 1 20  ? 5.355   5.353   14.315  1.00 17.94 ? 20  VAL A CA  1 
ATOM   157  C  C   . VAL A 1 20  ? 5.354   6.290   15.555  1.00 19.04 ? 20  VAL A C   1 
ATOM   158  O  O   . VAL A 1 20  ? 4.513   7.165   15.694  1.00 20.87 ? 20  VAL A O   1 
ATOM   159  C  CB  . VAL A 1 20  ? 5.754   6.164   13.077  1.00 17.51 ? 20  VAL A CB  1 
ATOM   160  C  CG1 . VAL A 1 20  ? 7.068   6.906   13.318  1.00 18.47 ? 20  VAL A CG1 1 
ATOM   161  C  CG2 . VAL A 1 20  ? 5.920   5.190   11.872  1.00 17.80 ? 20  VAL A CG2 1 
ATOM   162  N  N   . GLU A 1 21  ? 6.326   6.085   16.439  1.00 20.61 ? 21  GLU A N   1 
ATOM   163  C  CA  . GLU A 1 21  ? 6.440   6.899   17.664  1.00 23.09 ? 21  GLU A CA  1 
ATOM   164  C  C   . GLU A 1 21  ? 7.025   8.272   17.389  1.00 22.34 ? 21  GLU A C   1 
ATOM   165  O  O   . GLU A 1 21  ? 6.503   9.252   17.897  1.00 25.56 ? 21  GLU A O   1 
ATOM   166  C  CB  . GLU A 1 21  ? 7.328   6.165   18.694  1.00 25.88 ? 21  GLU A CB  1 
ATOM   167  C  CG  . GLU A 1 21  ? 6.734   4.868   19.205  1.00 33.60 ? 21  GLU A CG  1 
ATOM   168  C  CD  . GLU A 1 21  ? 5.435   5.048   19.988  1.00 37.37 ? 21  GLU A CD  1 
ATOM   169  O  OE1 . GLU A 1 21  ? 5.002   6.204   20.222  1.00 45.90 ? 21  GLU A OE1 1 
ATOM   170  O  OE2 . GLU A 1 21  ? 4.840   4.019   20.387  1.00 43.34 ? 21  GLU A OE2 1 
ATOM   171  N  N   . GLU A 1 22  ? 8.060   8.356   16.583  1.00 21.37 ? 22  GLU A N   1 
ATOM   172  C  CA  . GLU A 1 22  ? 8.679   9.605   16.254  1.00 20.81 ? 22  GLU A CA  1 
ATOM   173  C  C   . GLU A 1 22  ? 9.283   9.515   14.867  1.00 21.15 ? 22  GLU A C   1 
ATOM   174  O  O   . GLU A 1 22  ? 9.920   8.511   14.530  1.00 22.68 ? 22  GLU A O   1 
ATOM   175  C  CB  . GLU A 1 22  ? 9.786   9.901   17.294  1.00 27.34 ? 22  GLU A CB  1 
ATOM   176  C  CG  . GLU A 1 22  ? 10.569  11.155  17.019  1.00 35.73 ? 22  GLU A CG  1 
ATOM   177  C  CD  . GLU A 1 22  ? 11.607  11.452  18.094  1.00 43.43 ? 22  GLU A CD  1 
ATOM   178  O  OE1 . GLU A 1 22  ? 12.533  10.625  18.284  1.00 46.63 ? 22  GLU A OE1 1 
ATOM   179  O  OE2 . GLU A 1 22  ? 11.497  12.518  18.753  1.00 47.44 ? 22  GLU A OE2 1 
ATOM   180  N  N   . VAL A 1 23  ? 9.125   10.565  14.088  1.00 20.50 ? 23  VAL A N   1 
ATOM   181  C  CA  . VAL A 1 23  ? 9.726   10.565  12.753  1.00 19.46 ? 23  VAL A CA  1 
ATOM   182  C  C   . VAL A 1 23  ? 11.161  11.063  12.918  1.00 23.02 ? 23  VAL A C   1 
ATOM   183  O  O   . VAL A 1 23  ? 11.421  12.271  12.985  1.00 27.60 ? 23  VAL A O   1 
ATOM   184  C  CB  . VAL A 1 23  ? 8.944   11.448  11.786  1.00 20.47 ? 23  VAL A CB  1 
ATOM   185  C  CG1 . VAL A 1 23  ? 9.609   11.398  10.437  1.00 23.29 ? 23  VAL A CG1 1 
ATOM   186  C  CG2 . VAL A 1 23  ? 7.474   10.999  11.723  1.00 20.95 ? 23  VAL A CG2 1 
ATOM   187  N  N   . ASN A 1 24  ? 12.089  10.128  12.987  1.00 21.48 ? 24  ASN A N   1 
ATOM   188  C  CA  . ASN A 1 24  ? 13.497  10.417  13.157  1.00 22.53 ? 24  ASN A CA  1 
ATOM   189  C  C   . ASN A 1 24  ? 14.297  9.962   11.939  1.00 22.39 ? 24  ASN A C   1 
ATOM   190  O  O   . ASN A 1 24  ? 13.712  9.557   10.914  1.00 21.57 ? 24  ASN A O   1 
ATOM   191  C  CB  . ASN A 1 24  ? 14.012  9.726   14.407  1.00 23.79 ? 24  ASN A CB  1 
ATOM   192  C  CG  . ASN A 1 24  ? 13.726  8.253   14.424  1.00 24.73 ? 24  ASN A CG  1 
ATOM   193  O  OD1 . ASN A 1 24  ? 13.663  7.578   13.359  1.00 23.37 ? 24  ASN A OD1 1 
ATOM   194  N  ND2 . ASN A 1 24  ? 13.550  7.702   15.637  1.00 28.50 ? 24  ASN A ND2 1 
ATOM   195  N  N   . ALA A 1 25  ? 15.621  9.988   11.997  1.00 22.62 ? 25  ALA A N   1 
ATOM   196  C  CA  . ALA A 1 25  ? 16.433  9.604   10.849  1.00 23.62 ? 25  ALA A CA  1 
ATOM   197  C  C   . ALA A 1 25  ? 16.192  8.173   10.395  1.00 22.15 ? 25  ALA A C   1 
ATOM   198  O  O   . ALA A 1 25  ? 16.235  7.898   9.179   1.00 23.18 ? 25  ALA A O   1 
ATOM   199  C  CB  . ALA A 1 25  ? 17.949  9.803   11.167  1.00 25.67 ? 25  ALA A CB  1 
ATOM   200  N  N   . GLU A 1 26  ? 15.962  7.275   11.335  1.00 20.56 ? 26  GLU A N   1 
ATOM   201  C  CA  . GLU A 1 26  ? 15.706  5.886   11.021  1.00 22.89 ? 26  GLU A CA  1 
ATOM   202  C  C   . GLU A 1 26  ? 14.417  5.754   10.185  1.00 19.79 ? 26  GLU A C   1 
ATOM   203  O  O   . GLU A 1 26  ? 14.376  5.023   9.186   1.00 20.44 ? 26  GLU A O   1 
ATOM   204  C  CB  . GLU A 1 26  ? 15.608  5.079   12.320  1.00 25.06 ? 26  GLU A CB  1 
ATOM   205  C  CG  . GLU A 1 26  ? 15.183  3.648   12.190  1.00 33.96 ? 26  GLU A CG  1 
ATOM   206  C  CD  . GLU A 1 26  ? 16.137  2.823   11.377  1.00 42.94 ? 26  GLU A CD  1 
ATOM   207  O  OE1 . GLU A 1 26  ? 16.332  3.136   10.175  1.00 47.21 ? 26  GLU A OE1 1 
ATOM   208  O  OE2 . GLU A 1 26  ? 16.691  1.847   11.944  1.00 48.64 ? 26  GLU A OE2 1 
ATOM   209  N  N   . ILE A 1 27  ? 13.374  6.442   10.603  1.00 19.38 ? 27  ILE A N   1 
ATOM   210  C  CA  . ILE A 1 27  ? 12.116  6.398   9.839   1.00 17.50 ? 27  ILE A CA  1 
ATOM   211  C  C   . ILE A 1 27  ? 12.344  7.040   8.471   1.00 18.15 ? 27  ILE A C   1 
ATOM   212  O  O   . ILE A 1 27  ? 11.827  6.514   7.444   1.00 17.75 ? 27  ILE A O   1 
ATOM   213  C  CB  . ILE A 1 27  ? 11.044  7.152   10.595  1.00 18.52 ? 27  ILE A CB  1 
ATOM   214  C  CG1 . ILE A 1 27  ? 10.748  6.467   11.933  1.00 19.66 ? 27  ILE A CG1 1 
ATOM   215  C  CG2 . ILE A 1 27  ? 9.747   7.236   9.742   1.00 18.54 ? 27  ILE A CG2 1 
ATOM   216  C  CD1 . ILE A 1 27  ? 10.335  5.027   11.864  1.00 20.61 ? 27  ILE A CD1 1 
ATOM   217  N  N   . GLN A 1 28  ? 13.131  8.097   8.341   1.00 16.62 ? 28  GLN A N   1 
ATOM   218  C  CA  . GLN A 1 28  ? 13.389  8.690   7.054   1.00 17.78 ? 28  GLN A CA  1 
ATOM   219  C  C   . GLN A 1 28  ? 14.123  7.714   6.155   1.00 19.63 ? 28  GLN A C   1 
ATOM   220  O  O   . GLN A 1 28  ? 13.863  7.684   4.937   1.00 19.19 ? 28  GLN A O   1 
ATOM   221  C  CB  . GLN A 1 28  ? 14.163  9.998   7.203   1.00 17.54 ? 28  GLN A CB  1 
ATOM   222  C  CG  . GLN A 1 28  ? 13.328  11.025  7.946   1.00 19.36 ? 28  GLN A CG  1 
ATOM   223  C  CD  . GLN A 1 28  ? 14.014  12.372  7.987   1.00 22.84 ? 28  GLN A CD  1 
ATOM   224  O  OE1 . GLN A 1 28  ? 15.248  12.449  8.044   1.00 24.76 ? 28  GLN A OE1 1 
ATOM   225  N  NE2 . GLN A 1 28  ? 13.236  13.451  7.956   1.00 21.35 ? 28  GLN A NE2 1 
ATOM   226  N  N   . ARG A 1 29  ? 15.059  6.933   6.709   1.00 18.53 ? 29  ARG A N   1 
ATOM   227  C  CA  . ARG A 1 29  ? 15.763  5.944   5.905   1.00 20.52 ? 29  ARG A CA  1 
ATOM   228  C  C   . ARG A 1 29  ? 14.767  4.889   5.415   1.00 18.75 ? 29  ARG A C   1 
ATOM   229  O  O   . ARG A 1 29  ? 14.893  4.449   4.258   1.00 19.25 ? 29  ARG A O   1 
ATOM   230  C  CB  . ARG A 1 29  ? 16.878  5.288   6.747   1.00 20.95 ? 29  ARG A CB  1 
ATOM   231  C  CG  . ARG A 1 29  ? 18.126  6.142   6.770   1.00 33.73 ? 29  ARG A CG  1 
ATOM   232  C  CD  . ARG A 1 29  ? 19.310  5.440   7.404   1.00 36.49 ? 29  ARG A CD  1 
ATOM   233  N  NE  . ARG A 1 29  ? 19.947  6.306   8.394   1.00 41.63 ? 29  ARG A NE  1 
ATOM   234  C  CZ  . ARG A 1 29  ? 19.674  6.285   9.697   1.00 37.78 ? 29  ARG A CZ  1 
ATOM   235  N  NH1 . ARG A 1 29  ? 18.779  5.437   10.185  1.00 43.48 ? 29  ARG A NH1 1 
ATOM   236  N  NH2 . ARG A 1 29  ? 20.299  7.112   10.519  1.00 44.44 ? 29  ARG A NH2 1 
ATOM   237  N  N   . ILE A 1 30  ? 13.850  4.464   6.262   1.00 17.86 ? 30  ILE A N   1 
ATOM   238  C  CA  . ILE A 1 30  ? 12.850  3.477   5.831   1.00 17.56 ? 30  ILE A CA  1 
ATOM   239  C  C   . ILE A 1 30  ? 12.001  4.066   4.705   1.00 17.31 ? 30  ILE A C   1 
ATOM   240  O  O   . ILE A 1 30  ? 11.740  3.367   3.695   1.00 17.22 ? 30  ILE A O   1 
ATOM   241  C  CB  . ILE A 1 30  ? 11.957  3.076   6.989   1.00 18.39 ? 30  ILE A CB  1 
ATOM   242  C  CG1 . ILE A 1 30  ? 12.784  2.232   7.996   1.00 19.66 ? 30  ILE A CG1 1 
ATOM   243  C  CG2 . ILE A 1 30  ? 10.680  2.305   6.438   1.00 18.71 ? 30  ILE A CG2 1 
ATOM   244  C  CD1 . ILE A 1 30  ? 12.052  2.050   9.341   1.00 23.20 ? 30  ILE A CD1 1 
ATOM   245  N  N   . VAL A 1 31  ? 11.589  5.334   4.813   1.00 16.62 ? 31  VAL A N   1 
ATOM   246  C  CA  . VAL A 1 31  ? 10.785  5.946   3.747   1.00 15.79 ? 31  VAL A CA  1 
ATOM   247  C  C   . VAL A 1 31  ? 11.582  5.960   2.463   1.00 16.54 ? 31  VAL A C   1 
ATOM   248  O  O   . VAL A 1 31  ? 11.055  5.625   1.382   1.00 16.36 ? 31  VAL A O   1 
ATOM   249  C  CB  . VAL A 1 31  ? 10.405  7.390   4.148   1.00 15.49 ? 31  VAL A CB  1 
ATOM   250  C  CG1 . VAL A 1 31  ? 9.940   8.227   2.952   1.00 17.29 ? 31  VAL A CG1 1 
ATOM   251  C  CG2 . VAL A 1 31  ? 9.336   7.357   5.242   1.00 17.42 ? 31  VAL A CG2 1 
ATOM   252  N  N   . ASP A 1 32  ? 12.856  6.346   2.531   1.00 16.64 ? 32  ASP A N   1 
ATOM   253  C  CA  . ASP A 1 32  ? 13.669  6.384   1.315   1.00 16.91 ? 32  ASP A CA  1 
ATOM   254  C  C   . ASP A 1 32  ? 13.895  4.988   0.687   1.00 17.31 ? 32  ASP A C   1 
ATOM   255  O  O   . ASP A 1 32  ? 13.798  4.862   -0.562  1.00 17.53 ? 32  ASP A O   1 
ATOM   256  C  CB  . ASP A 1 32  ? 14.989  7.099   1.579   1.00 18.19 ? 32  ASP A CB  1 
ATOM   257  C  CG  . ASP A 1 32  ? 14.816  8.535   2.043   1.00 19.87 ? 32  ASP A CG  1 
ATOM   258  O  OD1 . ASP A 1 32  ? 13.708  9.117   1.885   1.00 19.16 ? 32  ASP A OD1 1 
ATOM   259  O  OD2 . ASP A 1 32  ? 15.852  9.081   2.562   1.00 23.78 ? 32  ASP A OD2 1 
ATOM   260  N  N   . ASP A 1 33  ? 14.100  3.983   1.513   1.00 17.26 ? 33  ASP A N   1 
ATOM   261  C  CA  . ASP A 1 33  ? 14.291  2.638   0.976   1.00 18.34 ? 33  ASP A CA  1 
ATOM   262  C  C   . ASP A 1 33  ? 12.946  2.148   0.397   1.00 18.52 ? 33  ASP A C   1 
ATOM   263  O  O   . ASP A 1 33  ? 12.953  1.396   -0.602  1.00 18.12 ? 33  ASP A O   1 
ATOM   264  C  CB  . ASP A 1 33  ? 14.767  1.696   2.091   1.00 19.58 ? 33  ASP A CB  1 
ATOM   265  C  CG  . ASP A 1 33  ? 16.242  1.872   2.456   1.00 23.26 ? 33  ASP A CG  1 
ATOM   266  O  OD1 . ASP A 1 33  ? 16.975  2.553   1.734   1.00 26.05 ? 33  ASP A OD1 1 
ATOM   267  O  OD2 . ASP A 1 33  ? 16.613  1.292   3.499   1.00 31.32 ? 33  ASP A OD2 1 
ATOM   268  N  N   . MET A 1 34  ? 11.820  2.539   0.996   1.00 16.77 ? 34  MET A N   1 
ATOM   269  C  CA  . MET A 1 34  ? 10.512  2.158   0.457   1.00 15.94 ? 34  MET A CA  1 
ATOM   270  C  C   . MET A 1 34  ? 10.291  2.802   -0.892  1.00 15.98 ? 34  MET A C   1 
ATOM   271  O  O   . MET A 1 34  ? 9.796   2.101   -1.797  1.00 16.80 ? 34  MET A O   1 
ATOM   272  C  CB  . MET A 1 34  ? 9.403   2.529   1.432   1.00 16.00 ? 34  MET A CB  1 
ATOM   273  C  CG  . MET A 1 34  ? 9.363   1.576   2.621   1.00 17.39 ? 34  MET A CG  1 
ATOM   274  S  SD  . MET A 1 34  ? 8.111   2.037   3.858   1.00 17.24 ? 34  MET A SD  1 
ATOM   275  C  CE  . MET A 1 34  ? 6.607   1.943   2.867   1.00 17.33 ? 34  MET A CE  1 
ATOM   276  N  N   . PHE A 1 35  ? 10.638  4.067   -1.090  1.00 14.88 ? 35  PHE A N   1 
ATOM   277  C  CA  . PHE A 1 35  ? 10.489  4.639   -2.416  1.00 16.82 ? 35  PHE A CA  1 
ATOM   278  C  C   . PHE A 1 35  ? 11.398  3.920   -3.402  1.00 16.87 ? 35  PHE A C   1 
ATOM   279  O  O   . PHE A 1 35  ? 10.958  3.650   -4.549  1.00 17.82 ? 35  PHE A O   1 
ATOM   280  C  CB  . PHE A 1 35  ? 10.793  6.153   -2.423  1.00 17.87 ? 35  PHE A CB  1 
ATOM   281  C  CG  . PHE A 1 35  ? 9.584   6.997   -2.172  1.00 16.75 ? 35  PHE A CG  1 
ATOM   282  C  CD1 . PHE A 1 35  ? 9.480   7.690   -0.973  1.00 17.36 ? 35  PHE A CD1 1 
ATOM   283  C  CD2 . PHE A 1 35  ? 8.565   7.114   -3.112  1.00 17.80 ? 35  PHE A CD2 1 
ATOM   284  C  CE1 . PHE A 1 35  ? 8.362   8.479   -0.744  1.00 18.43 ? 35  PHE A CE1 1 
ATOM   285  C  CE2 . PHE A 1 35  ? 7.427   7.915   -2.860  1.00 18.79 ? 35  PHE A CE2 1 
ATOM   286  C  CZ  . PHE A 1 35  ? 7.360   8.579   -1.668  1.00 17.14 ? 35  PHE A CZ  1 
ATOM   287  N  N   . GLU A 1 36  ? 12.644  3.626   -3.016  1.00 16.58 ? 36  GLU A N   1 
ATOM   288  C  CA  . GLU A 1 36  ? 13.580  2.971   -3.958  1.00 19.04 ? 36  GLU A CA  1 
ATOM   289  C  C   . GLU A 1 36  ? 12.975  1.610   -4.370  1.00 18.44 ? 36  GLU A C   1 
ATOM   290  O  O   . GLU A 1 36  ? 13.025  1.238   -5.572  1.00 18.23 ? 36  GLU A O   1 
ATOM   291  C  CB  . GLU A 1 36  ? 14.931  2.746   -3.288  1.00 21.99 ? 36  GLU A CB  1 
ATOM   292  C  CG  . GLU A 1 36  ? 15.994  2.325   -4.255  1.00 27.02 ? 36  GLU A CG  1 
ATOM   293  C  CD  . GLU A 1 36  ? 17.413  2.357   -3.643  1.00 33.35 ? 36  GLU A CD  1 
ATOM   294  O  OE1 . GLU A 1 36  ? 17.699  3.178   -2.732  1.00 36.31 ? 36  GLU A OE1 1 
ATOM   295  O  OE2 . GLU A 1 36  ? 18.248  1.543   -4.109  1.00 39.47 ? 36  GLU A OE2 1 
ATOM   296  N  N   . THR A 1 37  ? 12.414  0.885   -3.422  1.00 17.17 ? 37  THR A N   1 
ATOM   297  C  CA  . THR A 1 37  ? 11.798  -0.410  -3.689  1.00 18.06 ? 37  THR A CA  1 
ATOM   298  C  C   . THR A 1 37  ? 10.590  -0.258  -4.591  1.00 18.58 ? 37  THR A C   1 
ATOM   299  O  O   . THR A 1 37  ? 10.439  -0.997  -5.597  1.00 19.58 ? 37  THR A O   1 
ATOM   300  C  CB  . THR A 1 37  ? 11.418  -1.069  -2.353  1.00 17.09 ? 37  THR A CB  1 
ATOM   301  O  OG1 . THR A 1 37  ? 12.610  -1.207  -1.553  1.00 19.64 ? 37  THR A OG1 1 
ATOM   302  C  CG2 . THR A 1 37  ? 10.807  -2.447  -2.544  1.00 17.94 ? 37  THR A CG2 1 
ATOM   303  N  N   . MET A 1 38  ? 9.684   0.664   -4.266  1.00 16.45 ? 38  MET A N   1 
ATOM   304  C  CA  . MET A 1 38  ? 8.489   0.884   -5.049  1.00 15.70 ? 38  MET A CA  1 
ATOM   305  C  C   . MET A 1 38  ? 8.832   1.195   -6.496  1.00 17.15 ? 38  MET A C   1 
ATOM   306  O  O   . MET A 1 38  ? 8.237   0.595   -7.434  1.00 18.03 ? 38  MET A O   1 
ATOM   307  C  CB  . MET A 1 38  ? 7.699   2.018   -4.418  1.00 15.70 ? 38  MET A CB  1 
ATOM   308  C  CG  . MET A 1 38  ? 6.386   2.301   -5.162  1.00 17.15 ? 38  MET A CG  1 
ATOM   309  S  SD  . MET A 1 38  ? 5.680   3.921   -4.682  1.00 18.73 ? 38  MET A SD  1 
ATOM   310  C  CE  . MET A 1 38  ? 6.659   4.941   -5.746  1.00 21.52 ? 38  MET A CE  1 
ATOM   311  N  N   . TYR A 1 39  ? 9.774   2.088   -6.737  1.00 16.41 ? 39  TYR A N   1 
ATOM   312  C  CA  . TYR A 1 39  ? 10.128  2.421   -8.121  1.00 18.71 ? 39  TYR A CA  1 
ATOM   313  C  C   . TYR A 1 39  ? 10.832  1.251   -8.796  1.00 20.10 ? 39  TYR A C   1 
ATOM   314  O  O   . TYR A 1 39  ? 10.563  0.999   -9.979  1.00 22.47 ? 39  TYR A O   1 
ATOM   315  C  CB  . TYR A 1 39  ? 11.031  3.658   -8.158  1.00 18.43 ? 39  TYR A CB  1 
ATOM   316  C  CG  . TYR A 1 39  ? 10.352  4.944   -7.792  1.00 16.96 ? 39  TYR A CG  1 
ATOM   317  C  CD1 . TYR A 1 39  ? 10.878  5.763   -6.812  1.00 19.23 ? 39  TYR A CD1 1 
ATOM   318  C  CD2 . TYR A 1 39  ? 9.218   5.405   -8.466  1.00 17.91 ? 39  TYR A CD2 1 
ATOM   319  C  CE1 . TYR A 1 39  ? 10.294  6.992   -6.492  1.00 19.97 ? 39  TYR A CE1 1 
ATOM   320  C  CE2 . TYR A 1 39  ? 8.619   6.643   -8.179  1.00 17.82 ? 39  TYR A CE2 1 
ATOM   321  C  CZ  . TYR A 1 39  ? 9.169   7.443   -7.160  1.00 16.11 ? 39  TYR A CZ  1 
ATOM   322  O  OH  . TYR A 1 39  ? 8.607   8.639   -6.827  1.00 18.30 ? 39  TYR A OH  1 
ATOM   323  N  N   . ALA A 1 40  ? 11.684  0.514   -8.089  1.00 18.76 ? 40  ALA A N   1 
ATOM   324  C  CA  . ALA A 1 40  ? 12.390  -0.637  -8.686  1.00 19.88 ? 40  ALA A CA  1 
ATOM   325  C  C   . ALA A 1 40  ? 11.368  -1.707  -9.076  1.00 21.49 ? 40  ALA A C   1 
ATOM   326  O  O   . ALA A 1 40  ? 11.569  -2.409  -10.107 1.00 24.08 ? 40  ALA A O   1 
ATOM   327  C  CB  . ALA A 1 40  ? 13.426  -1.233  -7.693  1.00 21.18 ? 40  ALA A CB  1 
ATOM   328  N  N   . GLU A 1 41  ? 10.292  -1.877  -8.304  1.00 21.57 ? 41  GLU A N   1 
ATOM   329  C  CA  . GLU A 1 41  ? 9.292   -2.880  -8.617  1.00 21.09 ? 41  GLU A CA  1 
ATOM   330  C  C   . GLU A 1 41  ? 8.189   -2.325  -9.527  1.00 20.66 ? 41  GLU A C   1 
ATOM   331  O  O   . GLU A 1 41  ? 7.223   -3.043  -9.806  1.00 24.23 ? 41  GLU A O   1 
ATOM   332  C  CB  . GLU A 1 41  ? 8.686   -3.452  -7.337  1.00 24.88 ? 41  GLU A CB  1 
ATOM   333  C  CG  . GLU A 1 41  ? 9.680   -4.160  -6.437  1.00 26.57 ? 41  GLU A CG  1 
ATOM   334  C  CD  . GLU A 1 41  ? 10.487  -5.224  -7.192  1.00 35.51 ? 41  GLU A CD  1 
ATOM   335  O  OE1 . GLU A 1 41  ? 9.947   -5.806  -8.156  1.00 34.41 ? 41  GLU A OE1 1 
ATOM   336  O  OE2 . GLU A 1 41  ? 11.668  -5.487  -6.837  1.00 39.82 ? 41  GLU A OE2 1 
ATOM   337  N  N   . GLU A 1 42  ? 8.323   -1.080  -9.971  1.00 20.59 ? 42  GLU A N   1 
ATOM   338  C  CA  . GLU A 1 42  ? 7.400   -0.448  -10.906 1.00 21.57 ? 42  GLU A CA  1 
ATOM   339  C  C   . GLU A 1 42  ? 5.984   -0.225  -10.384 1.00 24.29 ? 42  GLU A C   1 
ATOM   340  O  O   . GLU A 1 42  ? 4.995   -0.254  -11.150 1.00 24.82 ? 42  GLU A O   1 
ATOM   341  C  CB  . GLU A 1 42  ? 7.364   -1.268  -12.234 1.00 26.06 ? 42  GLU A CB  1 
ATOM   342  C  CG  . GLU A 1 42  ? 8.732   -1.469  -12.873 1.00 32.46 ? 42  GLU A CG  1 
ATOM   343  C  CD  . GLU A 1 42  ? 8.709   -2.494  -14.038 1.00 36.42 ? 42  GLU A CD  1 
ATOM   344  O  OE1 . GLU A 1 42  ? 7.666   -2.640  -14.720 1.00 44.52 ? 42  GLU A OE1 1 
ATOM   345  O  OE2 . GLU A 1 42  ? 9.746   -3.156  -14.274 1.00 42.06 ? 42  GLU A OE2 1 
ATOM   346  N  N   . GLY A 1 43  ? 5.874   0.035   -9.085  1.00 21.05 ? 43  GLY A N   1 
ATOM   347  C  CA  . GLY A 1 43  ? 4.585   0.269   -8.471  1.00 21.09 ? 43  GLY A CA  1 
ATOM   348  C  C   . GLY A 1 43  ? 4.314   1.738   -8.212  1.00 17.72 ? 43  GLY A C   1 
ATOM   349  O  O   . GLY A 1 43  ? 5.165   2.596   -8.401  1.00 18.31 ? 43  GLY A O   1 
ATOM   350  N  N   . ILE A 1 44  ? 3.095   1.983   -7.772  1.00 16.80 ? 44  ILE A N   1 
ATOM   351  C  CA  . ILE A 1 44  ? 2.660   3.332   -7.444  1.00 16.37 ? 44  ILE A CA  1 
ATOM   352  C  C   . ILE A 1 44  ? 2.437   3.569   -5.951  1.00 15.93 ? 44  ILE A C   1 
ATOM   353  O  O   . ILE A 1 44  ? 2.196   4.716   -5.533  1.00 15.90 ? 44  ILE A O   1 
ATOM   354  C  CB  . ILE A 1 44  ? 1.389   3.770   -8.223  1.00 17.51 ? 44  ILE A CB  1 
ATOM   355  C  CG1 . ILE A 1 44  ? 0.198   2.879   -7.887  1.00 17.23 ? 44  ILE A CG1 1 
ATOM   356  C  CG2 . ILE A 1 44  ? 1.707   3.848   -9.738  1.00 18.70 ? 44  ILE A CG2 1 
ATOM   357  C  CD1 . ILE A 1 44  ? -1.173  3.404   -8.460  1.00 19.62 ? 44  ILE A CD1 1 
ATOM   358  N  N   . GLY A 1 45  ? 2.474   2.493   -5.163  1.00 15.12 ? 45  GLY A N   1 
ATOM   359  C  CA  . GLY A 1 45  ? 2.356   2.647   -3.708  1.00 15.37 ? 45  GLY A CA  1 
ATOM   360  C  C   . GLY A 1 45  ? 3.020   1.480   -3.045  1.00 14.88 ? 45  GLY A C   1 
ATOM   361  O  O   . GLY A 1 45  ? 3.189   0.422   -3.669  1.00 16.49 ? 45  GLY A O   1 
ATOM   362  N  N   . LEU A 1 46  ? 3.384   1.640   -1.788  1.00 15.33 ? 46  LEU A N   1 
ATOM   363  C  CA  . LEU A 1 46  ? 3.979   0.572   -0.990  1.00 14.98 ? 46  LEU A CA  1 
ATOM   364  C  C   . LEU A 1 46  ? 3.721   0.845   0.474   1.00 14.26 ? 46  LEU A C   1 
ATOM   365  O  O   . LEU A 1 46  ? 3.948   1.994   0.931   1.00 15.10 ? 46  LEU A O   1 
ATOM   366  C  CB  . LEU A 1 46  ? 5.489   0.456   -1.301  1.00 16.15 ? 46  LEU A CB  1 
ATOM   367  C  CG  . LEU A 1 46  ? 6.226   -0.716  -0.636  1.00 14.86 ? 46  LEU A CG  1 
ATOM   368  C  CD1 . LEU A 1 46  ? 5.816   -2.051  -1.254  1.00 17.70 ? 46  LEU A CD1 1 
ATOM   369  C  CD2 . LEU A 1 46  ? 7.741   -0.508  -0.785  1.00 18.89 ? 46  LEU A CD2 1 
ATOM   370  N  N   . ALA A 1 47  ? 3.293   -0.143  1.195   1.00 14.50 ? 47  ALA A N   1 
ATOM   371  C  CA  . ALA A 1 47  ? 3.063   -0.004  2.661   1.00 14.60 ? 47  ALA A CA  1 
ATOM   372  C  C   . ALA A 1 47  ? 4.202   -0.748  3.364   1.00 15.24 ? 47  ALA A C   1 
ATOM   373  O  O   . ALA A 1 47  ? 4.699   -1.808  2.853   1.00 16.20 ? 47  ALA A O   1 
ATOM   374  C  CB  . ALA A 1 47  ? 1.740   -0.621  3.025   1.00 14.99 ? 47  ALA A CB  1 
ATOM   375  N  N   . ALA A 1 48  ? 4.594   -0.267  4.545   1.00 15.59 ? 48  ALA A N   1 
ATOM   376  C  CA  . ALA A 1 48  ? 5.753   -0.876  5.211   1.00 14.28 ? 48  ALA A CA  1 
ATOM   377  C  C   . ALA A 1 48  ? 5.496   -2.346  5.551   1.00 15.20 ? 48  ALA A C   1 
ATOM   378  O  O   . ALA A 1 48  ? 6.487   -3.125  5.484   1.00 16.47 ? 48  ALA A O   1 
ATOM   379  C  CB  . ALA A 1 48  ? 6.078   -0.064  6.487   1.00 16.08 ? 48  ALA A CB  1 
ATOM   380  N  N   . THR A 1 49  ? 4.287   -2.750  5.806   1.00 15.02 ? 49  THR A N   1 
ATOM   381  C  CA  . THR A 1 49  ? 3.954   -4.136  6.073   1.00 14.61 ? 49  THR A CA  1 
ATOM   382  C  C   . THR A 1 49  ? 4.486   -5.035  4.954   1.00 16.34 ? 49  THR A C   1 
ATOM   383  O  O   . THR A 1 49  ? 4.947   -6.190  5.218   1.00 17.60 ? 49  THR A O   1 
ATOM   384  C  CB  . THR A 1 49  ? 2.427   -4.250  6.159   1.00 16.32 ? 49  THR A CB  1 
ATOM   385  O  OG1 . THR A 1 49  ? 1.948   -3.258  7.105   1.00 17.02 ? 49  THR A OG1 1 
ATOM   386  C  CG2 . THR A 1 49  ? 1.973   -5.633  6.562   1.00 17.42 ? 49  THR A CG2 1 
ATOM   387  N  N   . GLN A 1 50  ? 4.399   -4.571  3.715   1.00 15.47 ? 50  GLN A N   1 
ATOM   388  C  CA  . GLN A 1 50  ? 4.826   -5.378  2.579   1.00 16.28 ? 50  GLN A CA  1 
ATOM   389  C  C   . GLN A 1 50  ? 6.289   -5.667  2.558   1.00 17.59 ? 50  GLN A C   1 
ATOM   390  O  O   . GLN A 1 50  ? 6.713   -6.555  1.780   1.00 18.49 ? 50  GLN A O   1 
ATOM   391  C  CB  . GLN A 1 50  ? 4.408   -4.679  1.285   1.00 15.77 ? 50  GLN A CB  1 
ATOM   392  C  CG  . GLN A 1 50  ? 2.903   -4.571  1.061   1.00 15.43 ? 50  GLN A CG  1 
ATOM   393  C  CD  . GLN A 1 50  ? 2.627   -3.857  -0.194  1.00 15.28 ? 50  GLN A CD  1 
ATOM   394  O  OE1 . GLN A 1 50  ? 2.512   -2.612  -0.223  1.00 16.48 ? 50  GLN A OE1 1 
ATOM   395  N  NE2 . GLN A 1 50  ? 2.564   -4.632  -1.302  1.00 15.47 ? 50  GLN A NE2 1 
ATOM   396  N  N   . VAL A 1 51  ? 7.108   -4.866  3.237   1.00 17.17 ? 51  VAL A N   1 
ATOM   397  C  CA  . VAL A 1 51  ? 8.541   -5.143  3.300   1.00 18.47 ? 51  VAL A CA  1 
ATOM   398  C  C   . VAL A 1 51  ? 8.928   -5.597  4.702   1.00 17.71 ? 51  VAL A C   1 
ATOM   399  O  O   . VAL A 1 51  ? 10.095  -5.447  5.110   1.00 19.86 ? 51  VAL A O   1 
ATOM   400  C  CB  . VAL A 1 51  ? 9.410   -3.926  2.818   1.00 17.52 ? 51  VAL A CB  1 
ATOM   401  C  CG1 . VAL A 1 51  ? 9.223   -3.712  1.291   1.00 17.73 ? 51  VAL A CG1 1 
ATOM   402  C  CG2 . VAL A 1 51  ? 9.028   -2.611  3.596   1.00 17.88 ? 51  VAL A CG2 1 
ATOM   403  N  N   . ASP A 1 52  ? 7.975   -6.156  5.421   1.00 18.37 ? 52  ASP A N   1 
ATOM   404  C  CA  . ASP A 1 52  ? 8.157   -6.704  6.749   1.00 18.75 ? 52  ASP A CA  1 
ATOM   405  C  C   . ASP A 1 52  ? 8.570   -5.686  7.795   1.00 20.98 ? 52  ASP A C   1 
ATOM   406  O  O   . ASP A 1 52  ? 9.334   -6.009  8.743   1.00 22.02 ? 52  ASP A O   1 
ATOM   407  C  CB  . ASP A 1 52  ? 9.165   -7.903  6.722   1.00 20.85 ? 52  ASP A CB  1 
ATOM   408  C  CG  . ASP A 1 52  ? 9.021   -8.816  7.949   1.00 21.58 ? 52  ASP A CG  1 
ATOM   409  O  OD1 . ASP A 1 52  ? 7.950   -8.985  8.524   1.00 22.10 ? 52  ASP A OD1 1 
ATOM   410  O  OD2 . ASP A 1 52  ? 10.073  -9.379  8.333   1.00 27.14 ? 52  ASP A OD2 1 
ATOM   411  N  N   . ILE A 1 53  ? 8.092   -4.448  7.670   1.00 17.55 ? 53  ILE A N   1 
ATOM   412  C  CA  . ILE A 1 53  ? 8.357   -3.363  8.663   1.00 18.27 ? 53  ILE A CA  1 
ATOM   413  C  C   . ILE A 1 53  ? 6.970   -3.022  9.173   1.00 18.25 ? 53  ILE A C   1 
ATOM   414  O  O   . ILE A 1 53  ? 6.125   -2.392  8.460   1.00 18.68 ? 53  ILE A O   1 
ATOM   415  C  CB  . ILE A 1 53  ? 9.015   -2.198  7.998   1.00 19.51 ? 53  ILE A CB  1 
ATOM   416  C  CG1 . ILE A 1 53  ? 10.443  -2.604  7.572   1.00 20.93 ? 53  ILE A CG1 1 
ATOM   417  C  CG2 . ILE A 1 53  ? 9.113   -1.017  9.004   1.00 20.15 ? 53  ILE A CG2 1 
ATOM   418  C  CD1 . ILE A 1 53  ? 11.175  -1.517  6.812   1.00 20.57 ? 53  ILE A CD1 1 
ATOM   419  N  N   . HIS A 1 54  ? 6.621   -3.430  10.387  1.00 18.66 ? 54  HIS A N   1 
ATOM   420  C  CA  . HIS A 1 54  ? 5.284   -3.301  10.887  1.00 18.07 ? 54  HIS A CA  1 
ATOM   421  C  C   . HIS A 1 54  ? 4.991   -2.037  11.658  1.00 17.25 ? 54  HIS A C   1 
ATOM   422  O  O   . HIS A 1 54  ? 4.574   -2.018  12.817  1.00 18.90 ? 54  HIS A O   1 
ATOM   423  C  CB  . HIS A 1 54  ? 4.923   -4.613  11.639  1.00 18.29 ? 54  HIS A CB  1 
ATOM   424  C  CG  . HIS A 1 54  ? 5.060   -5.811  10.763  1.00 18.61 ? 54  HIS A CG  1 
ATOM   425  N  ND1 . HIS A 1 54  ? 4.247   -6.035  9.674   1.00 19.85 ? 54  HIS A ND1 1 
ATOM   426  C  CD2 . HIS A 1 54  ? 6.069   -6.706  10.673  1.00 19.29 ? 54  HIS A CD2 1 
ATOM   427  C  CE1 . HIS A 1 54  ? 4.762   -7.015  8.948   1.00 19.52 ? 54  HIS A CE1 1 
ATOM   428  N  NE2 . HIS A 1 54  ? 5.868   -7.439  9.535   1.00 20.03 ? 54  HIS A NE2 1 
ATOM   429  N  N   . GLN A 1 55  ? 5.094   -0.967  10.866  1.00 17.54 ? 55  GLN A N   1 
ATOM   430  C  CA  . GLN A 1 55  ? 4.852   0.395   11.362  1.00 18.28 ? 55  GLN A CA  1 
ATOM   431  C  C   . GLN A 1 55  ? 3.998   1.081   10.297  1.00 15.74 ? 55  GLN A C   1 
ATOM   432  O  O   . GLN A 1 55  ? 4.086   0.741   9.079   1.00 16.31 ? 55  GLN A O   1 
ATOM   433  C  CB  . GLN A 1 55  ? 6.153   1.155   11.533  1.00 19.11 ? 55  GLN A CB  1 
ATOM   434  C  CG  . GLN A 1 55  ? 7.035   0.555   12.651  1.00 21.59 ? 55  GLN A CG  1 
ATOM   435  C  CD  . GLN A 1 55  ? 8.145   1.479   13.058  1.00 26.12 ? 55  GLN A CD  1 
ATOM   436  O  OE1 . GLN A 1 55  ? 7.892   2.586   13.510  1.00 24.02 ? 55  GLN A OE1 1 
ATOM   437  N  NE2 . GLN A 1 55  ? 9.373   1.032   12.900  1.00 33.06 ? 55  GLN A NE2 1 
ATOM   438  N  N   . ARG A 1 56  ? 3.228   2.093   10.728  1.00 15.79 ? 56  ARG A N   1 
ATOM   439  C  CA  . ARG A 1 56  ? 2.268   2.789   9.804   1.00 14.19 ? 56  ARG A CA  1 
ATOM   440  C  C   . ARG A 1 56  ? 2.956   3.796   8.908   1.00 14.98 ? 56  ARG A C   1 
ATOM   441  O  O   . ARG A 1 56  ? 2.925   5.023   9.162   1.00 15.93 ? 56  ARG A O   1 
ATOM   442  C  CB  . ARG A 1 56  ? 1.145   3.397   10.630  1.00 15.38 ? 56  ARG A CB  1 
ATOM   443  C  CG  . ARG A 1 56  ? 0.292   2.320   11.330  1.00 15.81 ? 56  ARG A CG  1 
ATOM   444  C  CD  . ARG A 1 56  ? -0.895  2.912   12.090  1.00 17.70 ? 56  ARG A CD  1 
ATOM   445  N  NE  . ARG A 1 56  ? -1.842  3.699   11.265  1.00 16.82 ? 56  ARG A NE  1 
ATOM   446  C  CZ  . ARG A 1 56  ? -2.724  3.198   10.400  1.00 17.28 ? 56  ARG A CZ  1 
ATOM   447  N  NH1 . ARG A 1 56  ? -2.832  1.874   10.199  1.00 17.41 ? 56  ARG A NH1 1 
ATOM   448  N  NH2 . ARG A 1 56  ? -3.472  3.999   9.672   1.00 18.73 ? 56  ARG A NH2 1 
ATOM   449  N  N   . ILE A 1 57  ? 3.611   3.293   7.859   1.00 14.69 ? 57  ILE A N   1 
ATOM   450  C  CA  . ILE A 1 57  ? 4.320   4.079   6.875   1.00 14.08 ? 57  ILE A CA  1 
ATOM   451  C  C   . ILE A 1 57  ? 3.898   3.651   5.491   1.00 14.58 ? 57  ILE A C   1 
ATOM   452  O  O   . ILE A 1 57  ? 3.972   2.439   5.172   1.00 15.01 ? 57  ILE A O   1 
ATOM   453  C  CB  . ILE A 1 57  ? 5.871   3.879   6.994   1.00 14.69 ? 57  ILE A CB  1 
ATOM   454  C  CG1 . ILE A 1 57  ? 6.330   4.142   8.458   1.00 16.39 ? 57  ILE A CG1 1 
ATOM   455  C  CG2 . ILE A 1 57  ? 6.600   4.754   6.012   1.00 16.60 ? 57  ILE A CG2 1 
ATOM   456  C  CD1 . ILE A 1 57  ? 7.773   3.679   8.675   1.00 19.30 ? 57  ILE A CD1 1 
ATOM   457  N  N   . ILE A 1 58  ? 3.534   4.618   4.682   1.00 13.87 ? 58  ILE A N   1 
ATOM   458  C  CA  . ILE A 1 58  ? 3.128   4.395   3.256   1.00 13.01 ? 58  ILE A CA  1 
ATOM   459  C  C   . ILE A 1 58  ? 3.854   5.376   2.379   1.00 15.17 ? 58  ILE A C   1 
ATOM   460  O  O   . ILE A 1 58  ? 4.037   6.577   2.790   1.00 14.92 ? 58  ILE A O   1 
ATOM   461  C  CB  . ILE A 1 58  ? 1.628   4.602   3.123   1.00 14.52 ? 58  ILE A CB  1 
ATOM   462  C  CG1 . ILE A 1 58  ? 0.870   3.452   3.777   1.00 15.66 ? 58  ILE A CG1 1 
ATOM   463  C  CG2 . ILE A 1 58  ? 1.259   4.755   1.642   1.00 15.39 ? 58  ILE A CG2 1 
ATOM   464  C  CD1 . ILE A 1 58  ? -0.590  3.793   4.003   1.00 15.95 ? 58  ILE A CD1 1 
ATOM   465  N  N   . VAL A 1 59  ? 4.377   4.918   1.239   1.00 14.08 ? 59  VAL A N   1 
ATOM   466  C  CA  . VAL A 1 59  ? 4.909   5.796   0.223   1.00 14.97 ? 59  VAL A CA  1 
ATOM   467  C  C   . VAL A 1 59  ? 4.026   5.631   -1.058  1.00 13.36 ? 59  VAL A C   1 
ATOM   468  O  O   . VAL A 1 59  ? 3.597   4.516   -1.382  1.00 14.09 ? 59  VAL A O   1 
ATOM   469  C  CB  . VAL A 1 59  ? 6.393   5.561   -0.076  1.00 13.69 ? 59  VAL A CB  1 
ATOM   470  C  CG1 . VAL A 1 59  ? 7.192   5.804   1.191   1.00 15.89 ? 59  VAL A CG1 1 
ATOM   471  C  CG2 . VAL A 1 59  ? 6.649   4.164   -0.666  1.00 15.93 ? 59  VAL A CG2 1 
ATOM   472  N  N   . ILE A 1 60  ? 3.776   6.720   -1.744  1.00 14.37 ? 60  ILE A N   1 
ATOM   473  C  CA  . ILE A 1 60  ? 2.944   6.698   -2.957  1.00 13.73 ? 60  ILE A CA  1 
ATOM   474  C  C   . ILE A 1 60  ? 3.501   7.653   -3.965  1.00 14.59 ? 60  ILE A C   1 
ATOM   475  O  O   . ILE A 1 60  ? 4.022   8.739   -3.649  1.00 15.48 ? 60  ILE A O   1 
ATOM   476  C  CB  . ILE A 1 60  ? 1.503   7.155   -2.617  1.00 14.62 ? 60  ILE A CB  1 
ATOM   477  C  CG1 . ILE A 1 60  ? 0.796   6.055   -1.856  1.00 16.49 ? 60  ILE A CG1 1 
ATOM   478  C  CG2 . ILE A 1 60  ? 0.727   7.567   -3.927  1.00 16.27 ? 60  ILE A CG2 1 
ATOM   479  C  CD1 . ILE A 1 60  ? -0.564  6.537   -1.222  1.00 17.62 ? 60  ILE A CD1 1 
ATOM   480  N  N   . ASP A 1 61  ? 3.460   7.241   -5.249  1.00 14.69 ? 61  ASP A N   1 
ATOM   481  C  CA  . ASP A 1 61  ? 3.718   8.203   -6.327  1.00 15.42 ? 61  ASP A CA  1 
ATOM   482  C  C   . ASP A 1 61  ? 2.842   7.798   -7.496  1.00 16.15 ? 61  ASP A C   1 
ATOM   483  O  O   . ASP A 1 61  ? 3.144   6.779   -8.179  1.00 16.06 ? 61  ASP A O   1 
ATOM   484  C  CB  . ASP A 1 61  ? 5.162   8.246   -6.762  1.00 16.92 ? 61  ASP A CB  1 
ATOM   485  C  CG  . ASP A 1 61  ? 5.427   9.345   -7.835  1.00 16.34 ? 61  ASP A CG  1 
ATOM   486  O  OD1 . ASP A 1 61  ? 4.430   9.883   -8.352  1.00 17.99 ? 61  ASP A OD1 1 
ATOM   487  O  OD2 . ASP A 1 61  ? 6.588   9.689   -8.076  1.00 19.02 ? 61  ASP A OD2 1 
ATOM   488  N  N   . VAL A 1 62  ? 1.763   8.524   -7.712  1.00 16.05 ? 62  VAL A N   1 
ATOM   489  C  CA  . VAL A 1 62  ? 0.859   8.169   -8.833  1.00 17.16 ? 62  VAL A CA  1 
ATOM   490  C  C   . VAL A 1 62  ? 1.088   9.090   -10.019 1.00 18.37 ? 62  VAL A C   1 
ATOM   491  O  O   . VAL A 1 62  ? 0.314   8.996   -11.024 1.00 20.37 ? 62  VAL A O   1 
ATOM   492  C  CB  . VAL A 1 62  ? -0.675  8.245   -8.402  1.00 18.57 ? 62  VAL A CB  1 
ATOM   493  C  CG1 . VAL A 1 62  ? -0.936  7.368   -7.249  1.00 19.61 ? 62  VAL A CG1 1 
ATOM   494  C  CG2 . VAL A 1 62  ? -1.073  9.690   -8.099  1.00 21.79 ? 62  VAL A CG2 1 
ATOM   495  N  N   . SER A 1 63  ? 2.115   9.911   -10.020 1.00 18.48 ? 63  SER A N   1 
ATOM   496  C  CA  . SER A 1 63  ? 2.282   10.902  -11.080 1.00 19.89 ? 63  SER A CA  1 
ATOM   497  C  C   . SER A 1 63  ? 2.817   10.276  -12.356 1.00 19.15 ? 63  SER A C   1 
ATOM   498  O  O   . SER A 1 63  ? 3.541   9.293   -12.407 1.00 20.19 ? 63  SER A O   1 
ATOM   499  C  CB  . SER A 1 63  ? 3.226   12.007  -10.575 1.00 21.06 ? 63  SER A CB  1 
ATOM   500  O  OG  . SER A 1 63  ? 4.542   11.523  -10.521 1.00 21.82 ? 63  SER A OG  1 
ATOM   501  N  N   . GLU A 1 64  ? 2.501   10.967  -13.443 1.00 21.30 ? 64  GLU A N   1 
ATOM   502  C  CA  . GLU A 1 64  ? 2.913   10.533  -14.751 1.00 23.14 ? 64  GLU A CA  1 
ATOM   503  C  C   . GLU A 1 64  ? 4.436   10.608  -14.878 1.00 20.35 ? 64  GLU A C   1 
ATOM   504  O  O   . GLU A 1 64  ? 5.072   9.711   -15.380 1.00 23.16 ? 64  GLU A O   1 
ATOM   505  C  CB  . GLU A 1 64  ? 2.201   11.436  -15.771 1.00 23.19 ? 64  GLU A CB  1 
ATOM   506  C  CG  . GLU A 1 64  ? 2.635   11.204  -17.177 1.00 26.17 ? 64  GLU A CG  1 
ATOM   507  C  CD  . GLU A 1 64  ? 1.880   12.063  -18.164 1.00 25.37 ? 64  GLU A CD  1 
ATOM   508  O  OE1 . GLU A 1 64  ? 2.237   11.877  -19.318 1.00 28.64 ? 64  GLU A OE1 1 
ATOM   509  O  OE2 . GLU A 1 64  ? 0.990   12.890  -17.833 1.00 27.70 ? 64  GLU A OE2 1 
ATOM   510  N  N   . ASN A 1 65  ? 5.009   11.665  -14.316 1.00 24.35 ? 65  ASN A N   1 
ATOM   511  C  CA  . ASN A 1 65  ? 6.450   11.848  -14.435 1.00 25.36 ? 65  ASN A CA  1 
ATOM   512  C  C   . ASN A 1 65  ? 7.317   11.170  -13.351 1.00 25.46 ? 65  ASN A C   1 
ATOM   513  O  O   . ASN A 1 65  ? 8.554   11.207  -13.425 1.00 27.46 ? 65  ASN A O   1 
ATOM   514  C  CB  . ASN A 1 65  ? 6.783   13.344  -14.508 1.00 28.49 ? 65  ASN A CB  1 
ATOM   515  C  CG  . ASN A 1 65  ? 6.340   13.975  -15.818 1.00 34.51 ? 65  ASN A CG  1 
ATOM   516  O  OD1 . ASN A 1 65  ? 6.027   15.172  -15.884 1.00 43.50 ? 65  ASN A OD1 1 
ATOM   517  N  ND2 . ASN A 1 65  ? 6.328   13.168  -16.874 1.00 37.09 ? 65  ASN A ND2 1 
ATOM   518  N  N   . ARG A 1 66  ? 6.653   10.501  -12.395 1.00 22.48 ? 66  ARG A N   1 
ATOM   519  C  CA  . ARG A 1 66  ? 7.315   9.747   -11.330 1.00 22.39 ? 66  ARG A CA  1 
ATOM   520  C  C   . ARG A 1 66  ? 8.210   10.624  -10.491 1.00 22.84 ? 66  ARG A C   1 
ATOM   521  O  O   . ARG A 1 66  ? 9.277   10.192  -10.076 1.00 26.42 ? 66  ARG A O   1 
ATOM   522  C  CB  . ARG A 1 66  ? 8.163   8.612   -11.895 1.00 21.79 ? 66  ARG A CB  1 
ATOM   523  C  CG  . ARG A 1 66  ? 7.553   7.860   -13.165 1.00 22.26 ? 66  ARG A CG  1 
ATOM   524  C  CD  . ARG A 1 66  ? 6.158   7.287   -12.862 1.00 21.53 ? 66  ARG A CD  1 
ATOM   525  N  NE  . ARG A 1 66  ? 6.199   6.312   -11.765 1.00 24.61 ? 66  ARG A NE  1 
ATOM   526  C  CZ  . ARG A 1 66  ? 5.388   6.351   -10.693 1.00 19.08 ? 66  ARG A CZ  1 
ATOM   527  N  NH1 . ARG A 1 66  ? 4.515   7.322   -10.624 1.00 18.54 ? 66  ARG A NH1 1 
ATOM   528  N  NH2 . ARG A 1 66  ? 5.476   5.464   -9.739  1.00 20.59 ? 66  ARG A NH2 1 
ATOM   529  N  N   . ASP A 1 67  ? 7.699   11.788  -10.225 1.00 23.36 ? 67  ASP A N   1 
ATOM   530  C  CA  . ASP A 1 67  ? 8.471   12.775  -9.474  1.00 24.72 ? 67  ASP A CA  1 
ATOM   531  C  C   . ASP A 1 67  ? 7.596   13.500  -8.479  1.00 26.68 ? 67  ASP A C   1 
ATOM   532  O  O   . ASP A 1 67  ? 7.792   14.700  -8.235  1.00 28.96 ? 67  ASP A O   1 
ATOM   533  C  CB  . ASP A 1 67  ? 9.094   13.777  -10.463 1.00 27.76 ? 67  ASP A CB  1 
ATOM   534  C  CG  . ASP A 1 67  ? 8.048   14.502  -11.311 1.00 32.89 ? 67  ASP A CG  1 
ATOM   535  O  OD1 . ASP A 1 67  ? 6.806   14.277  -11.190 1.00 31.19 ? 67  ASP A OD1 1 
ATOM   536  O  OD2 . ASP A 1 67  ? 8.477   15.341  -12.135 1.00 38.64 ? 67  ASP A OD2 1 
ATOM   537  N  N   . GLU A 1 68  ? 6.612   12.809  -7.892  1.00 24.75 ? 68  GLU A N   1 
ATOM   538  C  CA  . GLU A 1 68  ? 5.715   13.413  -6.879  1.00 25.60 ? 68  GLU A CA  1 
ATOM   539  C  C   . GLU A 1 68  ? 5.601   12.441  -5.698  1.00 23.16 ? 68  GLU A C   1 
ATOM   540  O  O   . GLU A 1 68  ? 4.691   11.600  -5.641  1.00 24.99 ? 68  GLU A O   1 
ATOM   541  C  CB  . GLU A 1 68  ? 4.327   13.661  -7.429  1.00 25.82 ? 68  GLU A CB  1 
ATOM   542  C  CG  . GLU A 1 68  ? 4.314   14.743  -8.523  1.00 35.21 ? 68  GLU A CG  1 
ATOM   543  C  CD  . GLU A 1 68  ? 2.929   14.985  -9.092  1.00 38.18 ? 68  GLU A CD  1 
ATOM   544  O  OE1 . GLU A 1 68  ? 1.932   15.003  -8.328  1.00 41.51 ? 68  GLU A OE1 1 
ATOM   545  O  OE2 . GLU A 1 68  ? 2.831   15.160  -10.332 1.00 46.87 ? 68  GLU A OE2 1 
ATOM   546  N  N   . ARG A 1 69  ? 6.498   12.595  -4.729  1.00 18.38 ? 69  ARG A N   1 
ATOM   547  C  CA  . ARG A 1 69  ? 6.576   11.680  -3.615  1.00 17.79 ? 69  ARG A CA  1 
ATOM   548  C  C   . ARG A 1 69  ? 5.586   12.038  -2.494  1.00 17.26 ? 69  ARG A C   1 
ATOM   549  O  O   . ARG A 1 69  ? 5.656   13.174  -1.919  1.00 22.91 ? 69  ARG A O   1 
ATOM   550  C  CB  . ARG A 1 69  ? 7.991   11.696  -3.093  1.00 18.91 ? 69  ARG A CB  1 
ATOM   551  C  CG  . ARG A 1 69  ? 9.055   11.141  -4.119  1.00 20.63 ? 69  ARG A CG  1 
ATOM   552  C  CD  . ARG A 1 69  ? 10.434  10.833  -3.456  1.00 23.55 ? 69  ARG A CD  1 
ATOM   553  N  NE  . ARG A 1 69  ? 11.389  10.301  -4.464  1.00 23.35 ? 69  ARG A NE  1 
ATOM   554  C  CZ  . ARG A 1 69  ? 12.405  9.491   -4.169  1.00 21.24 ? 69  ARG A CZ  1 
ATOM   555  N  NH1 . ARG A 1 69  ? 12.635  9.121   -2.915  1.00 21.07 ? 69  ARG A NH1 1 
ATOM   556  N  NH2 . ARG A 1 69  ? 13.198  9.041   -5.145  1.00 25.53 ? 69  ARG A NH2 1 
ATOM   557  N  N   . LEU A 1 70  ? 4.682   11.179  -2.174  1.00 15.53 ? 70  LEU A N   1 
ATOM   558  C  CA  . LEU A 1 70  ? 3.728   11.381  -1.115  1.00 15.51 ? 70  LEU A CA  1 
ATOM   559  C  C   . LEU A 1 70  ? 4.052   10.388  -0.014  1.00 15.49 ? 70  LEU A C   1 
ATOM   560  O  O   . LEU A 1 70  ? 4.162   9.165   -0.238  1.00 15.63 ? 70  LEU A O   1 
ATOM   561  C  CB  . LEU A 1 70  ? 2.302   11.173  -1.644  1.00 17.63 ? 70  LEU A CB  1 
ATOM   562  C  CG  . LEU A 1 70  ? 1.244   11.133  -0.603  1.00 17.68 ? 70  LEU A CG  1 
ATOM   563  C  CD1 . LEU A 1 70  ? 1.149   12.522  0.070   1.00 22.09 ? 70  LEU A CD1 1 
ATOM   564  C  CD2 . LEU A 1 70  ? -0.135  10.806  -1.266  1.00 21.66 ? 70  LEU A CD2 1 
ATOM   565  N  N   . VAL A 1 71  ? 4.238   10.886  1.200   1.00 15.28 ? 71  VAL A N   1 
ATOM   566  C  CA  . VAL A 1 71  ? 4.525   10.050  2.367   1.00 15.93 ? 71  VAL A CA  1 
ATOM   567  C  C   . VAL A 1 71  ? 3.387   10.133  3.351   1.00 14.55 ? 71  VAL A C   1 
ATOM   568  O  O   . VAL A 1 71  ? 3.006   11.264  3.676   1.00 16.08 ? 71  VAL A O   1 
ATOM   569  C  CB  . VAL A 1 71  ? 5.846   10.529  3.047   1.00 16.16 ? 71  VAL A CB  1 
ATOM   570  C  CG1 . VAL A 1 71  ? 6.059   9.743   4.342   1.00 18.15 ? 71  VAL A CG1 1 
ATOM   571  C  CG2 . VAL A 1 71  ? 7.030   10.324  2.127   1.00 17.32 ? 71  VAL A CG2 1 
ATOM   572  N  N   . LEU A 1 72  ? 2.839   9.023   3.787   1.00 15.03 ? 72  LEU A N   1 
ATOM   573  C  CA  . LEU A 1 72  ? 1.805   8.978   4.798   1.00 15.24 ? 72  LEU A CA  1 
ATOM   574  C  C   . LEU A 1 72  ? 2.291   8.198   5.969   1.00 15.52 ? 72  LEU A C   1 
ATOM   575  O  O   . LEU A 1 72  ? 2.348   6.960   5.916   1.00 16.67 ? 72  LEU A O   1 
ATOM   576  C  CB  . LEU A 1 72  ? 0.527   8.290   4.306   1.00 16.98 ? 72  LEU A CB  1 
ATOM   577  C  CG  . LEU A 1 72  ? -0.130  8.857   3.038   1.00 21.72 ? 72  LEU A CG  1 
ATOM   578  C  CD1 . LEU A 1 72  ? -1.362  7.995   2.595   1.00 20.34 ? 72  LEU A CD1 1 
ATOM   579  C  CD2 . LEU A 1 72  ? -0.488  10.290  3.239   1.00 28.32 ? 72  LEU A CD2 1 
ATOM   580  N  N   . ILE A 1 73  ? 2.639   8.888   7.050   1.00 15.70 ? 73  ILE A N   1 
ATOM   581  C  CA  . ILE A 1 73  ? 3.036   8.234   8.300   1.00 15.77 ? 73  ILE A CA  1 
ATOM   582  C  C   . ILE A 1 73  ? 1.872   8.405   9.266   1.00 14.15 ? 73  ILE A C   1 
ATOM   583  O  O   . ILE A 1 73  ? 1.281   9.515   9.405   1.00 16.31 ? 73  ILE A O   1 
ATOM   584  C  CB  . ILE A 1 73  ? 4.331   8.809   8.807   1.00 14.69 ? 73  ILE A CB  1 
ATOM   585  C  CG1 . ILE A 1 73  ? 5.470   8.370   7.899   1.00 16.86 ? 73  ILE A CG1 1 
ATOM   586  C  CG2 . ILE A 1 73  ? 4.583   8.374   10.279  1.00 17.56 ? 73  ILE A CG2 1 
ATOM   587  C  CD1 . ILE A 1 73  ? 6.743   9.179   8.080   1.00 17.13 ? 73  ILE A CD1 1 
ATOM   588  N  N   . ASN A 1 74  ? 1.459   7.334   9.912   1.00 15.10 ? 74  ASN A N   1 
ATOM   589  C  CA  . ASN A 1 74  ? 0.305   7.362   10.839  1.00 16.27 ? 74  ASN A CA  1 
ATOM   590  C  C   . ASN A 1 74  ? -0.920  7.998   10.209  1.00 16.84 ? 74  ASN A C   1 
ATOM   591  O  O   . ASN A 1 74  ? -1.597  8.860   10.779  1.00 17.50 ? 74  ASN A O   1 
ATOM   592  C  CB  . ASN A 1 74  ? 0.639   8.022   12.197  1.00 15.72 ? 74  ASN A CB  1 
ATOM   593  C  CG  . ASN A 1 74  ? 1.711   7.302   12.909  1.00 16.86 ? 74  ASN A CG  1 
ATOM   594  O  OD1 . ASN A 1 74  ? 2.072   6.160   12.595  1.00 17.66 ? 74  ASN A OD1 1 
ATOM   595  N  ND2 . ASN A 1 74  ? 2.276   7.973   13.921  1.00 19.18 ? 74  ASN A ND2 1 
ATOM   596  N  N   . PRO A 1 75  ? -1.320  7.547   9.016   1.00 15.19 ? 75  PRO A N   1 
ATOM   597  C  CA  . PRO A 1 75  ? -2.498  8.165   8.411   1.00 15.23 ? 75  PRO A CA  1 
ATOM   598  C  C   . PRO A 1 75  ? -3.778  7.881   9.118   1.00 15.80 ? 75  PRO A C   1 
ATOM   599  O  O   . PRO A 1 75  ? -3.976  6.796   9.682   1.00 17.83 ? 75  PRO A O   1 
ATOM   600  C  CB  . PRO A 1 75  ? -2.513  7.614   6.978   1.00 16.40 ? 75  PRO A CB  1 
ATOM   601  C  CG  . PRO A 1 75  ? -1.908  6.230   7.148   1.00 15.99 ? 75  PRO A CG  1 
ATOM   602  C  CD  . PRO A 1 75  ? -0.767  6.464   8.179   1.00 16.09 ? 75  PRO A CD  1 
ATOM   603  N  N   . GLU A 1 76  ? -4.714  8.826   8.996   1.00 15.54 ? 76  GLU A N   1 
ATOM   604  C  CA  . GLU A 1 76  ? -6.044  8.656   9.566   1.00 16.54 ? 76  GLU A CA  1 
ATOM   605  C  C   . GLU A 1 76  ? -7.073  9.129   8.551   1.00 16.00 ? 76  GLU A C   1 
ATOM   606  O  O   . GLU A 1 76  ? -6.943  10.211  7.940   1.00 17.11 ? 76  GLU A O   1 
ATOM   607  C  CB  . GLU A 1 76  ? -6.187  9.500   10.859  1.00 19.07 ? 76  GLU A CB  1 
ATOM   608  C  CG  . GLU A 1 76  ? -7.559  9.353   11.538  1.00 28.17 ? 76  GLU A CG  1 
ATOM   609  C  CD  . GLU A 1 76  ? -7.626  9.970   12.923  1.00 34.93 ? 76  GLU A CD  1 
ATOM   610  O  OE1 . GLU A 1 76  ? -6.646  9.804   13.683  1.00 44.68 ? 76  GLU A OE1 1 
ATOM   611  O  OE2 . GLU A 1 76  ? -8.658  10.595  13.274  1.00 42.48 ? 76  GLU A OE2 1 
ATOM   612  N  N   . LEU A 1 77  ? -8.090  8.287   8.346   1.00 17.20 ? 77  LEU A N   1 
ATOM   613  C  CA  . LEU A 1 77  ? -9.162  8.666   7.448   1.00 16.65 ? 77  LEU A CA  1 
ATOM   614  C  C   . LEU A 1 77  ? -10.120 9.612   8.176   1.00 18.11 ? 77  LEU A C   1 
ATOM   615  O  O   . LEU A 1 77  ? -10.676 9.234   9.240   1.00 21.53 ? 77  LEU A O   1 
ATOM   616  C  CB  . LEU A 1 77  ? -9.901  7.415   6.988   1.00 18.76 ? 77  LEU A CB  1 
ATOM   617  C  CG  . LEU A 1 77  ? -11.074 7.661   6.023   1.00 18.68 ? 77  LEU A CG  1 
ATOM   618  C  CD1 . LEU A 1 77  ? -10.617 8.158   4.724   1.00 20.74 ? 77  LEU A CD1 1 
ATOM   619  C  CD2 . LEU A 1 77  ? -11.827 6.342   5.848   1.00 25.64 ? 77  LEU A CD2 1 
ATOM   620  N  N   . LEU A 1 78  ? -10.338 10.781  7.595   1.00 16.90 ? 78  LEU A N   1 
ATOM   621  C  CA  . LEU A 1 78  ? -11.250 11.766  8.193   1.00 18.47 ? 78  LEU A CA  1 
ATOM   622  C  C   . LEU A 1 78  ? -12.611 11.758  7.555   1.00 18.63 ? 78  LEU A C   1 
ATOM   623  O  O   . LEU A 1 78  ? -13.610 11.944  8.267   1.00 21.12 ? 78  LEU A O   1 
ATOM   624  C  CB  . LEU A 1 78  ? -10.673 13.161  8.061   1.00 19.09 ? 78  LEU A CB  1 
ATOM   625  C  CG  . LEU A 1 78  ? -9.282  13.355  8.638   1.00 21.09 ? 78  LEU A CG  1 
ATOM   626  C  CD1 . LEU A 1 78  ? -8.834  14.812  8.362   1.00 23.45 ? 78  LEU A CD1 1 
ATOM   627  C  CD2 . LEU A 1 78  ? -9.253  13.053  10.120  1.00 26.43 ? 78  LEU A CD2 1 
ATOM   628  N  N   . GLU A 1 79  ? -12.686 11.565  6.241   1.00 19.03 ? 79  GLU A N   1 
ATOM   629  C  CA  . GLU A 1 79  ? -13.993 11.594  5.540   1.00 19.11 ? 79  GLU A CA  1 
ATOM   630  C  C   . GLU A 1 79  ? -13.851 10.789  4.276   1.00 18.50 ? 79  GLU A C   1 
ATOM   631  O  O   . GLU A 1 79  ? -12.744 10.652  3.727   1.00 18.13 ? 79  GLU A O   1 
ATOM   632  C  CB  . GLU A 1 79  ? -14.365 13.021  5.112   1.00 22.54 ? 79  GLU A CB  1 
ATOM   633  C  CG  . GLU A 1 79  ? -14.379 14.005  6.266   1.00 31.22 ? 79  GLU A CG  1 
ATOM   634  C  CD  . GLU A 1 79  ? -14.701 15.425  5.835   1.00 40.51 ? 79  GLU A CD  1 
ATOM   635  O  OE1 . GLU A 1 79  ? -14.729 16.316  6.734   1.00 43.25 ? 79  GLU A OE1 1 
ATOM   636  O  OE2 . GLU A 1 79  ? -14.915 15.659  4.611   1.00 44.84 ? 79  GLU A OE2 1 
ATOM   637  N  N   . LYS A 1 80  ? -14.992 10.287  3.782   1.00 18.77 ? 80  LYS A N   1 
ATOM   638  C  CA  . LYS A 1 80  ? -14.973 9.550   2.504   1.00 18.81 ? 80  LYS A CA  1 
ATOM   639  C  C   . LYS A 1 80  ? -16.343 9.696   1.864   1.00 18.09 ? 80  LYS A C   1 
ATOM   640  O  O   . LYS A 1 80  ? -17.356 9.994   2.575   1.00 20.01 ? 80  LYS A O   1 
ATOM   641  C  CB  . LYS A 1 80  ? -14.640 8.085   2.709   1.00 18.82 ? 80  LYS A CB  1 
ATOM   642  C  CG  . LYS A 1 80  ? -15.681 7.353   3.441   1.00 20.25 ? 80  LYS A CG  1 
ATOM   643  C  CD  . LYS A 1 80  ? -15.385 5.890   3.489   1.00 21.61 ? 80  LYS A CD  1 
ATOM   644  C  CE  . LYS A 1 80  ? -16.508 5.164   4.272   1.00 22.85 ? 80  LYS A CE  1 
ATOM   645  N  NZ  . LYS A 1 80  ? -16.331 3.689   4.157   1.00 24.42 ? 80  LYS A NZ  1 
ATOM   646  N  N   . SER A 1 81  ? -16.398 9.547   0.551   1.00 16.71 ? 81  SER A N   1 
ATOM   647  C  CA  . SER A 1 81  ? -17.693 9.591   -0.092  1.00 17.35 ? 81  SER A CA  1 
ATOM   648  C  C   . SER A 1 81  ? -17.641 8.860   -1.410  1.00 15.94 ? 81  SER A C   1 
ATOM   649  O  O   . SER A 1 81  ? -16.596 8.743   -2.057  1.00 17.24 ? 81  SER A O   1 
ATOM   650  C  CB  . SER A 1 81  ? -18.155 11.070  -0.284  1.00 20.25 ? 81  SER A CB  1 
ATOM   651  O  OG  . SER A 1 81  ? -17.349 11.739  -1.194  1.00 24.46 ? 81  SER A OG  1 
ATOM   652  N  N   . GLY A 1 82  ? -18.817 8.453   -1.861  1.00 16.47 ? 82  GLY A N   1 
ATOM   653  C  CA  . GLY A 1 82  ? -18.957 7.834   -3.170  1.00 16.76 ? 82  GLY A CA  1 
ATOM   654  C  C   . GLY A 1 82  ? -18.417 6.428   -3.264  1.00 16.21 ? 82  GLY A C   1 
ATOM   655  O  O   . GLY A 1 82  ? -18.019 5.836   -2.263  1.00 18.30 ? 82  GLY A O   1 
ATOM   656  N  N   . GLU A 1 83  ? -18.533 5.865   -4.441  1.00 16.93 ? 83  GLU A N   1 
ATOM   657  C  CA  . GLU A 1 83  ? -18.015 4.513   -4.659  1.00 16.42 ? 83  GLU A CA  1 
ATOM   658  C  C   . GLU A 1 83  ? -17.456 4.465   -6.043  1.00 17.67 ? 83  GLU A C   1 
ATOM   659  O  O   . GLU A 1 83  ? -17.906 5.172   -6.982  1.00 19.99 ? 83  GLU A O   1 
ATOM   660  C  CB  . GLU A 1 83  ? -19.056 3.409   -4.581  1.00 22.31 ? 83  GLU A CB  1 
ATOM   661  C  CG  . GLU A 1 83  ? -20.238 3.712   -3.740  1.00 21.92 ? 83  GLU A CG  1 
ATOM   662  C  CD  . GLU A 1 83  ? -21.242 4.603   -4.435  1.00 23.00 ? 83  GLU A CD  1 
ATOM   663  O  OE1 . GLU A 1 83  ? -21.523 4.456   -5.648  1.00 27.47 ? 83  GLU A OE1 1 
ATOM   664  O  OE2 . GLU A 1 83  ? -21.768 5.471   -3.753  1.00 22.87 ? 83  GLU A OE2 1 
ATOM   665  N  N   . THR A 1 84  ? -16.456 3.607   -6.227  1.00 16.65 ? 84  THR A N   1 
ATOM   666  C  CA  . THR A 1 84  ? -15.792 3.441   -7.496  1.00 17.32 ? 84  THR A CA  1 
ATOM   667  C  C   . THR A 1 84  ? -15.036 2.095   -7.435  1.00 13.89 ? 84  THR A C   1 
ATOM   668  O  O   . THR A 1 84  ? -15.073 1.402   -6.458  1.00 15.33 ? 84  THR A O   1 
ATOM   669  C  CB  . THR A 1 84  ? -14.781 4.624   -7.684  1.00 16.24 ? 84  THR A CB  1 
ATOM   670  O  OG1 . THR A 1 84  ? -14.281 4.587   -9.010  1.00 19.97 ? 84  THR A OG1 1 
ATOM   671  C  CG2 . THR A 1 84  ? -13.561 4.543   -6.690  1.00 18.68 ? 84  THR A CG2 1 
ATOM   672  N  N   . GLY A 1 85  ? -14.358 1.788   -8.547  1.00 16.51 ? 85  GLY A N   1 
ATOM   673  C  CA  . GLY A 1 85  ? -13.443 0.669   -8.528  1.00 16.59 ? 85  GLY A CA  1 
ATOM   674  C  C   . GLY A 1 85  ? -12.692 0.550   -9.826  1.00 16.07 ? 85  GLY A C   1 
ATOM   675  O  O   . GLY A 1 85  ? -13.238 0.874   -10.919 1.00 18.10 ? 85  GLY A O   1 
ATOM   676  N  N   . ILE A 1 86  ? -11.449 0.086   -9.755  1.00 15.65 ? 86  ILE A N   1 
ATOM   677  C  CA  . ILE A 1 86  ? -10.662 -0.234  -10.966 1.00 15.77 ? 86  ILE A CA  1 
ATOM   678  C  C   . ILE A 1 86  ? -10.093 -1.624  -10.696 1.00 14.96 ? 86  ILE A C   1 
ATOM   679  O  O   . ILE A 1 86  ? -10.209 -2.150  -9.607  1.00 15.73 ? 86  ILE A O   1 
ATOM   680  C  CB  . ILE A 1 86  ? -9.497  0.754   -11.235 1.00 15.20 ? 86  ILE A CB  1 
ATOM   681  C  CG1 . ILE A 1 86  ? -8.509  0.783   -10.040 1.00 17.73 ? 86  ILE A CG1 1 
ATOM   682  C  CG2 . ILE A 1 86  ? -10.071 2.161   -11.495 1.00 18.26 ? 86  ILE A CG2 1 
ATOM   683  C  CD1 . ILE A 1 86  ? -7.302  1.697   -10.269 1.00 21.34 ? 86  ILE A CD1 1 
ATOM   684  N  N   . GLU A 1 87  ? -9.497  -2.217  -11.725 1.00 15.46 ? 87  GLU A N   1 
ATOM   685  C  CA  . GLU A 1 87  ? -8.854  -3.504  -11.535 1.00 16.26 ? 87  GLU A CA  1 
ATOM   686  C  C   . GLU A 1 87  ? -7.495  -3.218  -10.938 1.00 16.60 ? 87  GLU A C   1 
ATOM   687  O  O   . GLU A 1 87  ? -6.554  -2.847  -11.616 1.00 19.00 ? 87  GLU A O   1 
ATOM   688  C  CB  . GLU A 1 87  ? -8.707  -4.231  -12.896 1.00 17.28 ? 87  GLU A CB  1 
ATOM   689  C  CG  . GLU A 1 87  ? -10.021 -4.608  -13.474 1.00 17.70 ? 87  GLU A CG  1 
ATOM   690  C  CD  . GLU A 1 87  ? -9.951  -5.440  -14.755 1.00 21.24 ? 87  GLU A CD  1 
ATOM   691  O  OE1 . GLU A 1 87  ? -8.937  -5.375  -15.456 1.00 27.37 ? 87  GLU A OE1 1 
ATOM   692  O  OE2 . GLU A 1 87  ? -10.939 -6.124  -15.079 1.00 25.87 ? 87  GLU A OE2 1 
ATOM   693  N  N   . GLU A 1 88  ? -7.408  -3.444  -9.640  1.00 15.22 ? 88  GLU A N   1 
ATOM   694  C  CA  . GLU A 1 88  ? -6.196  -3.204  -8.884  1.00 15.62 ? 88  GLU A CA  1 
ATOM   695  C  C   . GLU A 1 88  ? -5.217  -4.335  -8.961  1.00 15.15 ? 88  GLU A C   1 
ATOM   696  O  O   . GLU A 1 88  ? -5.611  -5.497  -9.032  1.00 16.99 ? 88  GLU A O   1 
ATOM   697  C  CB  . GLU A 1 88  ? -6.578  -3.019  -7.378  1.00 15.80 ? 88  GLU A CB  1 
ATOM   698  C  CG  . GLU A 1 88  ? -7.406  -1.744  -7.107  1.00 16.46 ? 88  GLU A CG  1 
ATOM   699  C  CD  . GLU A 1 88  ? -7.686  -1.520  -5.623  1.00 16.21 ? 88  GLU A CD  1 
ATOM   700  O  OE1 . GLU A 1 88  ? -6.899  -1.993  -4.723  1.00 17.81 ? 88  GLU A OE1 1 
ATOM   701  O  OE2 . GLU A 1 88  ? -8.684  -0.874  -5.321  1.00 16.96 ? 88  GLU A OE2 1 
ATOM   702  N  N   . GLY A 1 89  ? -3.957  -3.960  -8.922  1.00 16.16 ? 89  GLY A N   1 
ATOM   703  C  CA  . GLY A 1 89  ? -2.892  -4.947  -8.731  1.00 17.08 ? 89  GLY A CA  1 
ATOM   704  C  C   . GLY A 1 89  ? -2.259  -4.667  -7.379  1.00 17.24 ? 89  GLY A C   1 
ATOM   705  O  O   . GLY A 1 89  ? -2.691  -3.773  -6.618  1.00 19.44 ? 89  GLY A O   1 
ATOM   706  N  N   . CYS A 1 90  ? -1.214  -5.418  -7.074  1.00 17.16 ? 90  CYS A N   1 
ATOM   707  C  CA  . CYS A 1 90  ? -0.531  -5.302  -5.774  1.00 17.45 ? 90  CYS A CA  1 
ATOM   708  C  C   . CYS A 1 90  ? 0.850   -5.918  -5.949  1.00 16.72 ? 90  CYS A C   1 
ATOM   709  O  O   . CYS A 1 90  ? 0.952   -7.054  -6.463  1.00 17.48 ? 90  CYS A O   1 
ATOM   710  C  CB  . CYS A 1 90  ? -1.331  -6.096  -4.689  1.00 16.46 ? 90  CYS A CB  1 
ATOM   711  S  SG  . CYS A 1 90  ? -0.686  -5.985  -3.013  1.00 18.01 ? 90  CYS A SG  1 
ATOM   712  N  N   . LEU A 1 91  ? 1.901   -5.270  -5.444  1.00 16.45 ? 91  LEU A N   1 
ATOM   713  C  CA  . LEU A 1 91  ? 3.236   -5.858  -5.491  1.00 17.72 ? 91  LEU A CA  1 
ATOM   714  C  C   . LEU A 1 91  ? 3.345   -7.158  -4.672  1.00 17.35 ? 91  LEU A C   1 
ATOM   715  O  O   . LEU A 1 91  ? 4.276   -7.948  -4.925  1.00 18.83 ? 91  LEU A O   1 
ATOM   716  C  CB  . LEU A 1 91  ? 4.263   -4.853  -4.968  1.00 19.16 ? 91  LEU A CB  1 
ATOM   717  C  CG  . LEU A 1 91  ? 4.355   -3.579  -5.805  1.00 20.75 ? 91  LEU A CG  1 
ATOM   718  C  CD1 . LEU A 1 91  ? 5.329   -2.631  -5.091  1.00 23.22 ? 91  LEU A CD1 1 
ATOM   719  C  CD2 . LEU A 1 91  ? 4.857   -3.887  -7.221  1.00 23.28 ? 91  LEU A CD2 1 
ATOM   720  N  N   . SER A 1 92  ? 2.445   -7.391  -3.745  1.00 16.34 ? 92  SER A N   1 
ATOM   721  C  CA  . SER A 1 92  ? 2.459   -8.596  -2.956  1.00 16.51 ? 92  SER A CA  1 
ATOM   722  C  C   . SER A 1 92  ? 1.618   -9.745  -3.570  1.00 17.44 ? 92  SER A C   1 
ATOM   723  O  O   . SER A 1 92  ? 1.614   -10.866 -3.022  1.00 18.21 ? 92  SER A O   1 
ATOM   724  C  CB  . SER A 1 92  ? 1.956   -8.311  -1.551  1.00 17.44 ? 92  SER A CB  1 
ATOM   725  O  OG  . SER A 1 92  ? 2.933   -7.531  -0.859  1.00 17.41 ? 92  SER A OG  1 
ATOM   726  N  N   . ILE A 1 93  ? 0.896   -9.449  -4.673  1.00 16.79 ? 93  ILE A N   1 
ATOM   727  C  CA  . ILE A 1 93  ? 0.048   -10.457 -5.376  1.00 17.75 ? 93  ILE A CA  1 
ATOM   728  C  C   . ILE A 1 93  ? 0.472   -10.278 -6.836  1.00 17.86 ? 93  ILE A C   1 
ATOM   729  O  O   . ILE A 1 93  ? -0.304  -9.840  -7.688  1.00 18.68 ? 93  ILE A O   1 
ATOM   730  C  CB  . ILE A 1 93  ? -1.418  -10.134 -5.159  1.00 15.84 ? 93  ILE A CB  1 
ATOM   731  C  CG1 . ILE A 1 93  ? -1.708  -9.988  -3.642  1.00 18.86 ? 93  ILE A CG1 1 
ATOM   732  C  CG2 . ILE A 1 93  ? -2.250  -11.264 -5.750  1.00 18.86 ? 93  ILE A CG2 1 
ATOM   733  C  CD1 . ILE A 1 93  ? -3.181  -9.705  -3.326  1.00 19.71 ? 93  ILE A CD1 1 
ATOM   734  N  N   . PRO A 1 94  ? 1.703   -10.675 -7.172  1.00 20.16 ? 94  PRO A N   1 
ATOM   735  C  CA  . PRO A 1 94  ? 2.210   -10.479 -8.528  1.00 21.28 ? 94  PRO A CA  1 
ATOM   736  C  C   . PRO A 1 94  ? 1.387   -11.008 -9.688  1.00 19.54 ? 94  PRO A C   1 
ATOM   737  O  O   . PRO A 1 94  ? 0.914   -12.139 -9.629  1.00 21.03 ? 94  PRO A O   1 
ATOM   738  C  CB  . PRO A 1 94  ? 3.606   -11.104 -8.489  1.00 23.31 ? 94  PRO A CB  1 
ATOM   739  C  CG  . PRO A 1 94  ? 3.505   -12.128 -7.379  1.00 25.45 ? 94  PRO A CG  1 
ATOM   740  C  CD  . PRO A 1 94  ? 2.642   -11.432 -6.316  1.00 20.72 ? 94  PRO A CD  1 
ATOM   741  N  N   . GLU A 1 95  ? 1.186   -10.100 -10.662 1.00 21.45 ? 95  GLU A N   1 
ATOM   742  C  CA  . GLU A 1 95  ? 0.504   -10.379 -11.941 1.00 21.44 ? 95  GLU A CA  1 
ATOM   743  C  C   . GLU A 1 95  ? -0.983  -10.667 -11.863 1.00 23.16 ? 95  GLU A C   1 
ATOM   744  O  O   . GLU A 1 95  ? -1.608  -11.109 -12.865 1.00 25.68 ? 95  GLU A O   1 
ATOM   745  C  CB  . GLU A 1 95  ? 1.196   -11.531 -12.684 1.00 26.21 ? 95  GLU A CB  1 
ATOM   746  C  CG  . GLU A 1 95  ? 2.643   -11.212 -13.007 1.00 29.84 ? 95  GLU A CG  1 
ATOM   747  C  CD  . GLU A 1 95  ? 3.221   -12.165 -14.024 1.00 38.68 ? 95  GLU A CD  1 
ATOM   748  O  OE1 . GLU A 1 95  ? 2.554   -12.427 -15.056 1.00 45.56 ? 95  GLU A OE1 1 
ATOM   749  O  OE2 . GLU A 1 95  ? 4.350   -12.653 -13.778 1.00 43.49 ? 95  GLU A OE2 1 
ATOM   750  N  N   . GLN A 1 96  ? -1.606  -10.427 -10.704 1.00 17.96 ? 96  GLN A N   1 
ATOM   751  C  CA  . GLN A 1 96  ? -3.034  -10.643 -10.584 1.00 19.34 ? 96  GLN A CA  1 
ATOM   752  C  C   . GLN A 1 96  ? -3.753  -9.334  -10.386 1.00 18.80 ? 96  GLN A C   1 
ATOM   753  O  O   . GLN A 1 96  ? -3.295  -8.513  -9.590  1.00 21.89 ? 96  GLN A O   1 
ATOM   754  C  CB  . GLN A 1 96  ? -3.376  -11.524 -9.391  1.00 18.33 ? 96  GLN A CB  1 
ATOM   755  C  CG  . GLN A 1 96  ? -2.439  -12.772 -9.216  1.00 20.62 ? 96  GLN A CG  1 
ATOM   756  C  CD  . GLN A 1 96  ? -2.288  -13.538 -10.492 1.00 25.50 ? 96  GLN A CD  1 
ATOM   757  O  OE1 . GLN A 1 96  ? -3.288  -13.890 -11.147 1.00 23.96 ? 96  GLN A OE1 1 
ATOM   758  N  NE2 . GLN A 1 96  ? -1.028  -13.830 -10.852 1.00 24.17 ? 96  GLN A NE2 1 
ATOM   759  N  N   . ARG A 1 97  ? -4.881  -9.143  -11.033 1.00 18.61 ? 97  ARG A N   1 
ATOM   760  C  CA  . ARG A 1 97  ? -5.635  -7.918  -10.863 1.00 18.28 ? 97  ARG A CA  1 
ATOM   761  C  C   . ARG A 1 97  ? -7.079  -8.212  -10.715 1.00 17.41 ? 97  ARG A C   1 
ATOM   762  O  O   . ARG A 1 97  ? -7.622  -9.191  -11.292 1.00 19.79 ? 97  ARG A O   1 
ATOM   763  C  CB  . ARG A 1 97  ? -5.432  -7.005  -12.064 1.00 21.64 ? 97  ARG A CB  1 
ATOM   764  C  CG  . ARG A 1 97  ? -3.996  -6.486  -12.167 1.00 28.04 ? 97  ARG A CG  1 
ATOM   765  C  CD  . ARG A 1 97  ? -3.919  -5.414  -13.218 1.00 34.02 ? 97  ARG A CD  1 
ATOM   766  N  NE  . ARG A 1 97  ? -2.637  -4.714  -13.221 1.00 42.34 ? 97  ARG A NE  1 
ATOM   767  C  CZ  . ARG A 1 97  ? -2.345  -3.724  -14.070 1.00 42.53 ? 97  ARG A CZ  1 
ATOM   768  N  NH1 . ARG A 1 97  ? -3.250  -3.333  -14.973 1.00 43.68 ? 97  ARG A NH1 1 
ATOM   769  N  NH2 . ARG A 1 97  ? -1.150  -3.119  -14.024 1.00 46.56 ? 97  ARG A NH2 1 
ATOM   770  N  N   . ALA A 1 98  ? -7.796  -7.357  -9.980  1.00 16.87 ? 98  ALA A N   1 
ATOM   771  C  CA  . ALA A 1 98  ? -9.239  -7.555  -9.844  1.00 17.62 ? 98  ALA A CA  1 
ATOM   772  C  C   . ALA A 1 98  ? -9.910  -6.255  -9.443  1.00 16.92 ? 98  ALA A C   1 
ATOM   773  O  O   . ALA A 1 98  ? -9.307  -5.455  -8.740  1.00 17.08 ? 98  ALA A O   1 
ATOM   774  C  CB  . ALA A 1 98  ? -9.546  -8.597  -8.779  1.00 19.30 ? 98  ALA A CB  1 
ATOM   775  N  N   . LEU A 1 99  ? -11.140 -6.057  -9.868  1.00 16.30 ? 99  LEU A N   1 
ATOM   776  C  CA  . LEU A 1 99  ? -11.929 -4.878  -9.492  1.00 15.98 ? 99  LEU A CA  1 
ATOM   777  C  C   . LEU A 1 99  ? -12.367 -5.046  -8.036  1.00 16.24 ? 99  LEU A C   1 
ATOM   778  O  O   . LEU A 1 99  ? -12.885 -6.076  -7.634  1.00 17.65 ? 99  LEU A O   1 
ATOM   779  C  CB  . LEU A 1 99  ? -13.161 -4.843  -10.392 1.00 16.92 ? 99  LEU A CB  1 
ATOM   780  C  CG  . LEU A 1 99  ? -14.250 -3.788  -10.072 1.00 19.97 ? 99  LEU A CG  1 
ATOM   781  C  CD1 . LEU A 1 99  ? -13.687 -2.411  -10.224 1.00 25.00 ? 99  LEU A CD1 1 
ATOM   782  C  CD2 . LEU A 1 99  ? -15.442 -4.004  -11.066 1.00 21.74 ? 99  LEU A CD2 1 
ATOM   783  N  N   . VAL A 1 100 ? -12.162 -3.978  -7.254  1.00 16.36 ? 100 VAL A N   1 
ATOM   784  C  CA  . VAL A 1 100 ? -12.556 -3.976  -5.853  1.00 19.18 ? 100 VAL A CA  1 
ATOM   785  C  C   . VAL A 1 100 ? -13.322 -2.664  -5.526  1.00 15.08 ? 100 VAL A C   1 
ATOM   786  O  O   . VAL A 1 100 ? -12.961 -1.651  -6.085  1.00 16.40 ? 100 VAL A O   1 
ATOM   787  C  CB  . VAL A 1 100 ? -11.238 -4.170  -5.027  1.00 26.47 ? 100 VAL A CB  1 
ATOM   788  C  CG1 . VAL A 1 100 ? -11.243 -3.486  -3.660  1.00 27.00 ? 100 VAL A CG1 1 
ATOM   789  C  CG2 . VAL A 1 100 ? -10.980 -5.690  -5.000  1.00 23.05 ? 100 VAL A CG2 1 
ATOM   790  N  N   . PRO A 1 101 ? -14.324 -2.743  -4.658  1.00 14.84 ? 101 PRO A N   1 
ATOM   791  C  CA  . PRO A 1 101 ? -15.086 -1.517  -4.314  1.00 15.33 ? 101 PRO A CA  1 
ATOM   792  C  C   . PRO A 1 101 ? -14.275 -0.589  -3.408  1.00 15.99 ? 101 PRO A C   1 
ATOM   793  O  O   . PRO A 1 101 ? -13.661 -1.049  -2.412  1.00 17.17 ? 101 PRO A O   1 
ATOM   794  C  CB  . PRO A 1 101 ? -16.310 -2.029  -3.577  1.00 17.40 ? 101 PRO A CB  1 
ATOM   795  C  CG  . PRO A 1 101 ? -16.394 -3.539  -3.843  1.00 21.34 ? 101 PRO A CG  1 
ATOM   796  C  CD  . PRO A 1 101 ? -14.900 -3.942  -4.043  1.00 17.09 ? 101 PRO A CD  1 
ATOM   797  N  N   . ARG A 1 102 ? -14.253 0.681   -3.725  1.00 14.72 ? 102 ARG A N   1 
ATOM   798  C  CA  . ARG A 1 102 ? -13.507 1.687   -2.946  1.00 14.67 ? 102 ARG A CA  1 
ATOM   799  C  C   . ARG A 1 102 ? -14.376 2.937   -2.867  1.00 15.30 ? 102 ARG A C   1 
ATOM   800  O  O   . ARG A 1 102 ? -15.262 3.159   -3.698  1.00 15.78 ? 102 ARG A O   1 
ATOM   801  C  CB  . ARG A 1 102 ? -12.230 2.113   -3.706  1.00 14.89 ? 102 ARG A CB  1 
ATOM   802  C  CG  . ARG A 1 102 ? -11.195 0.973   -3.867  1.00 14.93 ? 102 ARG A CG  1 
ATOM   803  C  CD  . ARG A 1 102 ? -10.603 0.600   -2.544  1.00 14.78 ? 102 ARG A CD  1 
ATOM   804  N  NE  . ARG A 1 102 ? -9.498  -0.347  -2.761  1.00 15.18 ? 102 ARG A NE  1 
ATOM   805  C  CZ  . ARG A 1 102 ? -8.911  -1.029  -1.777  1.00 15.36 ? 102 ARG A CZ  1 
ATOM   806  N  NH1 . ARG A 1 102 ? -9.279  -0.887  -0.498  1.00 15.35 ? 102 ARG A NH1 1 
ATOM   807  N  NH2 . ARG A 1 102 ? -7.937  -1.871  -2.106  1.00 15.72 ? 102 ARG A NH2 1 
ATOM   808  N  N   . ALA A 1 103 ? -14.116 3.760   -1.856  1.00 14.19 ? 103 ALA A N   1 
ATOM   809  C  CA  . ALA A 1 103 ? -14.685 5.103   -1.855  1.00 14.78 ? 103 ALA A CA  1 
ATOM   810  C  C   . ALA A 1 103 ? -14.111 5.907   -3.021  1.00 14.74 ? 103 ALA A C   1 
ATOM   811  O  O   . ALA A 1 103 ? -12.951 5.768   -3.403  1.00 15.44 ? 103 ALA A O   1 
ATOM   812  C  CB  . ALA A 1 103 ? -14.355 5.863   -0.525  1.00 16.23 ? 103 ALA A CB  1 
ATOM   813  N  N   . GLU A 1 104 ? -14.912 6.805   -3.603  1.00 15.47 ? 104 GLU A N   1 
ATOM   814  C  CA  . GLU A 1 104 ? -14.436 7.609   -4.690  1.00 15.97 ? 104 GLU A CA  1 
ATOM   815  C  C   . GLU A 1 104 ? -13.501 8.747   -4.227  1.00 14.97 ? 104 GLU A C   1 
ATOM   816  O  O   . GLU A 1 104 ? -12.555 9.120   -4.909  1.00 16.49 ? 104 GLU A O   1 
ATOM   817  C  CB  . GLU A 1 104 ? -15.621 8.187   -5.528  1.00 17.91 ? 104 GLU A CB  1 
ATOM   818  C  CG  . GLU A 1 104 ? -15.161 8.989   -6.719  1.00 20.68 ? 104 GLU A CG  1 
ATOM   819  C  CD  . GLU A 1 104 ? -16.301 9.560   -7.558  1.00 30.73 ? 104 GLU A CD  1 
ATOM   820  O  OE1 . GLU A 1 104 ? -17.375 9.859   -6.988  1.00 35.17 ? 104 GLU A OE1 1 
ATOM   821  O  OE2 . GLU A 1 104 ? -16.093 9.742   -8.796  1.00 41.90 ? 104 GLU A OE2 1 
ATOM   822  N  N   . LYS A 1 105 ? -13.855 9.327   -3.067  1.00 16.28 ? 105 LYS A N   1 
ATOM   823  C  CA  . LYS A 1 105 ? -13.096 10.463  -2.517  1.00 16.15 ? 105 LYS A CA  1 
ATOM   824  C  C   . LYS A 1 105 ? -12.796 10.206  -1.069  1.00 16.82 ? 105 LYS A C   1 
ATOM   825  O  O   . LYS A 1 105 ? -13.621 9.653   -0.352  1.00 16.56 ? 105 LYS A O   1 
ATOM   826  C  CB  . LYS A 1 105 ? -13.968 11.734  -2.621  1.00 18.40 ? 105 LYS A CB  1 
ATOM   827  C  CG  . LYS A 1 105 ? -14.277 12.111  -4.070  1.00 23.86 ? 105 LYS A CG  1 
ATOM   828  C  CD  . LYS A 1 105 ? -15.019 13.444  -4.187  1.00 28.75 ? 105 LYS A CD  1 
ATOM   829  C  CE  . LYS A 1 105 ? -15.123 13.854  -5.662  1.00 33.51 ? 105 LYS A CE  1 
ATOM   830  N  NZ  A LYS A 1 105 ? -15.871 15.137  -5.836  0.25 28.74 ? 105 LYS A NZ  1 
ATOM   831  N  NZ  B LYS A 1 105 ? -15.712 12.813  -6.560  0.50 30.87 ? 105 LYS A NZ  1 
ATOM   832  N  N   . VAL A 1 106 ? -11.604 10.640  -0.670  1.00 16.08 ? 106 VAL A N   1 
ATOM   833  C  CA  . VAL A 1 106 ? -11.228 10.529  0.731   1.00 15.47 ? 106 VAL A CA  1 
ATOM   834  C  C   . VAL A 1 106 ? -10.508 11.772  1.173   1.00 15.82 ? 106 VAL A C   1 
ATOM   835  O  O   . VAL A 1 106 ? -9.932  12.493  0.374   1.00 17.22 ? 106 VAL A O   1 
ATOM   836  C  CB  . VAL A 1 106 ? -10.275 9.287   1.006   1.00 15.82 ? 106 VAL A CB  1 
ATOM   837  C  CG1 . VAL A 1 106 ? -10.965 7.961   0.622   1.00 17.55 ? 106 VAL A CG1 1 
ATOM   838  C  CG2 . VAL A 1 106 ? -8.980  9.417   0.249   1.00 18.19 ? 106 VAL A CG2 1 
ATOM   839  N  N   . LYS A 1 107 ? -10.589 11.996  2.493   1.00 16.16 ? 107 LYS A N   1 
ATOM   840  C  CA  . LYS A 1 107 ? -9.802  13.043  3.124   1.00 16.45 ? 107 LYS A CA  1 
ATOM   841  C  C   . LYS A 1 107 ? -9.064  12.370  4.264   1.00 15.35 ? 107 LYS A C   1 
ATOM   842  O  O   . LYS A 1 107 ? -9.667  11.695  5.070   1.00 16.04 ? 107 LYS A O   1 
ATOM   843  C  CB  . LYS A 1 107 ? -10.678 14.186  3.651   1.00 18.79 ? 107 LYS A CB  1 
ATOM   844  C  CG  . LYS A 1 107 ? -9.808  15.289  4.257   1.00 22.49 ? 107 LYS A CG  1 
ATOM   845  C  CD  . LYS A 1 107 ? -10.726 16.335  4.911   1.00 28.48 ? 107 LYS A CD  1 
ATOM   846  C  CE  . LYS A 1 107 ? -9.958  17.472  5.537   1.00 37.38 ? 107 LYS A CE  1 
ATOM   847  N  NZ  . LYS A 1 107 ? -9.069  18.150  4.570   1.00 40.57 ? 107 LYS A NZ  1 
ATOM   848  N  N   . ILE A 1 108 ? -7.742  12.538  4.242   1.00 15.46 ? 108 ILE A N   1 
ATOM   849  C  CA  . ILE A 1 108 ? -6.903  11.951  5.275   1.00 16.80 ? 108 ILE A CA  1 
ATOM   850  C  C   . ILE A 1 108 ? -6.010  13.028  5.945   1.00 15.00 ? 108 ILE A C   1 
ATOM   851  O  O   . ILE A 1 108 ? -5.805  14.111  5.427   1.00 16.50 ? 108 ILE A O   1 
ATOM   852  C  CB  . ILE A 1 108 ? -5.981  10.816  4.688   1.00 17.69 ? 108 ILE A CB  1 
ATOM   853  C  CG1 . ILE A 1 108 ? -5.084  11.365  3.646   1.00 17.34 ? 108 ILE A CG1 1 
ATOM   854  C  CG2 . ILE A 1 108 ? -6.883  9.622   4.180   1.00 19.86 ? 108 ILE A CG2 1 
ATOM   855  C  CD1 . ILE A 1 108 ? -3.923  10.418  3.376   1.00 25.82 ? 108 ILE A CD1 1 
ATOM   856  N  N   . ARG A 1 109 ? -5.505  12.638  7.099   1.00 15.83 ? 109 ARG A N   1 
ATOM   857  C  CA  . ARG A 1 109 ? -4.447  13.410  7.785   1.00 15.81 ? 109 ARG A CA  1 
ATOM   858  C  C   . ARG A 1 109 ? -3.281  12.441  8.050   1.00 14.96 ? 109 ARG A C   1 
ATOM   859  O  O   . ARG A 1 109 ? -3.535  11.252  8.287   1.00 15.73 ? 109 ARG A O   1 
ATOM   860  C  CB  . ARG A 1 109 ? -5.003  13.971  9.117   1.00 21.28 ? 109 ARG A CB  1 
ATOM   861  C  CG  . ARG A 1 109 ? -4.049  14.733  10.005  1.00 27.72 ? 109 ARG A CG  1 
ATOM   862  C  CD  . ARG A 1 109 ? -4.805  15.024  11.327  1.00 30.85 ? 109 ARG A CD  1 
ATOM   863  N  NE  . ARG A 1 109 ? -5.869  16.017  11.133  1.00 40.72 ? 109 ARG A NE  1 
ATOM   864  C  CZ  . ARG A 1 109 ? -6.964  16.141  11.897  1.00 36.47 ? 109 ARG A CZ  1 
ATOM   865  N  NH1 . ARG A 1 109 ? -7.181  15.323  12.942  1.00 35.79 ? 109 ARG A NH1 1 
ATOM   866  N  NH2 . ARG A 1 109 ? -7.846  17.100  11.624  1.00 34.82 ? 109 ARG A NH2 1 
ATOM   867  N  N   . ALA A 1 110 ? -2.056  12.938  8.024   1.00 14.32 ? 110 ALA A N   1 
ATOM   868  C  CA  . ALA A 1 110 ? -0.917  12.057  8.266   1.00 14.74 ? 110 ALA A CA  1 
ATOM   869  C  C   . ALA A 1 110 ? 0.278   12.913  8.546   1.00 15.24 ? 110 ALA A C   1 
ATOM   870  O  O   . ALA A 1 110 ? 0.183   14.174  8.521   1.00 16.87 ? 110 ALA A O   1 
ATOM   871  C  CB  . ALA A 1 110 ? -0.665  11.216  6.972   1.00 16.25 ? 110 ALA A CB  1 
ATOM   872  N  N   . LEU A 1 111 ? 1.402   12.279  8.828   1.00 15.53 ? 111 LEU A N   1 
ATOM   873  C  CA  . LEU A 1 111 ? 2.680   12.992  8.939   1.00 15.18 ? 111 LEU A CA  1 
ATOM   874  C  C   . LEU A 1 111 ? 3.504   12.780  7.695   1.00 15.21 ? 111 LEU A C   1 
ATOM   875  O  O   . LEU A 1 111 ? 3.474   11.640  7.137   1.00 15.41 ? 111 LEU A O   1 
ATOM   876  C  CB  . LEU A 1 111 ? 3.491   12.463  10.142  1.00 16.50 ? 111 LEU A CB  1 
ATOM   877  C  CG  . LEU A 1 111 ? 2.779   12.550  11.500  1.00 16.81 ? 111 LEU A CG  1 
ATOM   878  C  CD1 . LEU A 1 111 ? 3.691   11.947  12.569  1.00 20.51 ? 111 LEU A CD1 1 
ATOM   879  C  CD2 . LEU A 1 111 ? 2.446   13.987  11.878  1.00 18.34 ? 111 LEU A CD2 1 
ATOM   880  N  N   . ASP A 1 112 ? 4.215   13.801  7.250   1.00 14.19 ? 112 ASP A N   1 
ATOM   881  C  CA  . ASP A 1 112 ? 5.109   13.678  6.110   1.00 14.92 ? 112 ASP A CA  1 
ATOM   882  C  C   . ASP A 1 112 ? 6.525   13.210  6.519   1.00 15.01 ? 112 ASP A C   1 
ATOM   883  O  O   . ASP A 1 112 ? 6.755   12.860  7.683   1.00 15.94 ? 112 ASP A O   1 
ATOM   884  C  CB  . ASP A 1 112 ? 5.136   14.958  5.241   1.00 16.14 ? 112 ASP A CB  1 
ATOM   885  C  CG  . ASP A 1 112 ? 5.803   16.142  5.903   1.00 18.04 ? 112 ASP A CG  1 
ATOM   886  O  OD1 . ASP A 1 112 ? 5.650   17.249  5.372   1.00 20.25 ? 112 ASP A OD1 1 
ATOM   887  O  OD2 . ASP A 1 112 ? 6.536   15.946  6.893   1.00 17.51 ? 112 ASP A OD2 1 
ATOM   888  N  N   . ARG A 1 113 ? 7.440   13.164  5.560   1.00 14.99 ? 113 ARG A N   1 
ATOM   889  C  CA  . ARG A 1 113 ? 8.781   12.690  5.855   1.00 16.75 ? 113 ARG A CA  1 
ATOM   890  C  C   . ARG A 1 113 ? 9.510   13.522  6.922   1.00 16.24 ? 113 ARG A C   1 
ATOM   891  O  O   . ARG A 1 113 ? 10.434  12.995  7.591   1.00 17.89 ? 113 ARG A O   1 
ATOM   892  C  CB  . ARG A 1 113 ? 9.581   12.589  4.551   1.00 17.82 ? 113 ARG A CB  1 
ATOM   893  C  CG  . ARG A 1 113 ? 10.981  11.978  4.722   1.00 17.78 ? 113 ARG A CG  1 
ATOM   894  C  CD  . ARG A 1 113 ? 11.689  11.889  3.335   1.00 17.16 ? 113 ARG A CD  1 
ATOM   895  N  NE  . ARG A 1 113 ? 13.069  11.365  3.412   1.00 19.47 ? 113 ARG A NE  1 
ATOM   896  C  CZ  . ARG A 1 113 ? 14.107  12.065  3.846   1.00 21.05 ? 113 ARG A CZ  1 
ATOM   897  N  NH1 . ARG A 1 113 ? 13.927  13.319  4.249   1.00 22.76 ? 113 ARG A NH1 1 
ATOM   898  N  NH2 . ARG A 1 113 ? 15.308  11.497  3.909   1.00 22.59 ? 113 ARG A NH2 1 
ATOM   899  N  N   . ASP A 1 114 ? 9.114   14.787  7.073   1.00 15.98 ? 114 ASP A N   1 
ATOM   900  C  CA  . ASP A 1 114 ? 9.739   15.658  8.110   1.00 17.01 ? 114 ASP A CA  1 
ATOM   901  C  C   . ASP A 1 114 ? 8.988   15.536  9.420   1.00 18.00 ? 114 ASP A C   1 
ATOM   902  O  O   . ASP A 1 114 ? 9.348   16.241  10.393  1.00 20.72 ? 114 ASP A O   1 
ATOM   903  C  CB  . ASP A 1 114 ? 9.708   17.111  7.630   1.00 17.13 ? 114 ASP A CB  1 
ATOM   904  C  CG  . ASP A 1 114 ? 10.492  17.308  6.370   1.00 17.71 ? 114 ASP A CG  1 
ATOM   905  O  OD1 . ASP A 1 114 ? 11.585  16.747  6.257   1.00 22.08 ? 114 ASP A OD1 1 
ATOM   906  O  OD2 . ASP A 1 114 ? 10.024  18.005  5.479   1.00 21.25 ? 114 ASP A OD2 1 
ATOM   907  N  N   . GLY A 1 115 ? 7.959   14.707  9.519   1.00 17.13 ? 115 GLY A N   1 
ATOM   908  C  CA  . GLY A 1 115 ? 7.196   14.617  10.738  1.00 16.86 ? 115 GLY A CA  1 
ATOM   909  C  C   . GLY A 1 115 ? 6.149   15.710  10.818  1.00 16.40 ? 115 GLY A C   1 
ATOM   910  O  O   . GLY A 1 115 ? 5.513   15.901  11.875  1.00 19.42 ? 115 GLY A O   1 
ATOM   911  N  N   . LYS A 1 116 ? 5.879   16.435  9.745   1.00 16.09 ? 116 LYS A N   1 
ATOM   912  C  CA  . LYS A 1 116 ? 4.906   17.533  9.776   1.00 15.91 ? 116 LYS A CA  1 
ATOM   913  C  C   . LYS A 1 116 ? 3.492   17.049  9.494   1.00 16.13 ? 116 LYS A C   1 
ATOM   914  O  O   . LYS A 1 116 ? 3.288   16.317  8.519   1.00 16.53 ? 116 LYS A O   1 
ATOM   915  C  CB  . LYS A 1 116 ? 5.302   18.579  8.743   1.00 17.39 ? 116 LYS A CB  1 
ATOM   916  C  CG  . LYS A 1 116 ? 4.315   19.735  8.665   1.00 20.05 ? 116 LYS A CG  1 
ATOM   917  C  CD  . LYS A 1 116 ? 4.650   20.732  7.545   1.00 21.80 ? 116 LYS A CD  1 
ATOM   918  C  CE  . LYS A 1 116 ? 3.437   21.635  7.330   1.00 28.38 ? 116 LYS A CE  1 
ATOM   919  N  NZ  . LYS A 1 116 ? 2.341   20.891  6.550   1.00 31.96 ? 116 LYS A NZ  1 
ATOM   920  N  N   . PRO A 1 117 ? 2.486   17.385  10.263  1.00 15.03 ? 117 PRO A N   1 
ATOM   921  C  CA  . PRO A 1 117 ? 1.120   16.955  9.992   1.00 16.67 ? 117 PRO A CA  1 
ATOM   922  C  C   . PRO A 1 117 ? 0.590   17.687  8.785   1.00 17.71 ? 117 PRO A C   1 
ATOM   923  O  O   . PRO A 1 117 ? 0.887   18.881  8.556   1.00 18.78 ? 117 PRO A O   1 
ATOM   924  C  CB  . PRO A 1 117 ? 0.332   17.305  11.260  1.00 19.33 ? 117 PRO A CB  1 
ATOM   925  C  CG  . PRO A 1 117 ? 1.206   18.194  12.023  1.00 22.13 ? 117 PRO A CG  1 
ATOM   926  C  CD  . PRO A 1 117 ? 2.629   18.093  11.556  1.00 16.64 ? 117 PRO A CD  1 
ATOM   927  N  N   . PHE A 1 118 ? -0.202  17.002  7.966   1.00 16.21 ? 118 PHE A N   1 
ATOM   928  C  CA  . PHE A 1 118 ? -0.823  17.629  6.806   1.00 15.60 ? 118 PHE A CA  1 
ATOM   929  C  C   . PHE A 1 118 ? -2.157  16.919  6.564   1.00 15.02 ? 118 PHE A C   1 
ATOM   930  O  O   . PHE A 1 118 ? -2.422  15.810  7.076   1.00 16.85 ? 118 PHE A O   1 
ATOM   931  C  CB  . PHE A 1 118 ? 0.069   17.558  5.564   1.00 17.27 ? 118 PHE A CB  1 
ATOM   932  C  CG  . PHE A 1 118 ? 0.278   16.163  5.008   1.00 16.31 ? 118 PHE A CG  1 
ATOM   933  C  CD1 . PHE A 1 118 ? -0.526  15.718  3.962   1.00 20.30 ? 118 PHE A CD1 1 
ATOM   934  C  CD2 . PHE A 1 118 ? 1.247   15.325  5.512   1.00 16.75 ? 118 PHE A CD2 1 
ATOM   935  C  CE1 . PHE A 1 118 ? -0.334  14.412  3.416   1.00 21.82 ? 118 PHE A CE1 1 
ATOM   936  C  CE2 . PHE A 1 118 ? 1.442   14.021  4.979   1.00 17.42 ? 118 PHE A CE2 1 
ATOM   937  C  CZ  . PHE A 1 118 ? 0.657   13.581  3.936   1.00 19.60 ? 118 PHE A CZ  1 
ATOM   938  N  N   . GLU A 1 119 ? -3.007  17.554  5.785   1.00 16.71 ? 119 GLU A N   1 
ATOM   939  C  CA  . GLU A 1 119 ? -4.290  16.993  5.380   1.00 17.08 ? 119 GLU A CA  1 
ATOM   940  C  C   . GLU A 1 119 ? -4.286  16.950  3.846   1.00 18.45 ? 119 GLU A C   1 
ATOM   941  O  O   . GLU A 1 119 ? -3.681  17.810  3.153   1.00 19.64 ? 119 GLU A O   1 
ATOM   942  C  CB  . GLU A 1 119 ? -5.447  17.897  5.880   1.00 18.27 ? 119 GLU A CB  1 
ATOM   943  C  CG  . GLU A 1 119 ? -5.659  17.780  7.367   1.00 24.49 ? 119 GLU A CG  1 
ATOM   944  C  CD  . GLU A 1 119 ? -6.841  18.601  7.912   1.00 30.21 ? 119 GLU A CD  1 
ATOM   945  O  OE1 . GLU A 1 119 ? -7.817  18.852  7.186   1.00 35.47 ? 119 GLU A OE1 1 
ATOM   946  O  OE2 . GLU A 1 119 ? -6.791  18.968  9.105   1.00 41.08 ? 119 GLU A OE2 1 
ATOM   947  N  N   . LEU A 1 120 ? -4.975  15.938  3.325   1.00 16.55 ? 120 LEU A N   1 
ATOM   948  C  CA  . LEU A 1 120 ? -5.035  15.723  1.888   1.00 17.05 ? 120 LEU A CA  1 
ATOM   949  C  C   . LEU A 1 120 ? -6.397  15.215  1.495   1.00 15.59 ? 120 LEU A C   1 
ATOM   950  O  O   . LEU A 1 120 ? -6.895  14.241  2.056   1.00 17.45 ? 120 LEU A O   1 
ATOM   951  C  CB  . LEU A 1 120 ? -3.969  14.664  1.520   1.00 18.79 ? 120 LEU A CB  1 
ATOM   952  C  CG  . LEU A 1 120 ? -3.939  14.110  0.086   1.00 22.00 ? 120 LEU A CG  1 
ATOM   953  C  CD1 . LEU A 1 120 ? -3.672  15.242  -0.865  1.00 26.59 ? 120 LEU A CD1 1 
ATOM   954  C  CD2 . LEU A 1 120 ? -2.858  13.003  -0.039  1.00 23.37 ? 120 LEU A CD2 1 
ATOM   955  N  N   . GLU A 1 121 ? -6.981  15.884  0.505   1.00 16.62 ? 121 GLU A N   1 
ATOM   956  C  CA  . GLU A 1 121 ? -8.241  15.430  -0.092  1.00 18.40 ? 121 GLU A CA  1 
ATOM   957  C  C   . GLU A 1 121 ? -7.881  14.829  -1.447  1.00 17.88 ? 121 GLU A C   1 
ATOM   958  O  O   . GLU A 1 121 ? -7.106  15.421  -2.211  1.00 21.25 ? 121 GLU A O   1 
ATOM   959  C  CB  . GLU A 1 121 ? -9.195  16.608  -0.314  1.00 20.34 ? 121 GLU A CB  1 
ATOM   960  C  CG  . GLU A 1 121 ? -9.705  17.219  1.002   1.00 28.53 ? 121 GLU A CG  1 
ATOM   961  C  CD  . GLU A 1 121 ? -10.673 18.398  0.817   1.00 36.42 ? 121 GLU A CD  1 
ATOM   962  O  OE1 . GLU A 1 121 ? -11.799 18.169  0.337   1.00 42.70 ? 121 GLU A OE1 1 
ATOM   963  O  OE2 . GLU A 1 121 ? -10.296 19.549  1.150   1.00 41.11 ? 121 GLU A OE2 1 
ATOM   964  N  N   . ALA A 1 122 ? -8.363  13.608  -1.688  1.00 17.17 ? 122 ALA A N   1 
ATOM   965  C  CA  . ALA A 1 122 ? -8.006  12.914  -2.918  1.00 17.40 ? 122 ALA A CA  1 
ATOM   966  C  C   . ALA A 1 122 ? -9.237  12.325  -3.578  1.00 15.92 ? 122 ALA A C   1 
ATOM   967  O  O   . ALA A 1 122 ? -10.209 11.986  -2.935  1.00 16.45 ? 122 ALA A O   1 
ATOM   968  C  CB  . ALA A 1 122 ? -7.006  11.787  -2.582  1.00 18.44 ? 122 ALA A CB  1 
ATOM   969  N  N   . ASP A 1 123 ? -9.142  12.199  -4.889  1.00 16.62 ? 123 ASP A N   1 
ATOM   970  C  CA  . ASP A 1 123 ? -10.170 11.528  -5.684  1.00 17.97 ? 123 ASP A CA  1 
ATOM   971  C  C   . ASP A 1 123 ? -9.419  10.690  -6.716  1.00 17.22 ? 123 ASP A C   1 
ATOM   972  O  O   . ASP A 1 123 ? -8.215  10.584  -6.705  1.00 17.61 ? 123 ASP A O   1 
ATOM   973  C  CB  . ASP A 1 123 ? -11.151 12.527  -6.331  1.00 19.72 ? 123 ASP A CB  1 
ATOM   974  C  CG  . ASP A 1 123 ? -10.444 13.588  -7.083  1.00 27.50 ? 123 ASP A CG  1 
ATOM   975  O  OD1 . ASP A 1 123 ? -9.477  13.298  -7.815  1.00 25.67 ? 123 ASP A OD1 1 
ATOM   976  O  OD2 . ASP A 1 123 ? -10.806 14.786  -6.915  1.00 41.75 ? 123 ASP A OD2 1 
ATOM   977  N  N   . GLY A 1 124 ? -10.187 10.097  -7.610  1.00 17.83 ? 124 GLY A N   1 
ATOM   978  C  CA  . GLY A 1 124 ? -9.616  9.289   -8.697  1.00 17.76 ? 124 GLY A CA  1 
ATOM   979  C  C   . GLY A 1 124 ? -8.650  8.205   -8.196  1.00 17.09 ? 124 GLY A C   1 
ATOM   980  O  O   . GLY A 1 124 ? -8.833  7.565   -7.173  1.00 17.03 ? 124 GLY A O   1 
ATOM   981  N  N   . LEU A 1 125 ? -7.614  8.046   -8.999  1.00 16.72 ? 125 LEU A N   1 
ATOM   982  C  CA  . LEU A 1 125 ? -6.608  7.032   -8.721  1.00 15.22 ? 125 LEU A CA  1 
ATOM   983  C  C   . LEU A 1 125 ? -5.933  7.224   -7.367  1.00 14.48 ? 125 LEU A C   1 
ATOM   984  O  O   . LEU A 1 125 ? -5.713  6.245   -6.668  1.00 15.30 ? 125 LEU A O   1 
ATOM   985  C  CB  . LEU A 1 125 ? -5.564  7.039   -9.846  1.00 16.86 ? 125 LEU A CB  1 
ATOM   986  C  CG  . LEU A 1 125 ? -4.402  6.040   -9.690  1.00 17.57 ? 125 LEU A CG  1 
ATOM   987  C  CD1 . LEU A 1 125 ? -4.907  4.585   -9.684  1.00 19.20 ? 125 LEU A CD1 1 
ATOM   988  C  CD2 . LEU A 1 125 ? -3.382  6.227   -10.815 1.00 19.32 ? 125 LEU A CD2 1 
ATOM   989  N  N   . LEU A 1 126 ? -5.623  8.465   -7.015  1.00 14.89 ? 126 LEU A N   1 
ATOM   990  C  CA  . LEU A 1 126 ? -4.945  8.686   -5.751  1.00 14.54 ? 126 LEU A CA  1 
ATOM   991  C  C   . LEU A 1 126 ? -5.809  8.209   -4.600  1.00 14.61 ? 126 LEU A C   1 
ATOM   992  O  O   . LEU A 1 126 ? -5.267  7.581   -3.667  1.00 15.13 ? 126 LEU A O   1 
ATOM   993  C  CB  . LEU A 1 126 ? -4.596  10.157  -5.586  1.00 16.38 ? 126 LEU A CB  1 
ATOM   994  C  CG  . LEU A 1 126 ? -3.879  10.476  -4.266  1.00 15.94 ? 126 LEU A CG  1 
ATOM   995  C  CD1 . LEU A 1 126 ? -2.604  9.666   -4.063  1.00 17.99 ? 126 LEU A CD1 1 
ATOM   996  C  CD2 . LEU A 1 126 ? -3.540  11.997  -4.243  1.00 18.41 ? 126 LEU A CD2 1 
ATOM   997  N  N   . ALA A 1 127 ? -7.103  8.479   -4.634  1.00 13.74 ? 127 ALA A N   1 
ATOM   998  C  CA  . ALA A 1 127 ? -7.955  8.029   -3.546  1.00 14.46 ? 127 ALA A CA  1 
ATOM   999  C  C   . ALA A 1 127 ? -7.950  6.514   -3.416  1.00 14.59 ? 127 ALA A C   1 
ATOM   1000 O  O   . ALA A 1 127 ? -7.981  5.952   -2.312  1.00 14.73 ? 127 ALA A O   1 
ATOM   1001 C  CB  . ALA A 1 127 ? -9.428  8.531   -3.752  1.00 16.51 ? 127 ALA A CB  1 
ATOM   1002 N  N   . ILE A 1 128 ? -8.010  5.831   -4.577  1.00 14.21 ? 128 ILE A N   1 
ATOM   1003 C  CA  . ILE A 1 128 ? -7.978  4.354   -4.558  1.00 15.49 ? 128 ILE A CA  1 
ATOM   1004 C  C   . ILE A 1 128 ? -6.637  3.836   -3.977  1.00 13.64 ? 128 ILE A C   1 
ATOM   1005 O  O   . ILE A 1 128 ? -6.656  2.949   -3.128  1.00 14.43 ? 128 ILE A O   1 
ATOM   1006 C  CB  . ILE A 1 128 ? -8.242  3.834   -6.009  1.00 14.27 ? 128 ILE A CB  1 
ATOM   1007 C  CG1 . ILE A 1 128 ? -9.695  4.109   -6.421  1.00 15.40 ? 128 ILE A CG1 1 
ATOM   1008 C  CG2 . ILE A 1 128 ? -7.854  2.360   -6.135  1.00 16.11 ? 128 ILE A CG2 1 
ATOM   1009 C  CD1 . ILE A 1 128 ? -9.910  3.952   -7.931  1.00 18.43 ? 128 ILE A CD1 1 
ATOM   1010 N  N   . CYS A 1 129 ? -5.541  4.441   -4.402  1.00 14.27 ? 129 CYS A N   1 
ATOM   1011 C  CA  . CYS A 1 129 ? -4.243  3.980   -3.918  1.00 14.47 ? 129 CYS A CA  1 
ATOM   1012 C  C   . CYS A 1 129 ? -4.110  4.181   -2.426  1.00 15.17 ? 129 CYS A C   1 
ATOM   1013 O  O   . CYS A 1 129 ? -3.650  3.297   -1.731  1.00 15.04 ? 129 CYS A O   1 
ATOM   1014 C  CB  . CYS A 1 129 ? -3.197  4.780   -4.670  1.00 15.37 ? 129 CYS A CB  1 
ATOM   1015 S  SG  A CYS A 1 129 ? -2.900  4.251   -6.307  0.25 26.97 ? 129 CYS A SG  1 
ATOM   1016 S  SG  B CYS A 1 129 ? -1.515  4.438   -4.320  0.50 14.31 ? 129 CYS A SG  1 
ATOM   1017 N  N   . ILE A 1 130 ? -4.557  5.331   -1.908  1.00 14.52 ? 130 ILE A N   1 
ATOM   1018 C  CA  . ILE A 1 130 ? -4.456  5.566   -0.457  1.00 14.73 ? 130 ILE A CA  1 
ATOM   1019 C  C   . ILE A 1 130 ? -5.250  4.499   0.297   1.00 14.30 ? 130 ILE A C   1 
ATOM   1020 O  O   . ILE A 1 130 ? -4.772  3.980   1.295   1.00 14.73 ? 130 ILE A O   1 
ATOM   1021 C  CB  . ILE A 1 130 ? -5.005  6.996   -0.144  1.00 14.56 ? 130 ILE A CB  1 
ATOM   1022 C  CG1 . ILE A 1 130 ? -3.993  8.067   -0.605  1.00 15.77 ? 130 ILE A CG1 1 
ATOM   1023 C  CG2 . ILE A 1 130 ? -5.249  7.131   1.384   1.00 16.41 ? 130 ILE A CG2 1 
ATOM   1024 C  CD1 . ILE A 1 130 ? -4.611  9.489   -0.629  1.00 17.30 ? 130 ILE A CD1 1 
ATOM   1025 N  N   . GLN A 1 131 ? -6.435  4.150   -0.163  1.00 14.03 ? 131 GLN A N   1 
ATOM   1026 C  CA  . GLN A 1 131 ? -7.228  3.120   0.489   1.00 13.92 ? 131 GLN A CA  1 
ATOM   1027 C  C   . GLN A 1 131 ? -6.536  1.739   0.450   1.00 13.32 ? 131 GLN A C   1 
ATOM   1028 O  O   . GLN A 1 131 ? -6.527  1.026   1.431   1.00 14.96 ? 131 GLN A O   1 
ATOM   1029 C  CB  . GLN A 1 131 ? -8.612  3.019   -0.141  1.00 13.61 ? 131 GLN A CB  1 
ATOM   1030 C  CG  . GLN A 1 131 ? -9.440  4.253   0.179   1.00 14.48 ? 131 GLN A CG  1 
ATOM   1031 C  CD  . GLN A 1 131 ? -10.739 4.252   -0.645  1.00 13.03 ? 131 GLN A CD  1 
ATOM   1032 O  OE1 . GLN A 1 131 ? -11.692 3.518   -0.331  1.00 15.51 ? 131 GLN A OE1 1 
ATOM   1033 N  NE2 . GLN A 1 131 ? -10.738 5.048   -1.682  1.00 14.62 ? 131 GLN A NE2 1 
ATOM   1034 N  N   . HIS A 1 132 ? -5.966  1.386   -0.705  1.00 13.78 ? 132 HIS A N   1 
ATOM   1035 C  CA  . HIS A 1 132 ? -5.241  0.131   -0.840  1.00 13.98 ? 132 HIS A CA  1 
ATOM   1036 C  C   . HIS A 1 132 ? -4.085  0.088   0.156   1.00 13.44 ? 132 HIS A C   1 
ATOM   1037 O  O   . HIS A 1 132 ? -3.903  -0.923  0.827   1.00 14.19 ? 132 HIS A O   1 
ATOM   1038 C  CB  . HIS A 1 132 ? -4.789  0.058   -2.292  1.00 14.94 ? 132 HIS A CB  1 
ATOM   1039 C  CG  . HIS A 1 132 ? -3.996  -1.157  -2.627  1.00 14.53 ? 132 HIS A CG  1 
ATOM   1040 N  ND1 . HIS A 1 132 ? -4.420  -2.125  -3.520  1.00 15.28 ? 132 HIS A ND1 1 
ATOM   1041 C  CD2 . HIS A 1 132 ? -2.762  -1.536  -2.237  1.00 14.76 ? 132 HIS A CD2 1 
ATOM   1042 C  CE1 . HIS A 1 132 ? -3.419  -3.050  -3.620  1.00 14.82 ? 132 HIS A CE1 1 
ATOM   1043 N  NE2 . HIS A 1 132 ? -2.357  -2.759  -2.859  1.00 14.86 ? 132 HIS A NE2 1 
ATOM   1044 N  N   . GLU A 1 133 ? -3.303  1.141   0.200   1.00 13.69 ? 133 GLU A N   1 
ATOM   1045 C  CA  . GLU A 1 133 ? -2.155  1.124   1.102   1.00 14.30 ? 133 GLU A CA  1 
ATOM   1046 C  C   . GLU A 1 133 ? -2.562  1.161   2.544   1.00 14.43 ? 133 GLU A C   1 
ATOM   1047 O  O   . GLU A 1 133 ? -1.942  0.457   3.368   1.00 15.32 ? 133 GLU A O   1 
ATOM   1048 C  CB  . GLU A 1 133 ? -1.215  2.287   0.806   1.00 15.62 ? 133 GLU A CB  1 
ATOM   1049 C  CG  . GLU A 1 133 ? -0.722  2.346   -0.668  1.00 17.11 ? 133 GLU A CG  1 
ATOM   1050 C  CD  . GLU A 1 133 ? -0.143  1.100   -1.175  1.00 19.42 ? 133 GLU A CD  1 
ATOM   1051 O  OE1 . GLU A 1 133 ? 0.353   0.306   -0.407  1.00 24.03 ? 133 GLU A OE1 1 
ATOM   1052 O  OE2 . GLU A 1 133 ? -0.202  0.974   -2.429  1.00 25.07 ? 133 GLU A OE2 1 
ATOM   1053 N  N   . MET A 1 134 ? -3.587  1.927   2.924   1.00 13.74 ? 134 MET A N   1 
ATOM   1054 C  CA  . MET A 1 134 ? -4.005  1.912   4.311   1.00 14.16 ? 134 MET A CA  1 
ATOM   1055 C  C   . MET A 1 134 ? -4.525  0.549   4.681   1.00 14.78 ? 134 MET A C   1 
ATOM   1056 O  O   . MET A 1 134 ? -4.334  0.107   5.815   1.00 15.44 ? 134 MET A O   1 
ATOM   1057 C  CB  . MET A 1 134 ? -5.069  2.961   4.574   1.00 15.04 ? 134 MET A CB  1 
ATOM   1058 C  CG  . MET A 1 134 ? -4.447  4.378   4.574   1.00 15.08 ? 134 MET A CG  1 
ATOM   1059 S  SD  . MET A 1 134 ? -5.549  5.748   4.927   1.00 17.99 ? 134 MET A SD  1 
ATOM   1060 C  CE  . MET A 1 134 ? -5.830  5.446   6.686   1.00 20.47 ? 134 MET A CE  1 
ATOM   1061 N  N   . ASP A 1 135 ? -5.159  -0.198  3.760   1.00 14.33 ? 135 ASP A N   1 
ATOM   1062 C  CA  . ASP A 1 135 ? -5.614  -1.544  4.075   1.00 14.27 ? 135 ASP A CA  1 
ATOM   1063 C  C   . ASP A 1 135 ? -4.385  -2.432  4.395   1.00 13.53 ? 135 ASP A C   1 
ATOM   1064 O  O   . ASP A 1 135 ? -4.488  -3.232  5.333   1.00 14.60 ? 135 ASP A O   1 
ATOM   1065 C  CB  . ASP A 1 135 ? -6.363  -2.189  2.885   1.00 14.33 ? 135 ASP A CB  1 
ATOM   1066 C  CG  . ASP A 1 135 ? -7.816  -1.900  2.832   1.00 16.70 ? 135 ASP A CG  1 
ATOM   1067 O  OD1 . ASP A 1 135 ? -8.377  -1.250  3.734   1.00 17.76 ? 135 ASP A OD1 1 
ATOM   1068 O  OD2 . ASP A 1 135 ? -8.492  -2.377  1.858   1.00 16.19 ? 135 ASP A OD2 1 
ATOM   1069 N  N   . HIS A 1 136 ? -3.278  -2.270  3.661   1.00 13.52 ? 136 HIS A N   1 
ATOM   1070 C  CA  . HIS A 1 136 ? -2.122  -3.135  3.988   1.00 14.47 ? 136 HIS A CA  1 
ATOM   1071 C  C   . HIS A 1 136 ? -1.684  -2.969  5.450   1.00 15.50 ? 136 HIS A C   1 
ATOM   1072 O  O   . HIS A 1 136 ? -1.292  -3.937  6.099   1.00 16.23 ? 136 HIS A O   1 
ATOM   1073 C  CB  . HIS A 1 136 ? -0.913  -2.756  3.138   1.00 14.91 ? 136 HIS A CB  1 
ATOM   1074 C  CG  . HIS A 1 136 ? -0.857  -3.394  1.782   1.00 13.94 ? 136 HIS A CG  1 
ATOM   1075 N  ND1 . HIS A 1 136 ? -0.823  -4.765  1.600   1.00 15.13 ? 136 HIS A ND1 1 
ATOM   1076 C  CD2 . HIS A 1 136 ? -0.787  -2.852  0.546   1.00 14.31 ? 136 HIS A CD2 1 
ATOM   1077 C  CE1 . HIS A 1 136 ? -0.746  -5.001  0.262   1.00 15.80 ? 136 HIS A CE1 1 
ATOM   1078 N  NE2 . HIS A 1 136 ? -0.714  -3.876  -0.438  1.00 14.69 ? 136 HIS A NE2 1 
ATOM   1079 N  N   . LEU A 1 137 ? -1.785  -1.756  6.015   1.00 14.81 ? 137 LEU A N   1 
ATOM   1080 C  CA  . LEU A 1 137 ? -1.309  -1.485  7.375   1.00 15.45 ? 137 LEU A CA  1 
ATOM   1081 C  C   . LEU A 1 137 ? -2.188  -2.173  8.406   1.00 15.97 ? 137 LEU A C   1 
ATOM   1082 O  O   . LEU A 1 137 ? -1.772  -2.288  9.574   1.00 17.15 ? 137 LEU A O   1 
ATOM   1083 C  CB  . LEU A 1 137 ? -1.309  0.018   7.623   1.00 15.49 ? 137 LEU A CB  1 
ATOM   1084 C  CG  . LEU A 1 137 ? -0.348  0.806   6.750   1.00 14.14 ? 137 LEU A CG  1 
ATOM   1085 C  CD1 . LEU A 1 137 ? -0.431  2.293   7.228   1.00 16.71 ? 137 LEU A CD1 1 
ATOM   1086 C  CD2 . LEU A 1 137 ? 1.108   0.293   6.844   1.00 16.36 ? 137 LEU A CD2 1 
ATOM   1087 N  N   . VAL A 1 138 ? -3.372  -2.640  8.055   1.00 15.39 ? 138 VAL A N   1 
ATOM   1088 C  CA  . VAL A 1 138 ? -4.181  -3.368  9.015   1.00 16.52 ? 138 VAL A CA  1 
ATOM   1089 C  C   . VAL A 1 138 ? -4.304  -4.840  8.573   1.00 16.70 ? 138 VAL A C   1 
ATOM   1090 O  O   . VAL A 1 138 ? -5.214  -5.552  8.978   1.00 18.87 ? 138 VAL A O   1 
ATOM   1091 C  CB  . VAL A 1 138 ? -5.566  -2.712  9.293   1.00 15.90 ? 138 VAL A CB  1 
ATOM   1092 C  CG1 . VAL A 1 138 ? -5.346  -1.345  10.020  1.00 18.91 ? 138 VAL A CG1 1 
ATOM   1093 C  CG2 . VAL A 1 138 ? -6.345  -2.516  7.960   1.00 17.96 ? 138 VAL A CG2 1 
ATOM   1094 N  N   . GLY A 1 139 ? -3.349  -5.249  7.742   1.00 16.20 ? 139 GLY A N   1 
ATOM   1095 C  CA  . GLY A 1 139 ? -3.305  -6.663  7.320   1.00 17.48 ? 139 GLY A CA  1 
ATOM   1096 C  C   . GLY A 1 139 ? -4.361  -7.091  6.327   1.00 17.59 ? 139 GLY A C   1 
ATOM   1097 O  O   . GLY A 1 139 ? -4.714  -8.296  6.297   1.00 18.55 ? 139 GLY A O   1 
ATOM   1098 N  N   . LYS A 1 140 ? -4.866  -6.139  5.539   1.00 16.25 ? 140 LYS A N   1 
ATOM   1099 C  CA  . LYS A 1 140 ? -5.927  -6.398  4.579   1.00 15.24 ? 140 LYS A CA  1 
ATOM   1100 C  C   . LYS A 1 140 ? -5.367  -6.247  3.177   1.00 16.43 ? 140 LYS A C   1 
ATOM   1101 O  O   . LYS A 1 140 ? -4.622  -5.325  2.860   1.00 16.75 ? 140 LYS A O   1 
ATOM   1102 C  CB  . LYS A 1 140 ? -7.090  -5.447  4.834   1.00 16.35 ? 140 LYS A CB  1 
ATOM   1103 C  CG  . LYS A 1 140 ? -8.296  -5.653  3.902   1.00 20.37 ? 140 LYS A CG  1 
ATOM   1104 C  CD  . LYS A 1 140 ? -9.514  -4.828  4.393   1.00 21.80 ? 140 LYS A CD  1 
ATOM   1105 C  CE  . LYS A 1 140 ? -10.792 -5.349  3.775   1.00 26.26 ? 140 LYS A CE  1 
ATOM   1106 N  NZ  . LYS A 1 140 ? -11.924 -4.440  4.186   1.00 32.36 ? 140 LYS A NZ  1 
ATOM   1107 N  N   . LEU A 1 141 ? -5.747  -7.207  2.313   1.00 17.18 ? 141 LEU A N   1 
ATOM   1108 C  CA  . LEU A 1 141 ? -5.281  -7.253  0.922   1.00 16.00 ? 141 LEU A CA  1 
ATOM   1109 C  C   . LEU A 1 141 ? -6.484  -7.072  -0.009  1.00 15.59 ? 141 LEU A C   1 
ATOM   1110 O  O   . LEU A 1 141 ? -7.616  -7.400  0.383   1.00 16.28 ? 141 LEU A O   1 
ATOM   1111 C  CB  . LEU A 1 141 ? -4.639  -8.620  0.639   1.00 17.32 ? 141 LEU A CB  1 
ATOM   1112 C  CG  . LEU A 1 141 ? -3.432  -8.948  1.511   1.00 18.65 ? 141 LEU A CG  1 
ATOM   1113 C  CD1 . LEU A 1 141 ? -3.011  -10.412 1.243   1.00 21.39 ? 141 LEU A CD1 1 
ATOM   1114 C  CD2 . LEU A 1 141 ? -2.286  -7.970  1.229   1.00 20.80 ? 141 LEU A CD2 1 
ATOM   1115 N  N   . PHE A 1 142 ? -6.260  -6.657  -1.254  1.00 15.43 ? 142 PHE A N   1 
ATOM   1116 C  CA  . PHE A 1 142 ? -7.406  -6.389  -2.110  1.00 15.71 ? 142 PHE A CA  1 
ATOM   1117 C  C   . PHE A 1 142 ? -8.209  -7.646  -2.414  1.00 16.29 ? 142 PHE A C   1 
ATOM   1118 O  O   . PHE A 1 142 ? -9.431  -7.598  -2.645  1.00 17.57 ? 142 PHE A O   1 
ATOM   1119 C  CB  . PHE A 1 142 ? -6.992  -5.652  -3.410  1.00 18.48 ? 142 PHE A CB  1 
ATOM   1120 C  CG  . PHE A 1 142 ? -6.418  -6.532  -4.503  1.00 18.38 ? 142 PHE A CG  1 
ATOM   1121 C  CD1 . PHE A 1 142 ? -7.228  -7.390  -5.274  1.00 21.52 ? 142 PHE A CD1 1 
ATOM   1122 C  CD2 . PHE A 1 142 ? -5.049  -6.545  -4.784  1.00 19.93 ? 142 PHE A CD2 1 
ATOM   1123 C  CE1 . PHE A 1 142 ? -6.672  -8.225  -6.282  1.00 24.29 ? 142 PHE A CE1 1 
ATOM   1124 C  CE2 . PHE A 1 142 ? -4.508  -7.394  -5.832  1.00 20.09 ? 142 PHE A CE2 1 
ATOM   1125 C  CZ  . PHE A 1 142 ? -5.304  -8.204  -6.547  1.00 21.43 ? 142 PHE A CZ  1 
ATOM   1126 N  N   . MET A 1 143 ? -7.529  -8.800  -2.370  1.00 15.99 ? 143 MET A N   1 
ATOM   1127 C  CA  . MET A 1 143 ? -8.251  -10.041 -2.623  1.00 17.62 ? 143 MET A CA  1 
ATOM   1128 C  C   . MET A 1 143 ? -9.286  -10.345 -1.559  1.00 16.50 ? 143 MET A C   1 
ATOM   1129 O  O   . MET A 1 143 ? -10.215 -11.131 -1.786  1.00 17.01 ? 143 MET A O   1 
ATOM   1130 C  CB  . MET A 1 143 ? -7.240  -11.181 -2.719  1.00 18.13 ? 143 MET A CB  1 
ATOM   1131 C  CG  . MET A 1 143 ? -6.461  -11.425 -1.415  1.00 17.98 ? 143 MET A CG  1 
ATOM   1132 S  SD  . MET A 1 143 ? -5.098  -12.627 -1.575  1.00 24.47 ? 143 MET A SD  1 
ATOM   1133 C  CE  . MET A 1 143 ? -6.003  -14.002 -2.169  1.00 24.18 ? 143 MET A CE  1 
ATOM   1134 N  N   . ASP A 1 144 ? -9.198  -9.691  -0.384  1.00 15.85 ? 144 ASP A N   1 
ATOM   1135 C  CA  . ASP A 1 144 ? -10.132 -9.936  0.680   1.00 16.88 ? 144 ASP A CA  1 
ATOM   1136 C  C   . ASP A 1 144 ? -11.567 -9.480  0.368   1.00 16.83 ? 144 ASP A C   1 
ATOM   1137 O  O   . ASP A 1 144 ? -12.529 -9.873  1.011   1.00 19.12 ? 144 ASP A O   1 
ATOM   1138 C  CB  . ASP A 1 144 ? -9.673  -9.260  1.966   1.00 16.98 ? 144 ASP A CB  1 
ATOM   1139 C  CG  . ASP A 1 144 ? -8.390  -9.824  2.470   1.00 19.25 ? 144 ASP A CG  1 
ATOM   1140 O  OD1 . ASP A 1 144 ? -7.956  -10.945 2.069   1.00 22.35 ? 144 ASP A OD1 1 
ATOM   1141 O  OD2 . ASP A 1 144 ? -7.731  -9.144  3.284   1.00 20.14 ? 144 ASP A OD2 1 
ATOM   1142 N  N   . TYR A 1 145 ? -11.705 -8.618  -0.639  1.00 16.52 ? 145 TYR A N   1 
ATOM   1143 C  CA  . TYR A 1 145 ? -13.025 -8.124  -1.090  1.00 17.45 ? 145 TYR A CA  1 
ATOM   1144 C  C   . TYR A 1 145 ? -13.666 -9.094  -2.112  1.00 17.50 ? 145 TYR A C   1 
ATOM   1145 O  O   . TYR A 1 145 ? -14.819 -8.885  -2.502  1.00 17.86 ? 145 TYR A O   1 
ATOM   1146 C  CB  . TYR A 1 145 ? -12.845 -6.777  -1.811  1.00 16.79 ? 145 TYR A CB  1 
ATOM   1147 C  CG  . TYR A 1 145 ? -12.372 -5.666  -0.900  1.00 17.54 ? 145 TYR A CG  1 
ATOM   1148 C  CD1 . TYR A 1 145 ? -11.025 -5.390  -0.718  1.00 18.67 ? 145 TYR A CD1 1 
ATOM   1149 C  CD2 . TYR A 1 145 ? -13.286 -4.900  -0.221  1.00 19.31 ? 145 TYR A CD2 1 
ATOM   1150 C  CE1 . TYR A 1 145 ? -10.604 -4.345  0.159   1.00 19.58 ? 145 TYR A CE1 1 
ATOM   1151 C  CE2 . TYR A 1 145 ? -12.870 -3.874  0.640   1.00 19.48 ? 145 TYR A CE2 1 
ATOM   1152 C  CZ  . TYR A 1 145 ? -11.525 -3.632  0.804   1.00 18.11 ? 145 TYR A CZ  1 
ATOM   1153 O  OH  . TYR A 1 145 ? -11.138 -2.650  1.705   1.00 20.20 ? 145 TYR A OH  1 
ATOM   1154 N  N   . LEU A 1 146 ? -12.907 -10.101 -2.578  1.00 16.66 ? 146 LEU A N   1 
ATOM   1155 C  CA  . LEU A 1 146 ? -13.365 -11.043 -3.617  1.00 17.35 ? 146 LEU A CA  1 
ATOM   1156 C  C   . LEU A 1 146 ? -13.973 -12.271 -2.968  1.00 17.45 ? 146 LEU A C   1 
ATOM   1157 O  O   . LEU A 1 146 ? -13.818 -12.527 -1.781  1.00 18.72 ? 146 LEU A O   1 
ATOM   1158 C  CB  . LEU A 1 146 ? -12.162 -11.454 -4.442  1.00 16.69 ? 146 LEU A CB  1 
ATOM   1159 C  CG  . LEU A 1 146 ? -11.643 -10.654 -5.686  1.00 32.92 ? 146 LEU A CG  1 
ATOM   1160 C  CD1 . LEU A 1 146 ? -12.232 -9.228  -5.810  1.00 20.14 ? 146 LEU A CD1 1 
ATOM   1161 C  CD2 . LEU A 1 146 ? -10.123 -10.772 -5.830  1.00 19.83 ? 146 LEU A CD2 1 
ATOM   1162 N  N   . SER A 1 147 ? -14.637 -13.059 -3.794  1.00 18.60 ? 147 SER A N   1 
ATOM   1163 C  CA  . SER A 1 147 ? -15.234 -14.287 -3.312  1.00 19.19 ? 147 SER A CA  1 
ATOM   1164 C  C   . SER A 1 147 ? -14.155 -15.263 -2.832  1.00 17.95 ? 147 SER A C   1 
ATOM   1165 O  O   . SER A 1 147 ? -12.973 -15.237 -3.271  1.00 17.96 ? 147 SER A O   1 
ATOM   1166 C  CB  . SER A 1 147 ? -16.051 -14.940 -4.447  1.00 19.88 ? 147 SER A CB  1 
ATOM   1167 O  OG  . SER A 1 147 ? -15.156 -15.531 -5.394  1.00 23.29 ? 147 SER A OG  1 
ATOM   1168 N  N   . PRO A 1 148 ? -14.531 -16.146 -1.891  1.00 18.82 ? 148 PRO A N   1 
ATOM   1169 C  CA  . PRO A 1 148 ? -13.550 -17.114 -1.423  1.00 19.35 ? 148 PRO A CA  1 
ATOM   1170 C  C   . PRO A 1 148 ? -12.915 -17.937 -2.566  1.00 18.83 ? 148 PRO A C   1 
ATOM   1171 O  O   . PRO A 1 148 ? -11.722 -18.239 -2.535  1.00 20.84 ? 148 PRO A O   1 
ATOM   1172 C  CB  . PRO A 1 148 ? -14.365 -17.961 -0.461  1.00 22.10 ? 148 PRO A CB  1 
ATOM   1173 C  CG  . PRO A 1 148 ? -15.348 -16.908 0.146   1.00 24.08 ? 148 PRO A CG  1 
ATOM   1174 C  CD  . PRO A 1 148 ? -15.740 -16.116 -1.042  1.00 20.27 ? 148 PRO A CD  1 
ATOM   1175 N  N   . LEU A 1 149 ? -13.728 -18.322 -3.540  1.00 19.54 ? 149 LEU A N   1 
ATOM   1176 C  CA  . LEU A 1 149 ? -13.193 -19.026 -4.703  1.00 21.63 ? 149 LEU A CA  1 
ATOM   1177 C  C   . LEU A 1 149 ? -12.107 -18.212 -5.428  1.00 20.55 ? 149 LEU A C   1 
ATOM   1178 O  O   . LEU A 1 149 ? -11.023 -18.738 -5.786  1.00 20.75 ? 149 LEU A O   1 
ATOM   1179 C  CB  . LEU A 1 149 ? -14.331 -19.304 -5.680  1.00 23.23 ? 149 LEU A CB  1 
ATOM   1180 C  CG  . LEU A 1 149 ? -13.815 -19.909 -7.009  1.00 24.20 ? 149 LEU A CG  1 
ATOM   1181 C  CD1 . LEU A 1 149 ? -13.013 -21.227 -6.768  1.00 27.95 ? 149 LEU A CD1 1 
ATOM   1182 C  CD2 . LEU A 1 149 ? -15.034 -20.168 -7.891  1.00 27.51 ? 149 LEU A CD2 1 
ATOM   1183 N  N   . LYS A 1 150 ? -12.397 -16.941 -5.675  1.00 20.41 ? 150 LYS A N   1 
ATOM   1184 C  CA  . LYS A 1 150 ? -11.413 -16.131 -6.361  1.00 21.13 ? 150 LYS A CA  1 
ATOM   1185 C  C   . LYS A 1 150 ? -10.164 -15.954 -5.555  1.00 20.63 ? 150 LYS A C   1 
ATOM   1186 O  O   . LYS A 1 150 ? -9.078  -15.914 -6.149  1.00 20.58 ? 150 LYS A O   1 
ATOM   1187 C  CB  . LYS A 1 150 ? -11.989 -14.796 -6.727  1.00 23.22 ? 150 LYS A CB  1 
ATOM   1188 C  CG  . LYS A 1 150 ? -12.955 -14.970 -7.892  1.00 30.32 ? 150 LYS A CG  1 
ATOM   1189 C  CD  . LYS A 1 150 ? -13.611 -13.673 -8.264  1.00 32.98 ? 150 LYS A CD  1 
ATOM   1190 C  CE  . LYS A 1 150 ? -14.308 -13.808 -9.631  1.00 35.53 ? 150 LYS A CE  1 
ATOM   1191 N  NZ  . LYS A 1 150 ? -15.359 -14.839 -9.672  1.00 36.36 ? 150 LYS A NZ  1 
ATOM   1192 N  N   . GLN A 1 151 ? -10.282 -15.835 -4.227  1.00 18.92 ? 151 GLN A N   1 
ATOM   1193 C  CA  . GLN A 1 151 ? -9.084  -15.742 -3.377  1.00 19.80 ? 151 GLN A CA  1 
ATOM   1194 C  C   . GLN A 1 151 ? -8.215  -17.004 -3.538  1.00 21.43 ? 151 GLN A C   1 
ATOM   1195 O  O   . GLN A 1 151 ? -7.007  -16.913 -3.672  1.00 22.05 ? 151 GLN A O   1 
ATOM   1196 C  CB  . GLN A 1 151 ? -9.489  -15.576 -1.920  1.00 19.06 ? 151 GLN A CB  1 
ATOM   1197 C  CG  . GLN A 1 151 ? -10.275 -14.269 -1.670  1.00 19.95 ? 151 GLN A CG  1 
ATOM   1198 C  CD  . GLN A 1 151 ? -10.687 -14.093 -0.261  1.00 20.90 ? 151 GLN A CD  1 
ATOM   1199 O  OE1 . GLN A 1 151 ? -11.758 -13.528 0.032   1.00 24.09 ? 151 GLN A OE1 1 
ATOM   1200 N  NE2 . GLN A 1 151 ? -9.849  -14.536 0.659   1.00 24.41 ? 151 GLN A NE2 1 
ATOM   1201 N  N   . GLN A 1 152 ? -8.872  -18.178 -3.565  1.00 21.11 ? 152 GLN A N   1 
ATOM   1202 C  CA  . GLN A 1 152 ? -8.191  -19.440 -3.709  1.00 22.36 ? 152 GLN A CA  1 
ATOM   1203 C  C   . GLN A 1 152 ? -7.452  -19.450 -5.024  1.00 22.92 ? 152 GLN A C   1 
ATOM   1204 O  O   . GLN A 1 152 ? -6.271  -19.807 -5.067  1.00 22.63 ? 152 GLN A O   1 
ATOM   1205 C  CB  . GLN A 1 152 ? -9.211  -20.542 -3.668  1.00 23.16 ? 152 GLN A CB  1 
ATOM   1206 C  CG  . GLN A 1 152 ? -8.574  -21.897 -3.930  1.00 29.86 ? 152 GLN A CG  1 
ATOM   1207 C  CD  . GLN A 1 152 ? -9.594  -23.008 -3.978  1.00 35.97 ? 152 GLN A CD  1 
ATOM   1208 O  OE1 . GLN A 1 152 ? -10.381 -23.111 -4.923  1.00 40.38 ? 152 GLN A OE1 1 
ATOM   1209 N  NE2 . GLN A 1 152 ? -9.590  -23.842 -2.953  1.00 39.82 ? 152 GLN A NE2 1 
ATOM   1210 N  N   . ARG A 1 153 ? -8.106  -19.030 -6.100  1.00 21.77 ? 153 ARG A N   1 
ATOM   1211 C  CA  . ARG A 1 153 ? -7.476  -19.059 -7.409  1.00 23.02 ? 153 ARG A CA  1 
ATOM   1212 C  C   . ARG A 1 153 ? -6.293  -18.111 -7.478  1.00 22.68 ? 153 ARG A C   1 
ATOM   1213 O  O   . ARG A 1 153 ? -5.227  -18.422 -8.029  1.00 23.57 ? 153 ARG A O   1 
ATOM   1214 C  CB  . ARG A 1 153 ? -8.469  -18.709 -8.494  1.00 23.66 ? 153 ARG A CB  1 
ATOM   1215 C  CG  . ARG A 1 153 ? -9.651  -19.707 -8.609  1.00 29.65 ? 153 ARG A CG  1 
ATOM   1216 C  CD  . ARG A 1 153 ? -10.372 -19.643 -9.972  1.00 36.69 ? 153 ARG A CD  1 
ATOM   1217 N  NE  . ARG A 1 153 ? -11.038 -18.375 -10.252 1.00 42.67 ? 153 ARG A NE  1 
ATOM   1218 C  CZ  . ARG A 1 153 ? -10.440 -17.318 -10.811 1.00 42.59 ? 153 ARG A CZ  1 
ATOM   1219 N  NH1 . ARG A 1 153 ? -9.154  -17.389 -11.153 1.00 44.09 ? 153 ARG A NH1 1 
ATOM   1220 N  NH2 . ARG A 1 153 ? -11.124 -16.193 -11.034 1.00 41.35 ? 153 ARG A NH2 1 
ATOM   1221 N  N   . ILE A 1 154 ? -6.462  -16.911 -6.937  1.00 19.98 ? 154 ILE A N   1 
ATOM   1222 C  CA  . ILE A 1 154 ? -5.358  -15.950 -6.933  1.00 19.84 ? 154 ILE A CA  1 
ATOM   1223 C  C   . ILE A 1 154 ? -4.159  -16.475 -6.151  1.00 19.25 ? 154 ILE A C   1 
ATOM   1224 O  O   . ILE A 1 154 ? -3.018  -16.355 -6.631  1.00 21.09 ? 154 ILE A O   1 
ATOM   1225 C  CB  . ILE A 1 154 ? -5.852  -14.612 -6.334  1.00 19.36 ? 154 ILE A CB  1 
ATOM   1226 C  CG1 . ILE A 1 154 ? -6.746  -13.901 -7.350  1.00 21.66 ? 154 ILE A CG1 1 
ATOM   1227 C  CG2 . ILE A 1 154 ? -4.623  -13.724 -5.883  1.00 21.92 ? 154 ILE A CG2 1 
ATOM   1228 C  CD1 . ILE A 1 154 ? -7.583  -12.747 -6.764  1.00 23.73 ? 154 ILE A CD1 1 
ATOM   1229 N  N   . ARG A 1 155 ? -4.395  -17.086 -5.007  1.00 19.93 ? 155 ARG A N   1 
ATOM   1230 C  CA  . ARG A 1 155 ? -3.275  -17.610 -4.229  1.00 23.15 ? 155 ARG A CA  1 
ATOM   1231 C  C   . ARG A 1 155 ? -2.568  -18.712 -5.020  1.00 24.01 ? 155 ARG A C   1 
ATOM   1232 O  O   . ARG A 1 155 ? -1.340  -18.717 -5.105  1.00 24.79 ? 155 ARG A O   1 
ATOM   1233 C  CB  . ARG A 1 155 ? -3.770  -18.118 -2.877  1.00 24.24 ? 155 ARG A CB  1 
ATOM   1234 C  CG  . ARG A 1 155 ? -2.677  -18.635 -1.947  1.00 28.47 ? 155 ARG A CG  1 
ATOM   1235 C  CD  . ARG A 1 155 ? -3.279  -19.352 -0.766  1.00 33.55 ? 155 ARG A CD  1 
ATOM   1236 N  NE  . ARG A 1 155 ? -4.514  -18.706 -0.322  1.00 41.79 ? 155 ARG A NE  1 
ATOM   1237 C  CZ  . ARG A 1 155 ? -4.588  -17.496 0.232   1.00 40.97 ? 155 ARG A CZ  1 
ATOM   1238 N  NH1 . ARG A 1 155 ? -3.493  -16.759 0.420   1.00 46.58 ? 155 ARG A NH1 1 
ATOM   1239 N  NH2 . ARG A 1 155 ? -5.762  -17.034 0.640   1.00 42.98 ? 155 ARG A NH2 1 
ATOM   1240 N  N   . GLN A 1 156 ? -3.349  -19.580 -5.665  1.00 23.55 ? 156 GLN A N   1 
ATOM   1241 C  CA  . GLN A 1 156 ? -2.739  -20.683 -6.411  1.00 26.96 ? 156 GLN A CA  1 
ATOM   1242 C  C   . GLN A 1 156 ? -1.898  -20.133 -7.552  1.00 24.90 ? 156 GLN A C   1 
ATOM   1243 O  O   . GLN A 1 156 ? -0.772  -20.617 -7.819  1.00 27.80 ? 156 GLN A O   1 
ATOM   1244 C  CB  . GLN A 1 156 ? -3.823  -21.652 -6.941  1.00 26.71 ? 156 GLN A CB  1 
ATOM   1245 C  CG  . GLN A 1 156 ? -4.514  -22.398 -5.808  1.00 29.80 ? 156 GLN A CG  1 
ATOM   1246 C  CD  . GLN A 1 156 ? -5.757  -23.175 -6.249  1.00 32.70 ? 156 GLN A CD  1 
ATOM   1247 O  OE1 . GLN A 1 156 ? -6.418  -22.823 -7.231  1.00 38.06 ? 156 GLN A OE1 1 
ATOM   1248 N  NE2 . GLN A 1 156 ? -6.094  -24.207 -5.492  1.00 35.45 ? 156 GLN A NE2 1 
ATOM   1249 N  N   . LYS A 1 157 ? -2.386  -19.104 -8.244  1.00 23.36 ? 157 LYS A N   1 
ATOM   1250 C  CA  . LYS A 1 157 ? -1.641  -18.532 -9.341  1.00 24.12 ? 157 LYS A CA  1 
ATOM   1251 C  C   . LYS A 1 157 ? -0.325  -17.910 -8.868  1.00 25.28 ? 157 LYS A C   1 
ATOM   1252 O  O   . LYS A 1 157 ? 0.733   -18.085 -9.508  1.00 25.32 ? 157 LYS A O   1 
ATOM   1253 C  CB  . LYS A 1 157 ? -2.493  -17.520 -10.123 1.00 26.94 ? 157 LYS A CB  1 
ATOM   1254 C  CG  . LYS A 1 157 ? -3.687  -18.184 -10.810 1.00 29.34 ? 157 LYS A CG  1 
ATOM   1255 C  CD  . LYS A 1 157 ? -4.630  -17.153 -11.442 1.00 33.22 ? 157 LYS A CD  1 
ATOM   1256 C  CE  . LYS A 1 157 ? -5.770  -17.849 -12.188 1.00 36.24 ? 157 LYS A CE  1 
ATOM   1257 N  NZ  . LYS A 1 157 ? -6.741  -16.853 -12.718 1.00 41.02 ? 157 LYS A NZ  1 
ATOM   1258 N  N   . VAL A 1 158 ? -0.356  -17.173 -7.759  1.00 22.97 ? 158 VAL A N   1 
ATOM   1259 C  CA  . VAL A 1 158 ? 0.875   -16.590 -7.264  1.00 25.33 ? 158 VAL A CA  1 
ATOM   1260 C  C   . VAL A 1 158 ? 1.875   -17.662 -6.823  1.00 26.60 ? 158 VAL A C   1 
ATOM   1261 O  O   . VAL A 1 158 ? 3.044   -17.555 -7.165  1.00 26.00 ? 158 VAL A O   1 
ATOM   1262 C  CB  . VAL A 1 158 ? 0.622   -15.566 -6.091  1.00 22.51 ? 158 VAL A CB  1 
ATOM   1263 C  CG1 . VAL A 1 158 ? 1.964   -15.033 -5.566  1.00 22.86 ? 158 VAL A CG1 1 
ATOM   1264 C  CG2 . VAL A 1 158 ? -0.224  -14.391 -6.634  1.00 22.37 ? 158 VAL A CG2 1 
ATOM   1265 N  N   . GLU A 1 159 ? 1.420   -18.694 -6.120  1.00 26.35 ? 159 GLU A N   1 
ATOM   1266 C  CA  . GLU A 1 159 ? 2.341   -19.752 -5.688  1.00 27.82 ? 159 GLU A CA  1 
ATOM   1267 C  C   . GLU A 1 159 ? 2.976   -20.384 -6.904  1.00 29.71 ? 159 GLU A C   1 
ATOM   1268 O  O   . GLU A 1 159 ? 4.182   -20.673 -6.889  1.00 30.20 ? 159 GLU A O   1 
ATOM   1269 C  CB  . GLU A 1 159 ? 1.624   -20.796 -4.873  1.00 27.47 ? 159 GLU A CB  1 
ATOM   1270 C  CG  . GLU A 1 159 ? 1.232   -20.320 -3.514  1.00 31.58 ? 159 GLU A CG  1 
ATOM   1271 C  CD  . GLU A 1 159 ? 0.334   -21.335 -2.816  1.00 40.41 ? 159 GLU A CD  1 
ATOM   1272 O  OE1 . GLU A 1 159 ? -0.071  -21.100 -1.655  1.00 41.56 ? 159 GLU A OE1 1 
ATOM   1273 O  OE2 . GLU A 1 159 ? 0.027   -22.382 -3.443  1.00 43.06 ? 159 GLU A OE2 1 
ATOM   1274 N  N   . LYS A 1 160 ? 2.206   -20.553 -7.970  1.00 28.70 ? 160 LYS A N   1 
ATOM   1275 C  CA  . LYS A 1 160 ? 2.773   -21.150 -9.185  1.00 33.95 ? 160 LYS A CA  1 
ATOM   1276 C  C   . LYS A 1 160 ? 3.866   -20.252 -9.777  1.00 37.57 ? 160 LYS A C   1 
ATOM   1277 O  O   . LYS A 1 160 ? 4.957   -20.728 -10.091 1.00 37.36 ? 160 LYS A O   1 
ATOM   1278 C  CB  . LYS A 1 160 ? 1.685   -21.407 -10.217 1.00 34.39 ? 160 LYS A CB  1 
ATOM   1279 C  CG  . LYS A 1 160 ? 2.204   -21.972 -11.539 1.00 37.51 ? 160 LYS A CG  1 
ATOM   1280 C  CD  . LYS A 1 160 ? 1.018   -22.367 -12.435 1.00 42.50 ? 160 LYS A CD  1 
ATOM   1281 C  CE  . LYS A 1 160 ? 1.465   -23.124 -13.684 1.00 44.59 ? 160 LYS A CE  1 
ATOM   1282 N  NZ  . LYS A 1 160 ? 0.309   -23.464 -14.590 1.00 46.18 ? 160 LYS A NZ  1 
ATOM   1283 N  N   . LEU A 1 161 ? 3.588   -18.951 -9.902  1.00 33.74 ? 161 LEU A N   1 
ATOM   1284 C  CA  . LEU A 1 161 ? 4.562   -18.001 -10.425 1.00 37.67 ? 161 LEU A CA  1 
ATOM   1285 C  C   . LEU A 1 161 ? 5.847   -18.035 -9.622  1.00 39.70 ? 161 LEU A C   1 
ATOM   1286 O  O   . LEU A 1 161 ? 6.931   -18.021 -10.201 1.00 39.83 ? 161 LEU A O   1 
ATOM   1287 C  CB  . LEU A 1 161 ? 4.008   -16.573 -10.382 1.00 39.43 ? 161 LEU A CB  1 
ATOM   1288 C  CG  . LEU A 1 161 ? 3.265   -16.092 -11.618 1.00 42.54 ? 161 LEU A CG  1 
ATOM   1289 C  CD1 . LEU A 1 161 ? 2.474   -14.811 -11.304 1.00 41.72 ? 161 LEU A CD1 1 
ATOM   1290 C  CD2 . LEU A 1 161 ? 4.283   -15.825 -12.698 1.00 40.73 ? 161 LEU A CD2 1 
ATOM   1291 N  N   . ASP A 1 162 ? 5.738   -18.060 -8.298  1.00 37.38 ? 162 ASP A N   1 
ATOM   1292 C  CA  . ASP A 1 162 ? 6.926   -18.086 -7.452  1.00 42.89 ? 162 ASP A CA  1 
ATOM   1293 C  C   . ASP A 1 162 ? 7.691   -19.412 -7.544  1.00 44.65 ? 162 ASP A C   1 
ATOM   1294 O  O   . ASP A 1 162 ? 8.918   -19.411 -7.462  1.00 42.94 ? 162 ASP A O   1 
ATOM   1295 C  CB  . ASP A 1 162 ? 6.569   -17.773 -5.996  1.00 43.79 ? 162 ASP A CB  1 
ATOM   1296 C  CG  . ASP A 1 162 ? 6.359   -16.278 -5.754  1.00 48.75 ? 162 ASP A CG  1 
ATOM   1297 O  OD1 . ASP A 1 162 ? 7.174   -15.457 -6.216  1.00 50.39 ? 162 ASP A OD1 1 
ATOM   1298 O  OD2 . ASP A 1 162 ? 5.379   -15.896 -5.095  1.00 47.30 ? 162 ASP A OD2 1 
ATOM   1299 N  N   . ARG A 1 163 ? 6.978   -20.525 -7.719  1.00 46.91 ? 163 ARG A N   1 
ATOM   1300 C  CA  . ARG A 1 163 ? 7.613   -21.846 -7.837  1.00 48.81 ? 163 ARG A CA  1 
ATOM   1301 C  C   . ARG A 1 163 ? 8.507   -21.848 -9.067  1.00 49.93 ? 163 ARG A C   1 
ATOM   1302 O  O   . ARG A 1 163 ? 9.634   -22.345 -9.030  1.00 49.29 ? 163 ARG A O   1 
ATOM   1303 C  CB  . ARG A 1 163 ? 6.564   -22.957 -7.999  1.00 49.60 ? 163 ARG A CB  1 
ATOM   1304 C  CG  . ARG A 1 163 ? 5.597   -23.098 -6.833  1.00 53.26 ? 163 ARG A CG  1 
ATOM   1305 C  CD  . ARG A 1 163 ? 4.660   -24.320 -6.978  1.00 54.68 ? 163 ARG A CD  1 
ATOM   1306 N  NE  . ARG A 1 163 ? 3.457   -24.202 -6.138  1.00 55.40 ? 163 ARG A NE  1 
ATOM   1307 C  CZ  . ARG A 1 163 ? 3.465   -23.979 -4.823  1.00 56.42 ? 163 ARG A CZ  1 
ATOM   1308 N  NH1 . ARG A 1 163 ? 4.613   -23.842 -4.167  1.00 56.43 ? 163 ARG A NH1 1 
ATOM   1309 N  NH2 . ARG A 1 163 ? 2.317   -23.888 -4.154  1.00 57.48 ? 163 ARG A NH2 1 
ATOM   1310 N  N   . LEU A 1 164 ? 7.990   -21.302 -10.163 1.00 50.87 ? 164 LEU A N   1 
ATOM   1311 C  CA  . LEU A 1 164 ? 8.743   -21.229 -11.406 1.00 52.25 ? 164 LEU A CA  1 
ATOM   1312 C  C   . LEU A 1 164 ? 9.955   -20.328 -11.193 1.00 54.10 ? 164 LEU A C   1 
ATOM   1313 O  O   . LEU A 1 164 ? 10.958  -20.433 -11.905 1.00 52.89 ? 164 LEU A O   1 
ATOM   1314 C  CB  . LEU A 1 164 ? 7.863   -20.677 -12.530 1.00 50.99 ? 164 LEU A CB  1 
ATOM   1315 C  CG  . LEU A 1 164 ? 6.583   -21.458 -12.820 1.00 52.86 ? 164 LEU A CG  1 
ATOM   1316 C  CD1 . LEU A 1 164 ? 5.793   -20.775 -13.905 1.00 51.91 ? 164 LEU A CD1 1 
ATOM   1317 C  CD2 . LEU A 1 164 ? 6.934   -22.872 -13.232 1.00 52.63 ? 164 LEU A CD2 1 
ATOM   1318 N  N   . LYS A 1 165 ? 9.858   -19.468 -10.183 1.00 55.02 ? 165 LYS A N   1 
ATOM   1319 C  CA  . LYS A 1 165 ? 10.918  -18.533 -9.835  1.00 56.55 ? 165 LYS A CA  1 
ATOM   1320 C  C   . LYS A 1 165 ? 11.117  -17.519 -10.940 1.00 57.83 ? 165 LYS A C   1 
ATOM   1321 O  O   . LYS A 1 165 ? 10.899  -16.316 -10.660 1.00 59.34 ? 165 LYS A O   1 
ATOM   1322 C  CB  . LYS A 1 165 ? 12.230  -19.271 -9.572  1.00 55.76 ? 165 LYS A CB  1 
ATOM   1323 C  CG  . LYS A 1 165 ? 12.159  -20.225 -8.407  1.00 56.33 ? 165 LYS A CG  1 
ATOM   1324 C  CD  . LYS A 1 165 ? 13.504  -20.891 -8.178  1.00 56.87 ? 165 LYS A CD  1 
ATOM   1325 C  CE  . LYS A 1 165 ? 13.428  -21.879 -7.034  1.00 58.79 ? 165 LYS A CE  1 
ATOM   1326 N  NZ  . LYS A 1 165 ? 14.749  -22.501 -6.740  1.00 60.25 ? 165 LYS A NZ  1 
HETATM 1327 CO CO  . CO  B 2 .   ? -0.665  -3.748  -2.437  1.00 16.87 ? 301 CO  A CO  1 
HETATM 1328 C  C   . FMT C 3 .   ? 1.188   -1.792  -3.337  1.00 24.32 ? 401 FMT A C   1 
HETATM 1329 O  O1  . FMT C 3 .   ? 0.515   -1.771  -2.145  1.00 22.65 ? 401 FMT A O1  1 
HETATM 1330 O  O2  . FMT C 3 .   ? 1.271   -3.224  -3.570  1.00 22.71 ? 401 FMT A O2  1 
HETATM 1331 O  O   . HOH D 4 .   ? -2.106  -0.421  11.654  1.00 18.41 ? 402 HOH A O   1 
HETATM 1332 O  O   . HOH D 4 .   ? -10.729 -0.220  -7.022  1.00 17.56 ? 403 HOH A O   1 
HETATM 1333 O  O   . HOH D 4 .   ? -0.848  -7.511  -9.028  1.00 19.50 ? 404 HOH A O   1 
HETATM 1334 O  O   . HOH D 4 .   ? -4.235  -3.798  0.495   1.00 16.23 ? 405 HOH A O   1 
HETATM 1335 O  O   . HOH D 4 .   ? 10.380  6.127   15.699  1.00 25.69 ? 406 HOH A O   1 
HETATM 1336 O  O   . HOH D 4 .   ? -7.009  -3.703  -0.086  1.00 17.15 ? 407 HOH A O   1 
HETATM 1337 O  O   . HOH D 4 .   ? -9.782  -6.698  -17.810 1.00 23.05 ? 408 HOH A O   1 
HETATM 1338 O  O   . HOH D 4 .   ? 1.956   -4.398  9.547   1.00 19.01 ? 409 HOH A O   1 
HETATM 1339 O  O   . HOH D 4 .   ? 7.633   19.218  5.552   1.00 24.34 ? 410 HOH A O   1 
HETATM 1340 O  O   . HOH D 4 .   ? -11.580 7.398   -6.918  1.00 19.96 ? 411 HOH A O   1 
HETATM 1341 O  O   . HOH D 4 .   ? -4.758  1.766   8.025   1.00 19.38 ? 412 HOH A O   1 
HETATM 1342 O  O   . HOH D 4 .   ? 1.906   11.133  -6.451  1.00 24.70 ? 413 HOH A O   1 
HETATM 1343 O  O   . HOH D 4 .   ? -11.238 0.890   0.933   1.00 20.28 ? 414 HOH A O   1 
HETATM 1344 O  O   . HOH D 4 .   ? -5.346  -10.845 -13.371 1.00 31.70 ? 415 HOH A O   1 
HETATM 1345 O  O   . HOH D 4 .   ? -13.400 -5.189  -14.522 1.00 21.69 ? 416 HOH A O   1 
HETATM 1346 O  O   . HOH D 4 .   ? -13.663 -8.268  -9.092  1.00 19.84 ? 417 HOH A O   1 
HETATM 1347 O  O   . HOH D 4 .   ? 11.899  9.668   -0.198  1.00 23.31 ? 418 HOH A O   1 
HETATM 1348 O  O   . HOH D 4 .   ? -2.197  20.351  5.052   1.00 23.91 ? 419 HOH A O   1 
HETATM 1349 O  O   . HOH D 4 .   ? -0.433  -15.677 -13.219 1.00 33.64 ? 420 HOH A O   1 
HETATM 1350 O  O   . HOH D 4 .   ? -8.205  5.775   9.747   1.00 25.80 ? 421 HOH A O   1 
HETATM 1351 O  O   . HOH D 4 .   ? -1.103  -8.217  14.036  1.00 23.75 ? 422 HOH A O   1 
HETATM 1352 O  O   . HOH D 4 .   ? 10.423  -11.723 9.496   1.00 30.41 ? 423 HOH A O   1 
HETATM 1353 O  O   . HOH D 4 .   ? -5.850  18.457  -0.330  1.00 30.12 ? 424 HOH A O   1 
HETATM 1354 O  O   . HOH D 4 .   ? 6.917   3.102   -10.540 1.00 26.54 ? 425 HOH A O   1 
HETATM 1355 O  O   . HOH D 4 .   ? -16.068 0.270   -11.495 1.00 21.22 ? 426 HOH A O   1 
HETATM 1356 O  O   . HOH D 4 .   ? 3.739   -17.257 6.481   1.00 25.94 ? 427 HOH A O   1 
HETATM 1357 O  O   . HOH D 4 .   ? -5.555  10.801  -8.808  1.00 23.84 ? 428 HOH A O   1 
HETATM 1358 O  O   . HOH D 4 .   ? -4.390  -14.953 1.810   1.00 43.01 ? 429 HOH A O   1 
HETATM 1359 O  O   . HOH D 4 .   ? -5.989  -13.649 -11.214 1.00 38.84 ? 430 HOH A O   1 
HETATM 1360 O  O   . HOH D 4 .   ? -21.708 5.676   -1.136  1.00 19.37 ? 431 HOH A O   1 
HETATM 1361 O  O   . HOH D 4 .   ? -3.656  -5.722  -1.549  1.00 18.14 ? 432 HOH A O   1 
HETATM 1362 O  O   . HOH D 4 .   ? -16.595 -18.315 -3.549  1.00 21.38 ? 433 HOH A O   1 
HETATM 1363 O  O   . HOH D 4 .   ? 11.512  18.909  3.428   1.00 20.50 ? 434 HOH A O   1 
HETATM 1364 O  O   . HOH D 4 .   ? 10.588  10.620  -7.066  1.00 24.20 ? 435 HOH A O   1 
HETATM 1365 O  O   . HOH D 4 .   ? 14.764  -6.890  2.512   1.00 42.17 ? 436 HOH A O   1 
HETATM 1366 O  O   . HOH D 4 .   ? 8.463   4.179   15.647  1.00 25.20 ? 437 HOH A O   1 
HETATM 1367 O  O   . HOH D 4 .   ? 7.076   13.904  2.690   1.00 18.13 ? 438 HOH A O   1 
HETATM 1368 O  O   . HOH D 4 .   ? -14.138 -0.572  0.298   1.00 23.86 ? 439 HOH A O   1 
HETATM 1369 O  O   . HOH D 4 .   ? -0.596  -6.074  4.127   1.00 19.39 ? 440 HOH A O   1 
HETATM 1370 O  O   . HOH D 4 .   ? -16.357 4.927   -10.710 1.00 33.26 ? 441 HOH A O   1 
HETATM 1371 O  O   . HOH D 4 .   ? -4.833  -22.356 -1.083  1.00 55.12 ? 442 HOH A O   1 
HETATM 1372 O  O   . HOH D 4 .   ? 4.092   13.567  2.223   1.00 24.65 ? 443 HOH A O   1 
HETATM 1373 O  O   . HOH D 4 .   ? -20.567 6.174   -7.762  1.00 29.89 ? 444 HOH A O   1 
HETATM 1374 O  O   . HOH D 4 .   ? 1.552   -0.439  -6.664  1.00 29.58 ? 445 HOH A O   1 
HETATM 1375 O  O   . HOH D 4 .   ? -19.357 7.955   -6.376  1.00 27.48 ? 446 HOH A O   1 
HETATM 1376 O  O   . HOH D 4 .   ? 13.742  16.339  7.842   1.00 29.33 ? 447 HOH A O   1 
HETATM 1377 O  O   . HOH D 4 .   ? 14.648  2.346   -7.475  1.00 26.46 ? 448 HOH A O   1 
HETATM 1378 O  O   . HOH D 4 .   ? -11.932 -8.250  -11.705 1.00 26.90 ? 449 HOH A O   1 
HETATM 1379 O  O   . HOH D 4 .   ? 10.776  -8.383  3.784   1.00 45.42 ? 450 HOH A O   1 
HETATM 1380 O  O   . HOH D 4 .   ? -4.482  -0.922  -11.460 1.00 25.60 ? 451 HOH A O   1 
HETATM 1381 O  O   . HOH D 4 .   ? -12.576 -0.702  2.191   1.00 19.95 ? 452 HOH A O   1 
HETATM 1382 O  O   . HOH D 4 .   ? 12.323  -10.066 6.616   1.00 45.38 ? 453 HOH A O   1 
HETATM 1383 O  O   . HOH D 4 .   ? 12.065  15.376  4.069   1.00 26.49 ? 454 HOH A O   1 
HETATM 1384 O  O   . HOH D 4 .   ? 7.216   15.382  -4.463  1.00 26.84 ? 455 HOH A O   1 
HETATM 1385 O  O   . HOH D 4 .   ? -11.066 -0.876  3.977   1.00 31.26 ? 456 HOH A O   1 
HETATM 1386 O  O   . HOH D 4 .   ? 3.463   14.241  -13.612 1.00 33.26 ? 457 HOH A O   1 
HETATM 1387 O  O   . HOH D 4 .   ? -9.502  16.140  -4.814  1.00 45.52 ? 458 HOH A O   1 
HETATM 1388 O  O   . HOH D 4 .   ? 8.730   -4.427  12.197  1.00 27.42 ? 459 HOH A O   1 
HETATM 1389 O  O   . HOH D 4 .   ? 9.392   2.782   -11.499 1.00 37.81 ? 460 HOH A O   1 
HETATM 1390 O  O   . HOH D 4 .   ? -18.925 10.832  4.072   1.00 21.76 ? 461 HOH A O   1 
HETATM 1391 O  O   . HOH D 4 .   ? 13.333  -12.356 7.948   1.00 58.09 ? 462 HOH A O   1 
HETATM 1392 O  O   . HOH D 4 .   ? -3.838  18.829  9.872   1.00 47.69 ? 463 HOH A O   1 
HETATM 1393 O  O   . HOH D 4 .   ? -12.953 10.680  -8.701  1.00 29.98 ? 464 HOH A O   1 
HETATM 1394 O  O   . HOH D 4 .   ? -18.070 -19.179 -1.330  1.00 23.57 ? 465 HOH A O   1 
HETATM 1395 O  O   . HOH D 4 .   ? -6.623  13.464  -6.103  1.00 26.41 ? 466 HOH A O   1 
HETATM 1396 O  O   . HOH D 4 .   ? -12.638 6.770   -9.356  1.00 24.17 ? 467 HOH A O   1 
HETATM 1397 O  O   . HOH D 4 .   ? -14.178 -7.485  -13.136 1.00 24.30 ? 468 HOH A O   1 
HETATM 1398 O  O   . HOH D 4 .   ? -8.197  -5.428  -19.809 1.00 24.09 ? 469 HOH A O   1 
HETATM 1399 O  O   . HOH D 4 .   ? 14.622  7.031   -2.232  1.00 24.53 ? 470 HOH A O   1 
HETATM 1400 O  O   . HOH D 4 .   ? -2.313  6.213   12.412  1.00 24.44 ? 471 HOH A O   1 
HETATM 1401 O  O   . HOH D 4 .   ? -4.414  0.132   13.265  1.00 28.65 ? 472 HOH A O   1 
HETATM 1402 O  O   . HOH D 4 .   ? -17.221 10.551  5.775   1.00 25.64 ? 473 HOH A O   1 
HETATM 1403 O  O   . HOH D 4 .   ? -3.103  -1.155  -9.219  1.00 28.84 ? 474 HOH A O   1 
HETATM 1404 O  O   . HOH D 4 .   ? -7.427  1.718   8.495   1.00 35.94 ? 475 HOH A O   1 
HETATM 1405 O  O   . HOH D 4 .   ? -22.459 10.372  0.179   1.00 30.24 ? 476 HOH A O   1 
HETATM 1406 O  O   . HOH D 4 .   ? 7.714   -9.878  11.069  1.00 28.00 ? 477 HOH A O   1 
HETATM 1407 O  O   . HOH D 4 .   ? -18.626 5.562   -9.098  1.00 26.13 ? 478 HOH A O   1 
HETATM 1408 O  O   . HOH D 4 .   ? 17.986  9.039   7.254   1.00 32.05 ? 479 HOH A O   1 
HETATM 1409 O  O   . HOH D 4 .   ? -0.770  -13.648 2.774   1.00 33.39 ? 480 HOH A O   1 
HETATM 1410 O  O   . HOH D 4 .   ? -5.669  -2.446  -14.355 1.00 25.89 ? 481 HOH A O   1 
HETATM 1411 O  O   . HOH D 4 .   ? -10.576 -18.962 -0.003  1.00 32.70 ? 482 HOH A O   1 
HETATM 1412 O  O   . HOH D 4 .   ? -16.289 -2.567  0.718   1.00 28.25 ? 483 HOH A O   1 
HETATM 1413 O  O   . HOH D 4 .   ? 10.818  -8.604  -3.715  1.00 34.40 ? 484 HOH A O   1 
HETATM 1414 O  O   . HOH D 4 .   ? 16.901  7.471   14.321  1.00 32.30 ? 485 HOH A O   1 
HETATM 1415 O  O   . HOH D 4 .   ? -17.366 2.589   -11.005 1.00 30.15 ? 486 HOH A O   1 
HETATM 1416 O  O   . HOH D 4 .   ? -7.449  9.713   -11.345 1.00 32.09 ? 487 HOH A O   1 
HETATM 1417 O  O   . HOH D 4 .   ? -0.440  -6.756  -11.711 1.00 31.23 ? 488 HOH A O   1 
HETATM 1418 O  O   . HOH D 4 .   ? 0.443   -18.294 -12.445 1.00 33.96 ? 489 HOH A O   1 
HETATM 1419 O  O   . HOH D 4 .   ? 4.379   -17.075 -2.966  1.00 33.24 ? 490 HOH A O   1 
HETATM 1420 O  O   . HOH D 4 .   ? -1.574  10.529  12.859  1.00 35.38 ? 491 HOH A O   1 
HETATM 1421 O  O   . HOH D 4 .   ? -20.479 11.473  2.247   1.00 41.12 ? 492 HOH A O   1 
HETATM 1422 O  O   . HOH D 4 .   ? -1.659  -1.056  -16.028 1.00 36.98 ? 493 HOH A O   1 
HETATM 1423 O  O   . HOH D 4 .   ? 6.191   -8.058  -6.831  1.00 39.89 ? 494 HOH A O   1 
HETATM 1424 O  O   . HOH D 4 .   ? 3.219   15.993  1.661   1.00 37.04 ? 495 HOH A O   1 
HETATM 1425 O  O   . HOH D 4 .   ? 14.253  1.905   -10.103 1.00 38.42 ? 496 HOH A O   1 
HETATM 1426 O  O   . HOH D 4 .   ? -2.057  20.283  9.078   1.00 45.18 ? 497 HOH A O   1 
HETATM 1427 O  O   . HOH D 4 .   ? 16.966  11.457  13.968  1.00 33.37 ? 498 HOH A O   1 
HETATM 1428 O  O   . HOH D 4 .   ? 0.719   13.283  -13.145 1.00 33.34 ? 499 HOH A O   1 
HETATM 1429 O  O   . HOH D 4 .   ? 12.220  -6.268  -4.136  1.00 39.58 ? 500 HOH A O   1 
HETATM 1430 O  O   . HOH D 4 .   ? 13.983  17.604  2.870   1.00 45.28 ? 501 HOH A O   1 
HETATM 1431 O  O   . HOH D 4 .   ? -17.791 13.195  3.619   1.00 41.08 ? 502 HOH A O   1 
HETATM 1432 O  O   . HOH D 4 .   ? 5.198   -16.225 -0.027  1.00 33.03 ? 503 HOH A O   1 
HETATM 1433 O  O   . HOH D 4 .   ? 9.722   -15.037 -6.562  1.00 49.16 ? 504 HOH A O   1 
HETATM 1434 O  O   . HOH D 4 .   ? -8.946  1.627   2.944   1.00 30.55 ? 505 HOH A O   1 
HETATM 1435 O  O   . HOH D 4 .   ? -6.300  -21.792 -9.947  1.00 50.05 ? 506 HOH A O   1 
HETATM 1436 O  O   . HOH D 4 .   ? 3.681   2.692   18.653  1.00 38.59 ? 507 HOH A O   1 
HETATM 1437 O  O   . HOH D 4 .   ? -6.085  -2.957  -16.695 1.00 26.70 ? 508 HOH A O   1 
HETATM 1438 O  O   . HOH D 4 .   ? -8.092  0.697   5.719   1.00 33.73 ? 509 HOH A O   1 
HETATM 1439 O  O   . HOH D 4 .   ? -4.296  10.405  -11.328 1.00 39.46 ? 510 HOH A O   1 
HETATM 1440 O  O   . HOH D 4 .   ? 6.918   -13.684 0.962   1.00 26.61 ? 511 HOH A O   1 
HETATM 1441 O  O   . HOH D 4 .   ? -3.398  -13.986 -13.811 1.00 44.19 ? 512 HOH A O   1 
HETATM 1442 O  O   . HOH D 4 .   ? 11.353  6.213   18.482  1.00 41.55 ? 513 HOH A O   1 
HETATM 1443 O  O   . HOH D 4 .   ? 11.027  15.429  1.541   1.00 32.89 ? 514 HOH A O   1 
HETATM 1444 O  O   . HOH D 4 .   ? -8.519  -2.881  -16.393 1.00 28.72 ? 515 HOH A O   1 
HETATM 1445 O  O   . HOH D 4 .   ? -1.613  18.313  0.982   1.00 48.05 ? 516 HOH A O   1 
HETATM 1446 O  O   . HOH D 4 .   ? 4.697   -3.989  -10.913 1.00 35.98 ? 517 HOH A O   1 
HETATM 1447 O  O   . HOH D 4 .   ? -16.669 -10.467 -4.027  1.00 26.87 ? 518 HOH A O   1 
HETATM 1448 O  O   . HOH D 4 .   ? 10.622  -5.882  10.838  1.00 45.09 ? 519 HOH A O   1 
HETATM 1449 O  O   . HOH D 4 .   ? 17.851  10.056  0.841   1.00 44.92 ? 520 HOH A O   1 
HETATM 1450 O  O   . HOH D 4 .   ? -8.967  3.679   7.956   1.00 32.51 ? 521 HOH A O   1 
HETATM 1451 O  O   . HOH D 4 .   ? -3.967  -15.226 9.229   1.00 31.88 ? 522 HOH A O   1 
HETATM 1452 O  O   . HOH D 4 .   ? 17.247  1.079   -7.461  1.00 41.18 ? 523 HOH A O   1 
HETATM 1453 O  O   . HOH D 4 .   ? -5.415  15.524  -4.566  1.00 44.69 ? 524 HOH A O   1 
HETATM 1454 O  O   . HOH D 4 .   ? 11.054  6.004   -11.975 1.00 45.96 ? 525 HOH A O   1 
HETATM 1455 O  O   . HOH D 4 .   ? 11.311  7.954   -10.252 1.00 35.10 ? 526 HOH A O   1 
HETATM 1456 O  O   . HOH D 4 .   ? -9.284  -8.994  5.684   1.00 35.94 ? 527 HOH A O   1 
HETATM 1457 O  O   . HOH D 4 .   ? 17.977  7.760   3.257   1.00 42.89 ? 528 HOH A O   1 
HETATM 1458 O  O   . HOH D 4 .   ? 6.575   -16.529 5.989   1.00 36.52 ? 529 HOH A O   1 
HETATM 1459 O  O   . HOH D 4 .   ? -11.755 14.413  -1.748  1.00 36.95 ? 530 HOH A O   1 
HETATM 1460 O  O   . HOH D 4 .   ? 4.352   10.647  18.624  1.00 40.11 ? 531 HOH A O   1 
HETATM 1461 O  O   . HOH D 4 .   ? 7.686   -6.303  14.471  1.00 45.02 ? 532 HOH A O   1 
HETATM 1462 O  O   . HOH D 4 .   ? -4.279  -9.707  12.373  1.00 48.51 ? 533 HOH A O   1 
HETATM 1463 O  O   . HOH D 4 .   ? -10.554 -10.447 -12.690 1.00 43.89 ? 534 HOH A O   1 
HETATM 1464 O  O   . HOH D 4 .   ? -13.802 1.330   3.023   1.00 38.62 ? 535 HOH A O   1 
HETATM 1465 O  O   . HOH D 4 .   ? 5.548   15.123  -0.587  1.00 29.52 ? 536 HOH A O   1 
HETATM 1466 O  O   . HOH D 4 .   ? -7.218  -11.704 -9.904  1.00 37.51 ? 537 HOH A O   1 
HETATM 1467 O  O   . HOH D 4 .   ? 8.450   -8.886  -5.390  1.00 36.74 ? 538 HOH A O   1 
HETATM 1468 O  O   . HOH D 4 .   ? 7.476   -15.907 0.005   1.00 46.17 ? 539 HOH A O   1 
HETATM 1469 O  O   . HOH D 4 .   ? -0.663  -19.959 7.004   1.00 38.95 ? 540 HOH A O   1 
HETATM 1470 O  O   . HOH D 4 .   ? -2.678  -14.279 3.609   1.00 39.80 ? 541 HOH A O   1 
HETATM 1471 O  O   . HOH D 4 .   ? -4.279  -15.963 5.637   1.00 51.84 ? 542 HOH A O   1 
HETATM 1472 O  O   . HOH D 4 .   ? -1.327  -0.955  16.889  1.00 47.88 ? 543 HOH A O   1 
HETATM 1473 O  O   . HOH D 4 .   ? -0.265  -3.638  16.410  1.00 43.82 ? 544 HOH A O   1 
HETATM 1474 O  O   . HOH D 4 .   ? 7.470   12.802  15.007  1.00 42.24 ? 545 HOH A O   1 
HETATM 1475 O  O   . HOH D 4 .   ? 9.292   16.029  13.254  1.00 42.11 ? 546 HOH A O   1 
HETATM 1476 O  O   . HOH D 4 .   ? 13.464  14.457  11.968  1.00 46.00 ? 547 HOH A O   1 
HETATM 1477 O  O   . HOH D 4 .   ? 12.919  4.424   14.955  1.00 44.13 ? 548 HOH A O   1 
HETATM 1478 O  O   . HOH D 4 .   ? 11.982  -6.496  3.340   1.00 31.68 ? 549 HOH A O   1 
HETATM 1479 O  O   . HOH D 4 .   ? -6.006  2.177   12.072  1.00 39.89 ? 550 HOH A O   1 
HETATM 1480 O  O   . HOH D 4 .   ? 0.008   13.194  -6.567  1.00 44.10 ? 551 HOH A O   1 
HETATM 1481 O  O   . HOH D 4 .   ? 8.039   15.619  -0.298  1.00 33.71 ? 552 HOH A O   1 
HETATM 1482 O  O   . HOH D 4 .   ? 3.348   15.157  -3.462  1.00 45.29 ? 553 HOH A O   1 
HETATM 1483 O  O   . HOH D 4 .   ? 5.559   16.560  -2.824  1.00 44.04 ? 554 HOH A O   1 
HETATM 1484 O  O   . HOH D 4 .   ? 9.064   13.299  0.943   1.00 25.08 ? 555 HOH A O   1 
HETATM 1485 O  O   . HOH D 4 .   ? 8.511   16.267  3.349   1.00 35.20 ? 556 HOH A O   1 
HETATM 1486 O  O   . HOH D 4 .   ? -15.670 13.044  1.116   1.00 42.44 ? 557 HOH A O   1 
HETATM 1487 O  O   . HOH D 4 .   ? -18.338 2.677   5.720   1.00 37.85 ? 558 HOH A O   1 
HETATM 1488 O  O   . HOH D 4 .   ? 2.750   -7.602  -10.590 1.00 40.24 ? 559 HOH A O   1 
HETATM 1489 O  O   . HOH D 4 .   ? -10.742 7.065   -11.410 1.00 41.90 ? 560 HOH A O   1 
HETATM 1490 O  O   . HOH D 4 .   ? -14.510 -6.188  2.854   1.00 44.89 ? 561 HOH A O   1 
HETATM 1491 O  O   . HOH D 4 .   ? -8.277  -26.388 -6.945  1.00 49.41 ? 562 HOH A O   1 
HETATM 1492 O  O   . HOH D 4 .   ? 7.546   -17.747 -12.827 1.00 52.49 ? 563 HOH A O   1 
HETATM 1493 O  O   . HOH D 4 .   ? 4.884   -19.686 -2.127  1.00 38.75 ? 564 HOH A O   1 
HETATM 1494 O  O   . HOH D 4 .   ? 13.927  -21.678 -12.207 1.00 48.55 ? 565 HOH A O   1 
HETATM 1495 O  O   . HOH D 4 .   ? -1.055  -13.543 10.227  1.00 37.48 ? 566 HOH A O   1 
HETATM 1496 O  O   . HOH D 4 .   ? -5.929  -14.555 7.051   1.00 45.68 ? 567 HOH A O   1 
HETATM 1497 O  O   . HOH D 4 .   ? -5.899  -12.775 8.824   1.00 45.92 ? 568 HOH A O   1 
HETATM 1498 O  O   . HOH D 4 .   ? 3.828   8.834   20.294  1.00 47.15 ? 569 HOH A O   1 
HETATM 1499 O  O   . HOH D 4 .   ? 5.949   12.438  17.606  1.00 46.24 ? 570 HOH A O   1 
HETATM 1500 O  O   . HOH D 4 .   ? 6.358   14.867  14.059  1.00 36.83 ? 571 HOH A O   1 
HETATM 1501 O  O   . HOH D 4 .   ? 12.058  2.235   13.806  1.00 41.55 ? 572 HOH A O   1 
HETATM 1502 O  O   . HOH D 4 .   ? 17.822  11.652  7.425   1.00 40.10 ? 573 HOH A O   1 
HETATM 1503 O  O   . HOH D 4 .   ? 15.387  0.284   5.695   1.00 40.41 ? 574 HOH A O   1 
HETATM 1504 O  O   . HOH D 4 .   ? 16.889  7.946   -1.335  1.00 42.19 ? 575 HOH A O   1 
HETATM 1505 O  O   . HOH D 4 .   ? 17.275  4.938   -0.551  1.00 39.16 ? 576 HOH A O   1 
HETATM 1506 O  O   . HOH D 4 .   ? 5.604   -3.152  -14.998 1.00 30.82 ? 577 HOH A O   1 
HETATM 1507 O  O   . HOH D 4 .   ? 1.733   -2.262  -13.668 1.00 41.28 ? 578 HOH A O   1 
HETATM 1508 O  O   . HOH D 4 .   ? -0.478  0.306   -5.043  1.00 37.27 ? 579 HOH A O   1 
HETATM 1509 O  O   . HOH D 4 .   ? 10.110  -1.876  12.505  1.00 40.26 ? 580 HOH A O   1 
HETATM 1510 O  O   . HOH D 4 .   ? -1.902  9.444   -12.488 1.00 33.07 ? 581 HOH A O   1 
HETATM 1511 O  O   . HOH D 4 .   ? -0.024  15.159  -19.094 1.00 38.20 ? 582 HOH A O   1 
HETATM 1512 O  O   . HOH D 4 .   ? 4.933   15.837  -12.106 1.00 38.28 ? 583 HOH A O   1 
HETATM 1513 O  O   . HOH D 4 .   ? -13.453 14.115  1.020   1.00 48.22 ? 584 HOH A O   1 
HETATM 1514 O  O   . HOH D 4 .   ? -21.099 8.125   -0.160  1.00 19.43 ? 585 HOH A O   1 
HETATM 1515 O  O   . HOH D 4 .   ? 0.793   -14.351 -15.181 1.00 44.08 ? 586 HOH A O   1 
HETATM 1516 O  O   . HOH D 4 .   ? -7.188  12.390  -8.302  1.00 31.30 ? 587 HOH A O   1 
HETATM 1517 O  O   . HOH D 4 .   ? -12.903 -10.795 3.619   1.00 38.95 ? 588 HOH A O   1 
HETATM 1518 O  O   . HOH D 4 .   ? -12.724 -20.746 -11.506 1.00 47.05 ? 589 HOH A O   1 
HETATM 1519 O  O   . HOH D 4 .   ? 0.311   -2.154  -8.447  1.00 44.14 ? 590 HOH A O   1 
HETATM 1520 O  O   . HOH D 4 .   ? -2.558  -0.995  -6.355  1.00 35.74 ? 591 HOH A O   1 
HETATM 1521 O  O   . HOH D 4 .   ? 20.516  4.144   -1.658  1.00 44.49 ? 592 HOH A O   1 
HETATM 1522 O  O   . HOH D 4 .   ? -2.881  1.501   -5.981  1.00 39.15 ? 593 HOH A O   1 
HETATM 1523 O  O   . HOH D 4 .   ? -3.830  0.351   -7.717  1.00 48.36 ? 594 HOH A O   1 
HETATM 1524 O  O   . HOH D 4 .   ? -22.065 12.129  4.183   0.50 29.49 ? 595 HOH A O   1 
HETATM 1525 O  O   . HOH D 4 .   ? -0.552  -24.111 -5.088  1.00 43.51 ? 596 HOH A O   1 
HETATM 1526 O  O   . HOH D 4 .   ? 8.811   5.129   -12.117 1.00 41.73 ? 597 HOH A O   1 
HETATM 1527 O  O   . HOH D 4 .   ? -20.056 4.347   5.912   1.00 42.93 ? 598 HOH A O   1 
HETATM 1528 O  O   . HOH D 4 .   ? 7.539   -15.395 -2.306  1.00 45.12 ? 599 HOH A O   1 
HETATM 1529 O  O   . HOH D 4 .   ? 0.446   -19.191 4.739   1.00 48.61 ? 600 HOH A O   1 
HETATM 1530 O  O   . HOH D 4 .   ? 14.744  9.472   17.827  1.00 46.29 ? 601 HOH A O   1 
HETATM 1531 O  O   . HOH D 4 .   ? -12.999 -13.333 2.547   1.00 42.67 ? 602 HOH A O   1 
HETATM 1532 O  O   . HOH D 4 .   ? 5.296   -21.356 -4.201  1.00 40.04 ? 603 HOH A O   1 
HETATM 1533 O  O   . HOH D 4 .   ? -8.784  3.827   4.726   1.00 47.72 ? 604 HOH A O   1 
HETATM 1534 O  O   . HOH D 4 .   ? 2.117   -24.687 -8.080  1.00 49.48 ? 605 HOH A O   1 
HETATM 1535 O  O   . HOH D 4 .   ? -10.140 -12.548 -9.578  1.00 41.01 ? 606 HOH A O   1 
HETATM 1536 O  O   . HOH D 4 .   ? 15.532  15.998  4.456   1.00 44.88 ? 607 HOH A O   1 
HETATM 1537 O  O   . HOH D 4 .   ? -11.010 6.520   10.941  1.00 45.64 ? 608 HOH A O   1 
HETATM 1538 O  O   . HOH D 4 .   ? -3.249  -9.604  -15.235 1.00 45.76 ? 609 HOH A O   1 
HETATM 1539 O  O   . HOH D 4 .   ? 12.711  -1.846  -12.467 1.00 41.42 ? 610 HOH A O   1 
HETATM 1540 O  O   . HOH D 4 .   ? 14.780  6.548   -4.926  1.00 42.10 ? 611 HOH A O   1 
HETATM 1541 O  O   . HOH D 4 .   ? -5.869  14.277  -9.588  1.00 43.57 ? 612 HOH A O   1 
HETATM 1542 O  O   . HOH D 4 .   ? 6.124   1.876   19.741  1.00 46.82 ? 613 HOH A O   1 
HETATM 1543 O  O   . HOH D 4 .   ? -6.282  -5.307  -16.134 1.00 44.29 ? 614 HOH A O   1 
HETATM 1544 O  O   . HOH D 4 .   ? -0.187  -23.340 -7.486  1.00 44.14 ? 615 HOH A O   1 
HETATM 1545 O  O   . HOH D 4 .   ? 3.310   15.186  -16.837 1.00 47.54 ? 616 HOH A O   1 
HETATM 1546 O  O   . HOH D 4 .   ? 6.720   -16.870 2.528   1.00 49.07 ? 617 HOH A O   1 
HETATM 1547 O  O   . HOH D 4 .   ? -10.050 9.684   -12.229 1.00 46.35 ? 618 HOH A O   1 
HETATM 1548 O  O   . HOH D 4 .   ? -1.548  13.173  -18.126 1.00 43.23 ? 619 HOH A O   1 
HETATM 1549 O  O   . HOH D 4 .   ? 9.523   -7.795  11.957  1.00 47.03 ? 620 HOH A O   1 
HETATM 1550 O  O   . HOH D 4 .   ? -9.462  -15.323 -9.154  1.00 34.27 ? 621 HOH A O   1 
HETATM 1551 O  O   . HOH D 4 .   ? 14.268  -7.692  -4.928  1.00 50.02 ? 622 HOH A O   1 
HETATM 1552 O  O   . HOH D 4 .   ? -7.101  -7.888  9.531   1.00 49.01 ? 623 HOH A O   1 
HETATM 1553 O  O   . HOH D 4 .   ? -12.208 10.295  -11.357 1.00 48.06 ? 624 HOH A O   1 
# 
